data_8R22
#
_entry.id   8R22
#
_cell.length_a   1.00
_cell.length_b   1.00
_cell.length_c   1.00
_cell.angle_alpha   90.00
_cell.angle_beta   90.00
_cell.angle_gamma   90.00
#
_symmetry.space_group_name_H-M   'P 1'
#
loop_
_entity.id
_entity.type
_entity.pdbx_description
1 polymer 'BRCA1-associated ATM activator 1'
2 polymer 'Integrator complex subunit 9'
3 polymer 'Integrator complex subunit 11'
4 polymer 'WD repeat-containing protein 73'
5 non-polymer 'ZINC ION'
#
loop_
_entity_poly.entity_id
_entity_poly.type
_entity_poly.pdbx_seq_one_letter_code
_entity_poly.pdbx_strand_id
1 'polypeptide(L)'
;GPSQSNMDPECAQLLPALCAVLVDPRQPVADDTCLEKLLDWFKTVTEGESSVVLLQEHPCLVELLSHVLKVQDLSSGVLS
FSLRLAGTFAAQENCFQYLQQGELLPGLFGEPGPLGRATWAVPTVRSGWIQGLRSLAQHPSALRFLADHGAVDTIFSLQG
DSSLFVASAASQLLVHVLALSMRGGAEGQPCLPGGDWPACAQKIMDHVEESLCSAATPKVTQALNVLTTTFGRCQSPWTE
ALWVRLSPRVACLLERDPIPAAHSFVDLLLCVARSPVFSSSDGSLWETVARALSCLGPTHMGPLALGILKLEHCPQALRT
QAFQVLLQPLACVLKATVQAPGPPGLLDGTADDATTVDTLLASKSSCAGLLCRTLAHLEELQPLPQRPSPWPQASLLGAT
VTVLRLCDGSAAPASSVGGHLCGTLAGCVRVQRAALDFLGTLSQGTGPQELVTQALAVLLECLESPGSSPTVLKKAFQAT
LRWLLSSPKTPGCSDLGPLIPQFLRELFPVLQKRLCHPCWEVRDSALEFLTQLSRHWGGQADFRCALLASEVPQLALQLL
QDPESYVRASAVTAMGQLSSQGLHAPTSPEHAEARQSLFLELLHILSVDSEGFPRRAVMQVFTEWLRDGHADAAQDTEQF
VATVLQAASRDLDWEVRAQGLELALVFLGQTLGPPRTHCPYAVALPEVAPAQPLTEALRALCHVGLFDFAFCALFDCDRP
VAQKSCDLLLFLRDKIASYSSLREARGSPNTASAEATLPRWRAGEQAQPPGDQEPEAVLAMLRSLDLEGLRSTLAESSDH
VEKSPQSLLQDMLATGGFLQGDEADCY
;
A
2 'polypeptide(L)'
;MKLYCLSGHPTLPCNVLKFKSTTIMLDCGLDMTSTLNFLPLPLVQSPRLSNLPGWSLKDGNAFLDKELKECSGHVFVDSV
PEFCLPETELIDLSTVDVILISNYHCMMALPYITEHTGFTGTVYATEPTVQIGRLLMEELVNFIERVPKAQSASLWKNKD
IQRLLPSPLKDAVEVSTWRRCYTMQEVNSALSKIQLVGYSQKIELFGAVQVTPLSSGYALGSSNWIIQSHYEKVSYVSGS
SLLTTHPQPMDQASLKNSDVLVLTGLTQIPTANPDGMVGEFCSNLALTVRNGGNVLVPCYPSGVIYDLLECLYQYIDSAG
LSSVPLYFISPVANSSLEFSQIFAEWLCHNKQSKVYLPEPPFPHAELIQTNKLKHYPSIHGDFSNDFRQPCVVFTGHPSL
RFGDVVHFMELWGKSSLNTVIFTEPDFSYLEALAPYQPLAMKCIYCPIDTRLNFIQVSKLLKEVQPLHVVCPEQYTQPPP
AQSHRMDLMIDCQPPAMSYRRAEVLALPFKRRYEKIEIMPELADSLVPMEIKPGISLATVSAVLHTKDNKHLLQPPPRPA
QPTSGKKRKRVSDDVPDCKVLKPLLSGSIPVEQFVQTLEKHGFSDIKVEDTAKGHIVLLQEAETLIQIEEDSTHIICDND
EMLRVRLRDLVLKFLQKF
;
B
3 'polypeptide(L)'
;GPSDPGPKRAEFMPEIRVTPLGAGQDVGRSCILVSIAGKNVMLDCGMHMGFNDDRRFPDFSYITQNGRLTDFLDCVIISH
FHLDHCGALPYFSEMVGYDGPIYMTHPTQAICPILLEDYRKIAVDKKGEANFFTSQMIKDCMKKVVAVHLHQTVQVDDEL
EIKAYYAGHVLGAAMFQIKVGSESVVYTGDYNMTPDRHLGAAWIDKCRPNLLITESTYATTIRDSKRCRERDFLKKVHET
VERGGKVLIPVFALGRAQELCILLETFWERMNLKVPIYFSTGLTEKANHYYKLFIPWTNQKIRKTFVQRNMFEFKHIKAF
DRAFADNPGPMVVFATPGMLHAGQSLQIFRKWAGNEKNMVIMPGYCVQGTVGHKILSGQRKLEMEGRQVLEVKMQVEYMS
FSAHADAKGIMQLVGQAEPESVLLVHGEAKKMEFLKQKIEQELRVNCYMPANGETVTLPTSPSIPVGISLGLLKREMAQG
LLPEAKKPRLLHGTLIMKDSNFRLVSSEQALKELGLAEHQLRFTCRVHLHDTRKEQETALRVYSHLKSVLKDHCVQHLPD
GSVTVESVLLQAAAPSEDPGTKVLLVSWTYQDEELGSFLTSLLKKGLPQAPS
;
C
4 'polypeptide(L)'
;GPSQSNSMDPGDDWLVESLRLYQDFYAFDLSGATRVLEWIDDKGVFVAGYESLKKNEILHLKLPLRLSVKENKGLFPERD
FKVRHGGFSDRSIFDLKHVPHTRLLVTSGLPGCYLQVWQVAEDSDVIKAVSTIAVHEKEESLWPRVAVFSTLAPGVLHGA
RLRSLQVVDLESRKTTYTSDVSDSEELSSLQVLDADTFAFCCASGRLGLVDTRQKWAPLENRSPGPGSGGERWCAEVGSW
GQGPGPSIASLGSDGRLCLLDPRDLCHPVSSVQCPVSVPSPDPELLRVTWAPGLKNCLAISGFDGTVQVYDATSWDGTRS
QDGTRSQVEPLFTHRGHIFLDGNGMDPAPLVTTHTWHPCRPRTLLSATNDASLHVWDWVDLCAPR
;
D
#
# COMPACT_ATOMS: atom_id res chain seq x y z
N MET A 7 8.92 27.23 37.98
CA MET A 7 9.55 26.59 36.82
C MET A 7 10.75 25.76 37.26
N ASP A 8 11.93 26.32 37.03
CA ASP A 8 13.20 25.66 37.35
C ASP A 8 14.32 26.66 37.14
N PRO A 9 15.46 26.50 37.82
CA PRO A 9 16.54 27.49 37.71
C PRO A 9 17.33 27.38 36.43
N GLU A 10 16.83 26.63 35.45
CA GLU A 10 17.53 26.42 34.19
C GLU A 10 16.83 27.06 33.00
N CYS A 11 15.53 26.82 32.82
CA CYS A 11 14.81 27.40 31.70
C CYS A 11 14.73 28.92 31.77
N ALA A 12 15.02 29.52 32.93
CA ALA A 12 15.06 30.98 33.01
C ALA A 12 16.09 31.55 32.05
N GLN A 13 17.27 30.92 31.98
CA GLN A 13 18.32 31.38 31.07
C GLN A 13 17.95 31.21 29.61
N LEU A 14 16.83 30.55 29.30
CA LEU A 14 16.46 30.25 27.92
C LEU A 14 15.19 30.96 27.46
N LEU A 15 14.26 31.25 28.37
CA LEU A 15 12.98 31.84 27.99
C LEU A 15 13.08 33.11 27.13
N PRO A 16 13.96 34.08 27.43
CA PRO A 16 14.02 35.25 26.53
C PRO A 16 14.59 34.92 25.16
N ALA A 17 15.58 34.04 25.10
CA ALA A 17 16.09 33.60 23.80
C ALA A 17 14.99 32.95 22.99
N LEU A 18 14.15 32.13 23.62
CA LEU A 18 13.03 31.52 22.91
C LEU A 18 12.01 32.56 22.47
N CYS A 19 11.71 33.52 23.34
CA CYS A 19 10.78 34.58 22.97
C CYS A 19 11.31 35.42 21.82
N ALA A 20 12.63 35.46 21.65
CA ALA A 20 13.19 36.22 20.53
C ALA A 20 13.21 35.40 19.25
N VAL A 21 13.48 34.10 19.36
CA VAL A 21 13.58 33.27 18.15
C VAL A 21 12.21 32.86 17.62
N LEU A 22 11.18 32.84 18.47
CA LEU A 22 9.85 32.48 17.99
C LEU A 22 9.28 33.55 17.07
N VAL A 23 9.37 34.82 17.46
CA VAL A 23 8.73 35.89 16.71
C VAL A 23 9.54 36.34 15.50
N ASP A 24 10.81 35.95 15.42
CA ASP A 24 11.64 36.36 14.29
C ASP A 24 11.03 35.88 12.98
N PRO A 25 11.01 36.73 11.94
CA PRO A 25 10.37 36.33 10.67
C PRO A 25 11.28 35.55 9.74
N ARG A 26 12.59 35.76 9.84
CA ARG A 26 13.53 35.18 8.90
C ARG A 26 14.02 33.79 9.31
N GLN A 27 13.72 33.37 10.53
CA GLN A 27 14.10 32.04 11.00
C GLN A 27 13.36 30.97 10.22
N PRO A 28 13.70 29.70 10.36
CA PRO A 28 12.86 28.66 9.73
C PRO A 28 11.53 28.54 10.45
N VAL A 29 10.51 28.16 9.70
CA VAL A 29 9.19 27.96 10.30
C VAL A 29 9.31 26.95 11.44
N ALA A 30 8.91 27.36 12.64
CA ALA A 30 9.06 26.51 13.80
C ALA A 30 8.32 25.19 13.62
N ASP A 31 8.71 24.19 14.40
CA ASP A 31 8.16 22.86 14.25
C ASP A 31 6.74 22.81 14.83
N ASP A 32 6.17 21.62 14.83
CA ASP A 32 4.85 21.36 15.42
C ASP A 32 4.93 20.48 16.65
N THR A 33 5.68 19.37 16.57
CA THR A 33 5.92 18.55 17.74
C THR A 33 6.52 19.36 18.87
N CYS A 34 7.51 20.20 18.54
CA CYS A 34 8.17 21.01 19.57
C CYS A 34 7.19 21.98 20.20
N LEU A 35 6.33 22.61 19.39
CA LEU A 35 5.39 23.57 19.96
C LEU A 35 4.34 22.88 20.83
N GLU A 36 3.85 21.71 20.42
CA GLU A 36 2.86 21.02 21.23
C GLU A 36 3.44 20.51 22.54
N LYS A 37 4.66 19.99 22.51
CA LYS A 37 5.30 19.58 23.77
C LYS A 37 5.66 20.79 24.62
N LEU A 38 5.99 21.91 23.99
CA LEU A 38 6.23 23.14 24.74
C LEU A 38 4.97 23.58 25.47
N LEU A 39 3.82 23.51 24.81
CA LEU A 39 2.57 23.89 25.45
C LEU A 39 2.20 22.91 26.54
N ASP A 40 2.48 21.62 26.35
CA ASP A 40 2.27 20.66 27.43
C ASP A 40 3.10 21.01 28.65
N TRP A 41 4.36 21.38 28.43
CA TRP A 41 5.20 21.78 29.56
C TRP A 41 4.69 23.07 30.20
N PHE A 42 4.21 24.01 29.39
CA PHE A 42 3.68 25.25 29.96
C PHE A 42 2.45 25.00 30.80
N LYS A 43 1.62 24.04 30.40
CA LYS A 43 0.47 23.66 31.23
C LYS A 43 0.94 23.00 32.53
N THR A 44 1.90 22.08 32.43
CA THR A 44 2.45 21.46 33.63
C THR A 44 3.03 22.50 34.58
N VAL A 45 3.59 23.58 34.05
CA VAL A 45 4.11 24.65 34.90
C VAL A 45 2.95 25.45 35.51
N THR A 46 2.17 26.10 34.66
CA THR A 46 1.12 27.00 35.15
C THR A 46 -0.21 26.26 35.28
N GLU A 47 -0.15 25.09 35.92
CA GLU A 47 -1.34 24.50 36.52
C GLU A 47 -1.19 24.20 38.01
N GLY A 48 0.02 24.21 38.54
CA GLY A 48 0.21 23.91 39.95
C GLY A 48 0.42 25.13 40.82
N GLU A 49 0.66 26.28 40.20
CA GLU A 49 0.97 27.50 40.94
C GLU A 49 0.20 28.70 40.40
N SER A 50 0.56 29.89 40.85
CA SER A 50 -0.04 31.11 40.34
C SER A 50 0.44 31.36 38.91
N SER A 51 0.00 32.47 38.33
CA SER A 51 0.37 32.79 36.97
C SER A 51 0.93 34.20 36.87
N VAL A 52 0.49 35.09 37.77
CA VAL A 52 1.00 36.45 37.75
C VAL A 52 2.45 36.50 38.20
N VAL A 53 2.83 35.63 39.14
CA VAL A 53 4.24 35.56 39.54
C VAL A 53 5.11 35.17 38.36
N LEU A 54 4.59 34.35 37.46
CA LEU A 54 5.39 33.91 36.32
C LEU A 54 5.54 35.00 35.27
N LEU A 55 4.74 36.06 35.36
CA LEU A 55 4.91 37.21 34.49
C LEU A 55 5.57 38.38 35.19
N GLN A 56 5.67 38.35 36.52
CA GLN A 56 6.48 39.30 37.26
C GLN A 56 7.94 38.84 37.40
N GLU A 57 8.19 37.55 37.24
CA GLU A 57 9.54 37.01 37.34
C GLU A 57 10.26 36.92 36.01
N HIS A 58 9.52 36.71 34.91
CA HIS A 58 10.07 36.66 33.57
C HIS A 58 9.19 37.49 32.64
N PRO A 59 9.19 38.82 32.81
CA PRO A 59 8.26 39.65 32.02
C PRO A 59 8.67 39.77 30.56
N CYS A 60 8.80 38.64 29.87
CA CYS A 60 9.11 38.61 28.45
C CYS A 60 8.08 37.91 27.59
N LEU A 61 7.27 37.01 28.16
CA LEU A 61 6.23 36.35 27.39
C LEU A 61 5.17 37.34 26.95
N VAL A 62 4.85 38.32 27.80
CA VAL A 62 3.91 39.37 27.45
C VAL A 62 4.37 40.09 26.19
N GLU A 63 5.68 40.19 25.98
CA GLU A 63 6.18 40.79 24.75
C GLU A 63 5.78 39.97 23.53
N LEU A 64 5.85 38.65 23.64
CA LEU A 64 5.38 37.79 22.55
C LEU A 64 3.88 37.97 22.32
N LEU A 65 3.10 37.93 23.39
CA LEU A 65 1.66 38.11 23.27
C LEU A 65 1.32 39.46 22.65
N SER A 66 2.13 40.48 22.89
CA SER A 66 1.95 41.76 22.23
C SER A 66 2.33 41.68 20.76
N HIS A 67 3.44 40.99 20.45
CA HIS A 67 3.84 40.81 19.06
C HIS A 67 2.74 40.15 18.25
N VAL A 68 1.93 39.30 18.87
CA VAL A 68 0.88 38.58 18.15
C VAL A 68 -0.01 39.52 17.35
N LEU A 69 -0.24 40.74 17.86
CA LEU A 69 -1.07 41.72 17.16
C LEU A 69 -0.27 42.93 16.70
N LYS A 70 1.04 42.77 16.49
CA LYS A 70 1.87 43.90 16.06
C LYS A 70 2.69 43.57 14.82
N VAL A 71 3.14 42.32 14.69
CA VAL A 71 4.04 41.98 13.60
C VAL A 71 3.29 41.83 12.27
N GLN A 72 2.01 41.46 12.33
CA GLN A 72 1.12 41.43 11.17
C GLN A 72 1.58 40.45 10.08
N ASP A 73 2.67 39.73 10.31
CA ASP A 73 3.19 38.79 9.32
C ASP A 73 3.69 37.49 9.94
N LEU A 74 3.06 37.05 11.03
CA LEU A 74 3.47 35.78 11.64
C LEU A 74 3.03 34.61 10.77
N SER A 75 3.28 33.40 11.26
CA SER A 75 3.05 32.18 10.52
C SER A 75 1.85 31.43 11.06
N SER A 76 1.05 30.88 10.15
CA SER A 76 -0.15 30.13 10.52
C SER A 76 0.25 28.79 11.12
N GLY A 77 0.44 28.76 12.44
CA GLY A 77 0.98 27.60 13.11
C GLY A 77 1.81 27.99 14.31
N VAL A 78 2.07 29.30 14.45
CA VAL A 78 2.57 29.85 15.69
C VAL A 78 1.55 30.79 16.34
N LEU A 79 0.70 31.43 15.54
CA LEU A 79 -0.49 32.08 16.08
C LEU A 79 -1.27 31.13 16.97
N SER A 80 -1.44 29.88 16.52
CA SER A 80 -2.14 28.89 17.31
C SER A 80 -1.44 28.64 18.64
N PHE A 81 -0.10 28.49 18.61
CA PHE A 81 0.63 28.26 19.84
C PHE A 81 0.45 29.41 20.81
N SER A 82 0.67 30.64 20.35
CA SER A 82 0.55 31.78 21.26
C SER A 82 -0.88 31.94 21.76
N LEU A 83 -1.87 31.64 20.93
CA LEU A 83 -3.27 31.75 21.34
C LEU A 83 -3.58 30.76 22.44
N ARG A 84 -3.19 29.49 22.25
CA ARG A 84 -3.42 28.51 23.30
C ARG A 84 -2.57 28.77 24.53
N LEU A 85 -1.45 29.47 24.37
CA LEU A 85 -0.66 29.86 25.54
C LEU A 85 -1.36 30.94 26.34
N ALA A 86 -1.87 31.97 25.66
CA ALA A 86 -2.72 32.96 26.31
C ALA A 86 -3.87 32.30 27.03
N GLY A 87 -4.50 31.32 26.37
CA GLY A 87 -5.56 30.54 26.99
C GLY A 87 -5.15 29.87 28.28
N THR A 88 -4.13 29.01 28.22
CA THR A 88 -3.72 28.28 29.41
C THR A 88 -3.14 29.19 30.49
N PHE A 89 -2.77 30.42 30.16
CA PHE A 89 -2.32 31.36 31.17
C PHE A 89 -3.49 32.15 31.77
N ALA A 90 -4.34 32.71 30.92
CA ALA A 90 -5.48 33.50 31.38
C ALA A 90 -6.60 32.61 31.89
N ALA A 91 -6.27 31.83 32.92
CA ALA A 91 -7.22 30.93 33.56
C ALA A 91 -7.27 31.13 35.07
N GLN A 92 -6.70 32.23 35.57
CA GLN A 92 -6.78 32.59 36.97
C GLN A 92 -7.10 34.08 37.07
N GLU A 93 -7.89 34.43 38.08
CA GLU A 93 -8.48 35.77 38.17
C GLU A 93 -7.40 36.85 38.14
N ASN A 94 -6.48 36.80 39.10
CA ASN A 94 -5.36 37.73 39.12
C ASN A 94 -4.68 37.80 37.76
N CYS A 95 -4.44 36.65 37.13
CA CYS A 95 -3.81 36.65 35.81
C CYS A 95 -4.79 37.06 34.72
N PHE A 96 -6.05 36.66 34.84
CA PHE A 96 -7.04 37.06 33.83
C PHE A 96 -7.16 38.57 33.75
N GLN A 97 -6.79 39.30 34.80
CA GLN A 97 -6.76 40.75 34.73
C GLN A 97 -5.36 41.30 34.48
N TYR A 98 -4.32 40.66 35.01
CA TYR A 98 -2.95 41.07 34.74
C TYR A 98 -2.58 40.90 33.28
N LEU A 99 -3.37 40.17 32.51
CA LEU A 99 -3.15 40.01 31.08
C LEU A 99 -4.02 40.94 30.24
N GLN A 100 -4.86 41.77 30.87
CA GLN A 100 -5.68 42.73 30.15
C GLN A 100 -5.15 44.15 30.22
N GLN A 101 -4.18 44.42 31.08
CA GLN A 101 -3.69 45.78 31.25
C GLN A 101 -2.85 46.18 30.05
N GLY A 102 -3.51 46.72 29.03
CA GLY A 102 -2.86 47.04 27.78
C GLY A 102 -3.70 46.65 26.58
N GLU A 103 -4.92 46.19 26.84
CA GLU A 103 -5.86 45.77 25.79
C GLU A 103 -5.24 44.64 24.96
N LEU A 104 -5.06 43.50 25.63
CA LEU A 104 -4.42 42.34 25.03
C LEU A 104 -5.40 41.20 24.79
N LEU A 105 -6.10 40.74 25.83
CA LEU A 105 -7.03 39.63 25.63
C LEU A 105 -8.21 40.03 24.75
N PRO A 106 -8.91 41.14 24.98
CA PRO A 106 -9.91 41.57 23.99
C PRO A 106 -9.34 41.69 22.60
N GLY A 107 -8.06 42.06 22.47
CA GLY A 107 -7.40 42.13 21.20
C GLY A 107 -7.03 40.78 20.63
N LEU A 108 -6.53 39.89 21.51
CA LEU A 108 -6.03 38.59 21.05
C LEU A 108 -7.13 37.78 20.37
N PHE A 109 -8.35 37.81 20.91
CA PHE A 109 -9.45 37.04 20.35
C PHE A 109 -10.40 37.87 19.49
N GLY A 110 -10.42 39.19 19.67
CA GLY A 110 -11.25 40.05 18.86
C GLY A 110 -10.61 40.40 17.53
N GLU A 111 -11.28 41.26 16.79
CA GLU A 111 -10.82 41.74 15.49
C GLU A 111 -9.38 42.23 15.50
N PRO A 112 -8.89 42.84 16.59
CA PRO A 112 -7.43 43.13 16.67
C PRO A 112 -6.54 41.90 16.70
N GLY A 113 -7.10 40.69 16.63
CA GLY A 113 -6.31 39.49 16.63
C GLY A 113 -6.32 38.79 15.28
N PRO A 114 -6.10 37.47 15.28
CA PRO A 114 -6.12 36.72 14.02
C PRO A 114 -7.49 36.60 13.40
N LEU A 115 -8.55 36.99 14.12
CA LEU A 115 -9.89 36.96 13.54
C LEU A 115 -10.02 37.94 12.38
N GLY A 116 -9.25 39.02 12.40
CA GLY A 116 -9.33 40.05 11.39
C GLY A 116 -8.32 39.97 10.27
N ARG A 117 -7.36 39.06 10.33
CA ARG A 117 -6.35 38.94 9.30
C ARG A 117 -6.78 37.94 8.23
N ALA A 118 -5.89 37.67 7.29
CA ALA A 118 -6.12 36.63 6.29
C ALA A 118 -5.55 35.30 6.75
N THR A 119 -5.89 34.92 7.98
CA THR A 119 -5.60 33.60 8.51
C THR A 119 -6.88 32.85 8.86
N TRP A 120 -8.04 33.48 8.70
CA TRP A 120 -9.30 32.78 8.92
C TRP A 120 -9.64 31.99 7.67
N ALA A 121 -8.67 31.25 7.16
CA ALA A 121 -8.89 30.27 6.10
C ALA A 121 -8.06 29.01 6.28
N VAL A 122 -7.21 28.93 7.30
CA VAL A 122 -6.39 27.75 7.57
C VAL A 122 -6.89 27.14 8.88
N PRO A 123 -7.22 25.85 8.90
CA PRO A 123 -7.93 25.28 10.05
C PRO A 123 -7.14 25.31 11.34
N THR A 124 -5.81 25.37 11.28
CA THR A 124 -5.02 25.35 12.50
C THR A 124 -5.32 26.57 13.36
N VAL A 125 -5.58 27.72 12.74
CA VAL A 125 -5.83 28.93 13.51
C VAL A 125 -7.22 28.88 14.14
N ARG A 126 -8.21 28.41 13.39
CA ARG A 126 -9.54 28.22 13.98
C ARG A 126 -9.47 27.28 15.18
N SER A 127 -8.74 26.17 15.02
CA SER A 127 -8.65 25.20 16.11
C SER A 127 -7.94 25.80 17.32
N GLY A 128 -6.86 26.52 17.09
CA GLY A 128 -6.17 27.17 18.19
C GLY A 128 -7.03 28.19 18.90
N TRP A 129 -7.78 28.98 18.12
CA TRP A 129 -8.69 29.97 18.70
C TRP A 129 -9.71 29.31 19.62
N ILE A 130 -10.40 28.28 19.10
CA ILE A 130 -11.43 27.63 19.88
C ILE A 130 -10.84 26.95 21.12
N GLN A 131 -9.69 26.30 20.96
CA GLN A 131 -9.08 25.62 22.10
C GLN A 131 -8.65 26.62 23.16
N GLY A 132 -8.12 27.78 22.75
CA GLY A 132 -7.76 28.80 23.73
C GLY A 132 -8.96 29.33 24.47
N LEU A 133 -10.00 29.73 23.73
CA LEU A 133 -11.24 30.17 24.38
C LEU A 133 -11.72 29.18 25.41
N ARG A 134 -11.80 27.90 25.03
CA ARG A 134 -12.23 26.88 25.99
C ARG A 134 -11.25 26.77 27.15
N SER A 135 -9.97 27.03 26.91
CA SER A 135 -8.98 26.90 27.97
C SER A 135 -9.10 28.01 29.00
N LEU A 136 -9.59 29.19 28.60
CA LEU A 136 -9.70 30.28 29.58
C LEU A 136 -11.05 30.31 30.28
N ALA A 137 -12.12 29.92 29.61
CA ALA A 137 -13.46 30.17 30.13
C ALA A 137 -13.80 29.26 31.30
N GLN A 138 -13.42 29.66 32.51
CA GLN A 138 -13.74 28.91 33.72
C GLN A 138 -14.31 29.74 34.85
N HIS A 139 -14.01 31.03 34.93
CA HIS A 139 -14.47 31.89 36.00
C HIS A 139 -15.33 33.03 35.44
N PRO A 140 -16.21 33.62 36.26
CA PRO A 140 -17.28 34.48 35.71
C PRO A 140 -16.78 35.67 34.90
N SER A 141 -15.59 36.20 35.18
CA SER A 141 -15.06 37.27 34.33
C SER A 141 -14.95 36.82 32.88
N ALA A 142 -14.57 35.55 32.67
CA ALA A 142 -14.54 35.01 31.33
C ALA A 142 -15.94 35.00 30.72
N LEU A 143 -16.97 34.76 31.53
CA LEU A 143 -18.34 34.84 31.02
C LEU A 143 -18.70 36.27 30.64
N ARG A 144 -18.28 37.25 31.45
CA ARG A 144 -18.50 38.65 31.10
C ARG A 144 -17.88 38.96 29.74
N PHE A 145 -16.63 38.55 29.54
CA PHE A 145 -15.97 38.81 28.27
C PHE A 145 -16.70 38.10 27.13
N LEU A 146 -17.01 36.82 27.31
CA LEU A 146 -17.66 36.05 26.25
C LEU A 146 -19.03 36.61 25.90
N ALA A 147 -19.69 37.29 26.84
CA ALA A 147 -21.01 37.83 26.58
C ALA A 147 -20.96 39.22 25.96
N ASP A 148 -20.23 40.15 26.59
CA ASP A 148 -20.34 41.56 26.22
C ASP A 148 -19.67 41.84 24.88
N HIS A 149 -18.36 41.59 24.77
CA HIS A 149 -17.65 41.93 23.55
C HIS A 149 -18.20 41.21 22.34
N GLY A 150 -18.75 40.01 22.53
CA GLY A 150 -19.42 39.31 21.45
C GLY A 150 -18.51 38.30 20.79
N ALA A 151 -18.70 37.03 21.14
CA ALA A 151 -17.94 35.95 20.53
C ALA A 151 -18.88 34.82 20.15
N VAL A 152 -19.98 34.68 20.89
CA VAL A 152 -20.87 33.55 20.74
C VAL A 152 -21.42 33.47 19.32
N ASP A 153 -21.60 34.63 18.67
CA ASP A 153 -22.03 34.59 17.27
C ASP A 153 -20.92 34.06 16.37
N THR A 154 -19.66 34.32 16.72
CA THR A 154 -18.56 33.71 15.98
C THR A 154 -18.61 32.20 16.10
N ILE A 155 -18.89 31.69 17.30
CA ILE A 155 -19.00 30.25 17.49
C ILE A 155 -20.17 29.69 16.70
N PHE A 156 -21.28 30.43 16.65
CA PHE A 156 -22.39 30.00 15.81
C PHE A 156 -22.01 29.97 14.34
N SER A 157 -21.11 30.86 13.93
CA SER A 157 -20.64 30.83 12.54
C SER A 157 -19.72 29.65 12.29
N LEU A 158 -18.84 29.34 13.26
CA LEU A 158 -17.91 28.24 13.10
C LEU A 158 -18.60 26.88 13.20
N GLN A 159 -19.75 26.80 13.86
CA GLN A 159 -20.43 25.53 14.00
C GLN A 159 -21.25 25.26 12.74
N GLY A 160 -20.63 25.48 11.58
CA GLY A 160 -21.16 25.06 10.31
C GLY A 160 -20.01 24.75 9.37
N ASP A 161 -18.80 24.79 9.91
CA ASP A 161 -17.58 24.79 9.12
C ASP A 161 -17.40 23.44 8.41
N SER A 162 -16.34 23.36 7.61
CA SER A 162 -16.01 22.15 6.86
C SER A 162 -14.74 21.50 7.36
N SER A 163 -14.48 21.54 8.66
CA SER A 163 -13.32 20.93 9.28
C SER A 163 -13.79 20.28 10.57
N LEU A 164 -14.13 18.98 10.49
CA LEU A 164 -14.81 18.30 11.59
C LEU A 164 -14.14 18.54 12.93
N PHE A 165 -12.81 18.72 12.95
CA PHE A 165 -12.14 19.09 14.18
C PHE A 165 -12.66 20.43 14.70
N VAL A 166 -12.75 21.42 13.82
CA VAL A 166 -13.21 22.75 14.22
C VAL A 166 -14.66 22.71 14.67
N ALA A 167 -15.52 22.05 13.89
CA ALA A 167 -16.93 21.99 14.23
C ALA A 167 -17.16 21.31 15.57
N SER A 168 -16.48 20.18 15.79
CA SER A 168 -16.68 19.46 17.04
C SER A 168 -16.13 20.23 18.23
N ALA A 169 -14.96 20.85 18.08
CA ALA A 169 -14.43 21.68 19.17
C ALA A 169 -15.37 22.85 19.47
N ALA A 170 -15.96 23.44 18.43
CA ALA A 170 -16.89 24.54 18.65
C ALA A 170 -18.12 24.08 19.43
N SER A 171 -18.67 22.92 19.06
CA SER A 171 -19.84 22.43 19.79
C SER A 171 -19.51 22.15 21.25
N GLN A 172 -18.35 21.52 21.50
CA GLN A 172 -17.93 21.30 22.87
C GLN A 172 -17.73 22.62 23.61
N LEU A 173 -17.28 23.67 22.91
CA LEU A 173 -17.12 24.96 23.54
C LEU A 173 -18.47 25.55 23.92
N LEU A 174 -19.45 25.44 23.04
CA LEU A 174 -20.80 25.89 23.39
C LEU A 174 -21.30 25.17 24.64
N VAL A 175 -21.10 23.85 24.69
CA VAL A 175 -21.57 23.09 25.84
C VAL A 175 -20.86 23.54 27.12
N HIS A 176 -19.56 23.79 27.03
CA HIS A 176 -18.81 24.20 28.22
C HIS A 176 -19.23 25.59 28.68
N VAL A 177 -19.46 26.50 27.73
CA VAL A 177 -19.92 27.84 28.09
C VAL A 177 -21.28 27.78 28.77
N LEU A 178 -22.19 26.96 28.24
CA LEU A 178 -23.51 26.82 28.87
C LEU A 178 -23.39 26.24 30.28
N ALA A 179 -22.64 25.15 30.42
CA ALA A 179 -22.49 24.50 31.72
C ALA A 179 -21.75 25.36 32.72
N LEU A 180 -20.96 26.32 32.26
CA LEU A 180 -20.36 27.30 33.15
C LEU A 180 -21.39 28.36 33.55
N SER A 181 -22.09 28.92 32.56
CA SER A 181 -23.01 30.02 32.81
C SER A 181 -24.11 29.62 33.77
N MET A 182 -24.81 28.52 33.50
CA MET A 182 -25.98 28.16 34.29
C MET A 182 -25.54 27.37 35.52
N ARG A 183 -24.80 28.04 36.40
CA ARG A 183 -24.51 27.52 37.74
C ARG A 183 -24.05 28.66 38.64
N TRP A 197 -32.75 32.65 33.93
CA TRP A 197 -31.72 32.32 32.95
C TRP A 197 -30.91 33.55 32.58
N PRO A 198 -29.61 33.53 32.87
CA PRO A 198 -28.74 34.63 32.45
C PRO A 198 -28.70 34.77 30.93
N ALA A 199 -28.06 35.83 30.47
CA ALA A 199 -28.14 36.19 29.05
C ALA A 199 -27.38 35.21 28.17
N CYS A 200 -26.24 34.71 28.64
CA CYS A 200 -25.41 33.84 27.82
C CYS A 200 -26.11 32.51 27.53
N ALA A 201 -26.46 31.78 28.59
CA ALA A 201 -27.18 30.53 28.42
C ALA A 201 -28.50 30.73 27.68
N GLN A 202 -29.16 31.86 27.93
CA GLN A 202 -30.41 32.15 27.23
C GLN A 202 -30.17 32.23 25.73
N LYS A 203 -29.16 33.00 25.31
CA LYS A 203 -28.85 33.11 23.89
C LYS A 203 -28.51 31.74 23.31
N ILE A 204 -27.71 30.96 24.03
CA ILE A 204 -27.31 29.64 23.53
C ILE A 204 -28.53 28.77 23.29
N MET A 205 -29.41 28.66 24.30
CA MET A 205 -30.56 27.78 24.16
C MET A 205 -31.55 28.30 23.14
N ASP A 206 -31.68 29.63 23.00
CA ASP A 206 -32.54 30.19 21.97
C ASP A 206 -32.04 29.79 20.59
N HIS A 207 -30.73 29.92 20.35
CA HIS A 207 -30.18 29.53 19.06
C HIS A 207 -30.36 28.03 18.83
N VAL A 208 -30.18 27.22 19.87
CA VAL A 208 -30.31 25.78 19.72
C VAL A 208 -31.74 25.42 19.31
N GLU A 209 -32.72 25.88 20.10
CA GLU A 209 -34.11 25.57 19.80
C GLU A 209 -34.56 26.17 18.48
N GLU A 210 -33.91 27.25 18.03
CA GLU A 210 -34.18 27.77 16.70
C GLU A 210 -33.64 26.83 15.63
N SER A 211 -32.40 26.36 15.81
CA SER A 211 -31.80 25.47 14.83
C SER A 211 -32.57 24.16 14.70
N LEU A 212 -33.14 23.67 15.81
CA LEU A 212 -33.89 22.43 15.77
C LEU A 212 -35.14 22.51 14.91
N CYS A 213 -35.44 23.67 14.33
CA CYS A 213 -36.63 23.84 13.51
C CYS A 213 -36.33 23.94 12.02
N SER A 214 -35.05 23.94 11.65
CA SER A 214 -34.69 24.11 10.24
C SER A 214 -35.07 22.87 9.45
N ALA A 215 -34.81 22.92 8.14
CA ALA A 215 -35.10 21.81 7.24
C ALA A 215 -33.84 21.26 6.57
N ALA A 216 -32.66 21.53 7.13
CA ALA A 216 -31.41 21.01 6.61
C ALA A 216 -30.83 19.96 7.56
N THR A 217 -29.83 19.24 7.08
CA THR A 217 -29.15 18.26 7.90
C THR A 217 -28.12 18.87 8.86
N PRO A 218 -27.25 19.80 8.42
CA PRO A 218 -26.17 20.23 9.33
C PRO A 218 -26.69 20.98 10.55
N LYS A 219 -27.70 21.82 10.39
CA LYS A 219 -28.24 22.58 11.51
C LYS A 219 -28.76 21.64 12.59
N VAL A 220 -29.70 20.77 12.22
CA VAL A 220 -30.31 19.89 13.21
C VAL A 220 -29.29 18.90 13.76
N THR A 221 -28.32 18.49 12.93
CA THR A 221 -27.29 17.58 13.43
C THR A 221 -26.44 18.24 14.50
N GLN A 222 -26.01 19.49 14.27
CA GLN A 222 -25.21 20.17 15.28
C GLN A 222 -26.04 20.47 16.52
N ALA A 223 -27.31 20.82 16.35
CA ALA A 223 -28.17 21.07 17.51
C ALA A 223 -28.33 19.81 18.35
N LEU A 224 -28.61 18.68 17.70
CA LEU A 224 -28.73 17.42 18.42
C LEU A 224 -27.41 17.02 19.08
N ASN A 225 -26.28 17.39 18.48
CA ASN A 225 -25.00 17.08 19.11
C ASN A 225 -24.78 17.93 20.35
N VAL A 226 -25.15 19.21 20.30
CA VAL A 226 -25.08 20.04 21.50
C VAL A 226 -25.95 19.47 22.59
N LEU A 227 -27.17 19.03 22.24
CA LEU A 227 -28.05 18.46 23.25
C LEU A 227 -27.52 17.15 23.81
N THR A 228 -26.97 16.30 22.94
CA THR A 228 -26.37 15.05 23.39
C THR A 228 -25.24 15.30 24.38
N THR A 229 -24.39 16.27 24.09
CA THR A 229 -23.30 16.55 25.00
C THR A 229 -23.76 17.29 26.25
N THR A 230 -24.88 18.00 26.18
CA THR A 230 -25.41 18.68 27.36
C THR A 230 -26.01 17.68 28.33
N PHE A 231 -27.05 16.97 27.89
CA PHE A 231 -27.63 15.94 28.73
C PHE A 231 -26.63 14.80 28.93
N GLY A 232 -26.87 14.00 29.96
CA GLY A 232 -26.03 12.85 30.19
C GLY A 232 -24.68 13.18 30.77
N ARG A 233 -24.23 14.43 30.58
CA ARG A 233 -22.95 14.87 31.12
C ARG A 233 -23.09 15.62 32.43
N CYS A 234 -24.15 16.40 32.60
CA CYS A 234 -24.38 17.17 33.80
C CYS A 234 -25.78 16.87 34.32
N GLN A 235 -25.90 16.72 35.64
CA GLN A 235 -27.14 16.22 36.23
C GLN A 235 -27.70 17.18 37.27
N SER A 236 -27.77 18.45 36.93
CA SER A 236 -28.41 19.39 37.81
C SER A 236 -29.90 19.49 37.48
N PRO A 237 -30.74 19.90 38.43
CA PRO A 237 -32.19 19.96 38.17
C PRO A 237 -32.60 20.87 37.03
N TRP A 238 -31.77 21.83 36.62
CA TRP A 238 -32.19 22.69 35.52
C TRP A 238 -32.22 21.94 34.20
N THR A 239 -31.37 20.92 34.03
CA THR A 239 -31.44 20.09 32.84
C THR A 239 -32.79 19.39 32.73
N GLU A 240 -33.39 19.05 33.86
CA GLU A 240 -34.72 18.43 33.84
C GLU A 240 -35.74 19.35 33.20
N ALA A 241 -35.81 20.60 33.68
CA ALA A 241 -36.74 21.57 33.10
C ALA A 241 -36.39 21.87 31.65
N LEU A 242 -35.10 21.88 31.33
CA LEU A 242 -34.67 22.07 29.96
C LEU A 242 -35.25 21.00 29.05
N TRP A 243 -35.20 19.74 29.49
CA TRP A 243 -35.77 18.67 28.69
C TRP A 243 -37.29 18.77 28.61
N VAL A 244 -37.93 19.16 29.72
CA VAL A 244 -39.38 19.38 29.69
C VAL A 244 -39.75 20.40 28.64
N ARG A 245 -38.91 21.43 28.48
CA ARG A 245 -39.20 22.47 27.51
C ARG A 245 -38.90 22.01 26.08
N LEU A 246 -37.83 21.23 25.90
CA LEU A 246 -37.36 20.88 24.56
C LEU A 246 -38.01 19.62 23.99
N SER A 247 -38.75 18.86 24.80
CA SER A 247 -39.35 17.63 24.30
C SER A 247 -40.31 17.83 23.13
N PRO A 248 -41.12 18.89 23.05
CA PRO A 248 -41.98 19.05 21.87
C PRO A 248 -41.25 19.01 20.54
N ARG A 249 -40.12 19.71 20.43
CA ARG A 249 -39.43 19.80 19.14
C ARG A 249 -38.83 18.45 18.74
N VAL A 250 -38.13 17.80 19.67
CA VAL A 250 -37.60 16.47 19.40
C VAL A 250 -38.72 15.52 19.01
N ALA A 251 -39.83 15.55 19.75
CA ALA A 251 -40.94 14.65 19.47
C ALA A 251 -41.64 14.97 18.16
N CYS A 252 -41.54 16.20 17.67
CA CYS A 252 -42.12 16.55 16.39
C CYS A 252 -41.14 16.37 15.23
N LEU A 253 -39.86 16.14 15.52
CA LEU A 253 -38.91 15.83 14.45
C LEU A 253 -39.32 14.57 13.67
N LEU A 254 -40.03 13.65 14.32
CA LEU A 254 -40.35 12.38 13.69
C LEU A 254 -41.56 12.50 12.78
N GLU A 255 -41.55 13.47 11.88
CA GLU A 255 -42.62 13.58 10.87
C GLU A 255 -42.10 13.91 9.48
N ARG A 256 -40.88 14.38 9.32
CA ARG A 256 -40.33 14.59 8.00
C ARG A 256 -40.06 13.25 7.32
N ASP A 257 -40.32 13.21 6.01
CA ASP A 257 -40.13 11.95 5.28
C ASP A 257 -38.65 11.54 5.29
N PRO A 258 -37.69 12.41 4.93
CA PRO A 258 -36.30 12.10 5.26
C PRO A 258 -35.96 12.53 6.68
N ILE A 259 -36.24 11.67 7.65
CA ILE A 259 -35.99 11.91 9.08
C ILE A 259 -34.65 12.61 9.27
N PRO A 260 -34.57 13.63 10.13
CA PRO A 260 -33.36 14.49 10.15
C PRO A 260 -32.12 13.78 10.67
N ALA A 261 -31.50 13.02 9.76
CA ALA A 261 -30.20 12.39 9.93
C ALA A 261 -30.26 11.19 10.87
N ALA A 262 -31.38 11.05 11.60
CA ALA A 262 -31.82 9.78 12.15
C ALA A 262 -30.78 9.05 12.99
N HIS A 263 -29.64 9.67 13.26
CA HIS A 263 -28.60 9.01 14.05
C HIS A 263 -28.25 9.79 15.31
N SER A 264 -27.97 11.09 15.19
CA SER A 264 -27.84 11.90 16.38
C SER A 264 -29.14 11.95 17.15
N PHE A 265 -30.27 11.76 16.45
CA PHE A 265 -31.56 11.61 17.11
C PHE A 265 -31.58 10.40 18.02
N VAL A 266 -31.25 9.22 17.48
CA VAL A 266 -31.18 8.00 18.28
C VAL A 266 -30.21 8.18 19.44
N ASP A 267 -29.06 8.79 19.18
CA ASP A 267 -28.07 8.97 20.24
C ASP A 267 -28.62 9.88 21.34
N LEU A 268 -29.36 10.91 20.98
CA LEU A 268 -29.94 11.81 21.97
C LEU A 268 -30.97 11.09 22.83
N LEU A 269 -31.88 10.34 22.19
CA LEU A 269 -32.86 9.58 22.96
C LEU A 269 -32.16 8.61 23.90
N LEU A 270 -31.22 7.83 23.39
CA LEU A 270 -30.56 6.81 24.18
C LEU A 270 -29.71 7.40 25.31
N CYS A 271 -29.22 8.63 25.14
CA CYS A 271 -28.44 9.24 26.22
C CYS A 271 -29.30 9.97 27.24
N VAL A 272 -30.44 10.51 26.82
CA VAL A 272 -31.42 11.04 27.77
C VAL A 272 -31.95 9.92 28.64
N ALA A 273 -32.24 8.77 28.03
CA ALA A 273 -32.97 7.70 28.73
C ALA A 273 -32.20 7.15 29.92
N ARG A 274 -30.87 7.17 29.87
CA ARG A 274 -30.12 6.54 30.96
C ARG A 274 -29.98 7.46 32.16
N SER A 275 -31.10 8.00 32.63
CA SER A 275 -31.09 8.79 33.85
C SER A 275 -32.45 8.68 34.54
N PRO A 276 -32.51 8.10 35.73
CA PRO A 276 -33.78 8.09 36.48
C PRO A 276 -34.34 9.47 36.74
N VAL A 277 -33.53 10.52 36.58
CA VAL A 277 -34.01 11.88 36.77
C VAL A 277 -35.11 12.20 35.77
N PHE A 278 -34.92 11.80 34.52
CA PHE A 278 -35.90 12.07 33.48
C PHE A 278 -37.05 11.05 33.46
N SER A 279 -37.24 10.32 34.55
CA SER A 279 -38.41 9.47 34.74
C SER A 279 -39.50 10.18 35.54
N SER A 280 -39.45 11.51 35.61
CA SER A 280 -40.43 12.30 36.35
C SER A 280 -41.47 12.94 35.45
N GLY A 283 -42.49 11.42 32.11
CA GLY A 283 -43.25 10.34 31.53
C GLY A 283 -43.58 10.50 30.07
N SER A 284 -43.11 11.56 29.43
CA SER A 284 -43.34 11.79 28.01
C SER A 284 -42.17 11.33 27.15
N LEU A 285 -41.13 10.77 27.75
CA LEU A 285 -40.02 10.24 26.95
C LEU A 285 -40.38 8.90 26.33
N TRP A 286 -40.89 7.97 27.15
CA TRP A 286 -41.14 6.62 26.67
C TRP A 286 -42.12 6.59 25.50
N GLU A 287 -43.07 7.53 25.48
CA GLU A 287 -43.94 7.65 24.31
C GLU A 287 -43.13 7.96 23.05
N THR A 288 -42.19 8.88 23.16
CA THR A 288 -41.34 9.21 22.01
C THR A 288 -40.47 8.02 21.62
N VAL A 289 -39.98 7.26 22.61
CA VAL A 289 -39.17 6.09 22.29
C VAL A 289 -39.99 5.05 21.54
N ALA A 290 -41.25 4.87 21.94
CA ALA A 290 -42.11 3.92 21.23
C ALA A 290 -42.39 4.39 19.81
N ARG A 291 -42.73 5.67 19.66
CA ARG A 291 -42.95 6.21 18.31
C ARG A 291 -41.69 6.08 17.45
N ALA A 292 -40.51 6.22 18.05
CA ALA A 292 -39.26 6.05 17.31
C ALA A 292 -39.08 4.61 16.87
N LEU A 293 -39.13 3.68 17.82
CA LEU A 293 -39.06 2.26 17.49
C LEU A 293 -40.08 1.87 16.42
N SER A 294 -41.19 2.61 16.32
CA SER A 294 -42.17 2.30 15.30
C SER A 294 -41.87 2.94 13.95
N CYS A 295 -41.23 4.11 13.92
CA CYS A 295 -41.08 4.85 12.66
C CYS A 295 -39.68 4.86 12.08
N LEU A 296 -38.63 4.84 12.89
CA LEU A 296 -37.28 4.93 12.34
C LEU A 296 -37.01 3.79 11.37
N GLY A 297 -36.09 4.05 10.44
CA GLY A 297 -35.81 3.12 9.36
C GLY A 297 -35.10 1.87 9.84
N PRO A 298 -35.05 0.84 8.98
CA PRO A 298 -34.42 -0.41 9.38
C PRO A 298 -32.91 -0.34 9.30
N THR A 299 -32.36 0.77 9.77
CA THR A 299 -30.92 0.93 9.95
C THR A 299 -30.57 1.55 11.29
N HIS A 300 -31.48 2.30 11.90
CA HIS A 300 -31.28 2.87 13.22
C HIS A 300 -32.18 2.24 14.27
N MET A 301 -33.25 1.56 13.84
CA MET A 301 -34.13 0.87 14.76
C MET A 301 -33.38 -0.15 15.60
N GLY A 302 -32.38 -0.79 15.02
CA GLY A 302 -31.57 -1.77 15.70
C GLY A 302 -30.79 -1.19 16.86
N PRO A 303 -29.97 -0.17 16.61
CA PRO A 303 -29.21 0.45 17.70
C PRO A 303 -30.09 0.98 18.81
N LEU A 304 -31.20 1.64 18.47
CA LEU A 304 -32.11 2.12 19.50
C LEU A 304 -32.69 0.97 20.31
N ALA A 305 -33.11 -0.11 19.63
CA ALA A 305 -33.68 -1.24 20.34
C ALA A 305 -32.67 -1.85 21.30
N LEU A 306 -31.41 -1.97 20.87
CA LEU A 306 -30.40 -2.55 21.74
C LEU A 306 -30.07 -1.63 22.91
N GLY A 307 -29.98 -0.32 22.65
CA GLY A 307 -29.72 0.62 23.72
C GLY A 307 -30.85 0.70 24.73
N ILE A 308 -32.08 0.44 24.30
CA ILE A 308 -33.19 0.36 25.24
C ILE A 308 -33.12 -0.93 26.04
N LEU A 309 -32.87 -2.05 25.36
CA LEU A 309 -32.81 -3.32 26.06
C LEU A 309 -31.66 -3.39 27.06
N LYS A 310 -30.62 -2.58 26.87
CA LYS A 310 -29.54 -2.52 27.83
C LYS A 310 -29.84 -1.64 29.04
N LEU A 311 -31.09 -1.23 29.23
CA LEU A 311 -31.45 -0.30 30.29
C LEU A 311 -32.11 -1.03 31.45
N GLU A 312 -31.74 -0.63 32.67
CA GLU A 312 -32.26 -1.30 33.85
C GLU A 312 -33.76 -1.07 34.01
N HIS A 313 -34.22 0.17 33.85
CA HIS A 313 -35.59 0.55 34.12
C HIS A 313 -36.30 0.87 32.81
N CYS A 314 -37.48 0.28 32.62
CA CYS A 314 -38.29 0.53 31.44
C CYS A 314 -39.65 -0.15 31.58
N PRO A 315 -40.73 0.45 31.10
CA PRO A 315 -42.01 -0.26 31.06
C PRO A 315 -41.93 -1.51 30.21
N GLN A 316 -42.43 -2.62 30.76
CA GLN A 316 -42.16 -3.93 30.17
C GLN A 316 -42.75 -4.06 28.77
N ALA A 317 -43.84 -3.33 28.47
CA ALA A 317 -44.36 -3.35 27.11
C ALA A 317 -43.33 -2.80 26.12
N LEU A 318 -42.59 -1.77 26.54
CA LEU A 318 -41.57 -1.19 25.68
C LEU A 318 -40.44 -2.17 25.41
N ARG A 319 -39.90 -2.79 26.47
CA ARG A 319 -38.84 -3.76 26.27
C ARG A 319 -39.32 -4.96 25.46
N THR A 320 -40.59 -5.34 25.61
CA THR A 320 -41.16 -6.38 24.77
C THR A 320 -41.09 -5.98 23.31
N GLN A 321 -41.60 -4.79 22.97
CA GLN A 321 -41.54 -4.36 21.57
C GLN A 321 -40.10 -4.21 21.10
N ALA A 322 -39.19 -3.86 22.01
CA ALA A 322 -37.78 -3.71 21.62
C ALA A 322 -37.20 -5.06 21.21
N PHE A 323 -37.32 -6.06 22.08
CA PHE A 323 -36.84 -7.40 21.73
C PHE A 323 -37.54 -7.92 20.48
N GLN A 324 -38.79 -7.52 20.25
CA GLN A 324 -39.49 -7.99 19.05
C GLN A 324 -38.90 -7.39 17.78
N VAL A 325 -38.67 -6.07 17.78
CA VAL A 325 -38.10 -5.44 16.60
C VAL A 325 -36.62 -5.76 16.47
N LEU A 326 -36.01 -6.31 17.52
CA LEU A 326 -34.66 -6.86 17.37
C LEU A 326 -34.71 -8.22 16.67
N LEU A 327 -35.56 -9.13 17.17
CA LEU A 327 -35.58 -10.49 16.64
C LEU A 327 -36.22 -10.59 15.28
N GLN A 328 -36.98 -9.59 14.84
CA GLN A 328 -37.70 -9.66 13.56
C GLN A 328 -36.95 -10.32 12.41
N PRO A 329 -35.72 -9.92 12.06
CA PRO A 329 -35.09 -10.52 10.87
C PRO A 329 -34.80 -12.00 11.00
N LEU A 330 -34.28 -12.45 12.15
CA LEU A 330 -34.00 -13.87 12.32
C LEU A 330 -35.28 -14.69 12.30
N ALA A 331 -36.37 -14.15 12.86
CA ALA A 331 -37.64 -14.85 12.79
C ALA A 331 -38.12 -14.97 11.36
N CYS A 332 -38.02 -13.88 10.58
CA CYS A 332 -38.43 -13.96 9.18
C CYS A 332 -37.55 -14.94 8.40
N VAL A 333 -36.28 -15.05 8.75
CA VAL A 333 -35.40 -16.01 8.09
C VAL A 333 -35.82 -17.43 8.43
N LEU A 334 -36.00 -17.72 9.71
CA LEU A 334 -36.43 -19.04 10.16
C LEU A 334 -37.84 -19.38 9.69
N LYS A 335 -38.61 -18.41 9.22
CA LYS A 335 -39.97 -18.67 8.78
C LYS A 335 -40.01 -19.41 7.45
N ALA A 336 -39.24 -18.94 6.46
CA ALA A 336 -39.36 -19.40 5.08
C ALA A 336 -38.25 -20.37 4.70
N THR A 337 -37.85 -21.23 5.64
CA THR A 337 -36.88 -22.29 5.38
C THR A 337 -37.34 -23.53 6.14
N VAL A 338 -37.51 -24.63 5.40
CA VAL A 338 -37.99 -25.88 6.00
C VAL A 338 -37.20 -26.16 7.27
N GLN A 339 -37.92 -26.37 8.36
CA GLN A 339 -37.29 -26.46 9.68
C GLN A 339 -38.02 -27.45 10.58
N ASP A 353 -44.40 -7.43 9.51
CA ASP A 353 -43.45 -8.22 8.75
C ASP A 353 -43.40 -7.74 7.31
N ALA A 354 -43.27 -6.43 7.12
CA ALA A 354 -43.26 -5.84 5.80
C ALA A 354 -41.92 -5.21 5.45
N THR A 355 -41.43 -4.28 6.29
CA THR A 355 -40.19 -3.59 5.97
C THR A 355 -38.99 -4.53 6.12
N THR A 356 -39.06 -5.45 7.08
CA THR A 356 -37.96 -6.40 7.26
C THR A 356 -37.82 -7.31 6.05
N VAL A 357 -38.91 -7.93 5.62
CA VAL A 357 -38.84 -8.81 4.45
C VAL A 357 -38.52 -8.02 3.20
N ASP A 358 -39.05 -6.79 3.09
CA ASP A 358 -38.69 -5.93 1.99
C ASP A 358 -37.18 -5.70 1.93
N THR A 359 -36.57 -5.39 3.06
CA THR A 359 -35.13 -5.15 3.09
C THR A 359 -34.36 -6.42 2.76
N LEU A 360 -34.79 -7.57 3.31
CA LEU A 360 -34.10 -8.82 3.01
C LEU A 360 -34.15 -9.14 1.52
N LEU A 361 -35.27 -8.86 0.84
CA LEU A 361 -35.35 -9.14 -0.58
C LEU A 361 -34.89 -7.96 -1.43
N ALA A 362 -34.45 -6.86 -0.83
CA ALA A 362 -34.06 -5.69 -1.59
C ALA A 362 -32.86 -5.99 -2.49
N SER A 363 -31.71 -6.29 -1.88
CA SER A 363 -30.50 -6.57 -2.63
C SER A 363 -29.64 -7.51 -1.79
N LYS A 364 -28.38 -7.65 -2.17
CA LYS A 364 -27.44 -8.41 -1.36
C LYS A 364 -26.81 -7.55 -0.27
N SER A 365 -26.52 -6.29 -0.58
CA SER A 365 -25.89 -5.42 0.41
C SER A 365 -26.82 -5.14 1.59
N SER A 366 -28.10 -4.87 1.31
CA SER A 366 -29.04 -4.57 2.37
C SER A 366 -29.25 -5.77 3.27
N CYS A 367 -29.46 -6.94 2.66
CA CYS A 367 -29.67 -8.15 3.45
C CYS A 367 -28.45 -8.49 4.29
N ALA A 368 -27.26 -8.42 3.68
CA ALA A 368 -26.04 -8.73 4.41
C ALA A 368 -25.85 -7.78 5.58
N GLY A 369 -26.04 -6.48 5.34
CA GLY A 369 -25.88 -5.52 6.42
C GLY A 369 -26.89 -5.72 7.53
N LEU A 370 -28.15 -5.98 7.17
CA LEU A 370 -29.18 -6.18 8.18
C LEU A 370 -28.88 -7.41 9.04
N LEU A 371 -28.55 -8.53 8.41
CA LEU A 371 -28.28 -9.74 9.18
C LEU A 371 -27.03 -9.61 10.01
N CYS A 372 -25.98 -8.97 9.47
CA CYS A 372 -24.76 -8.77 10.24
C CYS A 372 -25.02 -7.90 11.45
N ARG A 373 -25.77 -6.81 11.27
CA ARG A 373 -26.07 -5.92 12.39
C ARG A 373 -26.91 -6.62 13.44
N THR A 374 -27.93 -7.38 13.00
CA THR A 374 -28.79 -8.08 13.96
C THR A 374 -28.02 -9.12 14.75
N LEU A 375 -27.15 -9.89 14.08
CA LEU A 375 -26.39 -10.91 14.82
C LEU A 375 -25.39 -10.26 15.76
N ALA A 376 -24.78 -9.14 15.36
CA ALA A 376 -23.87 -8.46 16.27
C ALA A 376 -24.61 -7.92 17.48
N HIS A 377 -25.81 -7.39 17.28
CA HIS A 377 -26.62 -6.90 18.40
C HIS A 377 -26.94 -8.03 19.36
N LEU A 378 -27.57 -9.09 18.85
CA LEU A 378 -27.87 -10.24 19.70
C LEU A 378 -26.64 -10.79 20.40
N GLU A 379 -25.46 -10.69 19.77
CA GLU A 379 -24.26 -11.15 20.43
C GLU A 379 -23.90 -10.26 21.60
N GLU A 380 -24.03 -8.94 21.44
CA GLU A 380 -23.71 -8.05 22.56
C GLU A 380 -24.74 -8.15 23.68
N LEU A 381 -26.00 -8.38 23.32
CA LEU A 381 -27.08 -8.39 24.30
C LEU A 381 -26.97 -9.55 25.29
N GLN A 382 -26.32 -10.65 24.92
CA GLN A 382 -26.43 -11.86 25.74
C GLN A 382 -25.70 -11.76 27.08
N PRO A 383 -24.38 -11.53 27.11
CA PRO A 383 -23.65 -11.71 28.38
C PRO A 383 -24.06 -10.76 29.49
N LEU A 384 -25.05 -9.88 29.27
CA LEU A 384 -25.59 -8.99 30.28
C LEU A 384 -26.64 -9.71 31.12
N PRO A 385 -26.76 -9.37 32.41
CA PRO A 385 -27.79 -10.01 33.23
C PRO A 385 -29.15 -9.35 33.11
N GLN A 386 -29.25 -8.15 32.54
CA GLN A 386 -30.53 -7.49 32.34
C GLN A 386 -31.23 -7.91 31.06
N ARG A 387 -30.70 -8.89 30.34
CA ARG A 387 -31.36 -9.37 29.13
C ARG A 387 -32.70 -10.01 29.48
N PRO A 388 -33.64 -10.03 28.54
CA PRO A 388 -34.99 -10.47 28.87
C PRO A 388 -35.04 -11.90 29.38
N SER A 389 -35.88 -12.11 30.39
CA SER A 389 -36.15 -13.44 30.94
C SER A 389 -37.61 -13.78 30.68
N PRO A 390 -37.90 -14.89 29.98
CA PRO A 390 -36.92 -15.87 29.53
C PRO A 390 -36.13 -15.39 28.33
N TRP A 391 -35.17 -16.18 27.90
CA TRP A 391 -34.28 -15.83 26.79
C TRP A 391 -34.19 -17.04 25.87
N PRO A 392 -34.79 -16.98 24.68
CA PRO A 392 -34.90 -18.18 23.85
C PRO A 392 -33.54 -18.70 23.44
N GLN A 393 -33.23 -19.93 23.85
CA GLN A 393 -31.97 -20.55 23.49
C GLN A 393 -32.11 -21.49 22.30
N ALA A 394 -33.24 -22.18 22.18
CA ALA A 394 -33.42 -23.14 21.11
C ALA A 394 -33.78 -22.45 19.79
N SER A 395 -34.72 -21.50 19.83
CA SER A 395 -35.09 -20.79 18.61
C SER A 395 -33.92 -20.01 18.03
N LEU A 396 -33.16 -19.34 18.90
CA LEU A 396 -31.99 -18.58 18.44
C LEU A 396 -30.95 -19.49 17.81
N LEU A 397 -30.59 -20.58 18.51
CA LEU A 397 -29.65 -21.54 17.94
C LEU A 397 -30.13 -22.07 16.60
N GLY A 398 -31.43 -22.36 16.48
CA GLY A 398 -31.96 -22.82 15.20
C GLY A 398 -31.84 -21.78 14.11
N ALA A 399 -32.07 -20.51 14.46
CA ALA A 399 -31.96 -19.45 13.48
C ALA A 399 -30.52 -19.27 13.03
N THR A 400 -29.58 -19.33 13.97
CA THR A 400 -28.17 -19.21 13.61
C THR A 400 -27.74 -20.36 12.72
N VAL A 401 -28.14 -21.59 13.06
CA VAL A 401 -27.76 -22.73 12.22
C VAL A 401 -28.40 -22.64 10.85
N THR A 402 -29.63 -22.13 10.78
CA THR A 402 -30.28 -22.01 9.48
C THR A 402 -29.61 -20.94 8.62
N VAL A 403 -29.22 -19.81 9.22
CA VAL A 403 -28.55 -18.80 8.42
C VAL A 403 -27.16 -19.26 8.01
N LEU A 404 -26.51 -20.05 8.85
CA LEU A 404 -25.18 -20.54 8.49
C LEU A 404 -25.27 -21.57 7.37
N ARG A 405 -26.30 -22.42 7.40
CA ARG A 405 -26.50 -23.36 6.29
C ARG A 405 -26.87 -22.64 5.01
N LEU A 406 -27.80 -21.67 5.09
CA LEU A 406 -28.12 -20.84 3.93
C LEU A 406 -26.86 -20.27 3.32
N CYS A 407 -26.00 -19.67 4.14
CA CYS A 407 -24.76 -19.10 3.63
C CYS A 407 -23.88 -20.18 2.99
N ASP A 408 -23.85 -21.37 3.59
CA ASP A 408 -23.09 -22.47 2.98
C ASP A 408 -23.70 -22.90 1.67
N GLY A 409 -24.96 -23.31 1.68
CA GLY A 409 -25.64 -23.73 0.46
C GLY A 409 -26.46 -25.00 0.64
N SER A 410 -26.53 -25.51 1.86
CA SER A 410 -27.22 -26.76 2.16
C SER A 410 -28.55 -26.54 2.87
N ALA A 411 -29.25 -25.46 2.51
CA ALA A 411 -30.51 -25.14 3.16
C ALA A 411 -31.64 -25.97 2.53
N ALA A 412 -32.88 -25.62 2.86
CA ALA A 412 -34.05 -26.29 2.29
C ALA A 412 -35.18 -25.28 2.22
N PRO A 413 -35.26 -24.52 1.12
CA PRO A 413 -36.27 -23.47 1.02
C PRO A 413 -37.69 -24.01 1.15
N ALA A 414 -38.60 -23.10 1.53
CA ALA A 414 -40.00 -23.47 1.73
C ALA A 414 -40.96 -22.46 1.13
N SER A 415 -40.47 -21.47 0.37
CA SER A 415 -41.31 -20.50 -0.33
C SER A 415 -40.41 -19.75 -1.30
N SER A 416 -40.99 -18.78 -2.01
CA SER A 416 -40.21 -18.01 -2.97
C SER A 416 -39.22 -17.11 -2.28
N VAL A 417 -39.60 -16.52 -1.14
CA VAL A 417 -38.69 -15.65 -0.40
C VAL A 417 -37.56 -16.46 0.19
N GLY A 418 -37.84 -17.69 0.65
CA GLY A 418 -36.78 -18.54 1.14
C GLY A 418 -35.75 -18.88 0.07
N GLY A 419 -36.23 -19.20 -1.14
CA GLY A 419 -35.31 -19.47 -2.23
C GLY A 419 -34.49 -18.26 -2.63
N HIS A 420 -35.15 -17.10 -2.75
CA HIS A 420 -34.40 -15.90 -3.12
C HIS A 420 -33.42 -15.51 -2.02
N LEU A 421 -33.72 -15.82 -0.76
CA LEU A 421 -32.78 -15.53 0.31
C LEU A 421 -31.59 -16.48 0.27
N CYS A 422 -31.86 -17.78 0.03
CA CYS A 422 -30.77 -18.72 -0.20
C CYS A 422 -29.88 -18.27 -1.35
N GLY A 423 -30.47 -17.65 -2.36
CA GLY A 423 -29.70 -17.08 -3.44
C GLY A 423 -28.84 -15.90 -3.01
N THR A 424 -29.48 -14.89 -2.42
CA THR A 424 -28.77 -13.67 -2.03
C THR A 424 -27.80 -13.89 -0.87
N LEU A 425 -27.78 -15.06 -0.24
CA LEU A 425 -26.81 -15.35 0.79
C LEU A 425 -25.81 -16.43 0.39
N ALA A 426 -25.92 -16.98 -0.81
CA ALA A 426 -25.00 -18.02 -1.25
C ALA A 426 -23.59 -17.46 -1.33
N GLY A 427 -22.70 -17.97 -0.48
CA GLY A 427 -21.31 -17.56 -0.54
C GLY A 427 -21.03 -16.15 -0.04
N CYS A 428 -21.81 -15.67 0.92
CA CYS A 428 -21.48 -14.44 1.60
C CYS A 428 -20.44 -14.72 2.67
N VAL A 429 -19.71 -13.69 3.08
CA VAL A 429 -18.64 -13.85 4.04
C VAL A 429 -18.88 -13.07 5.34
N ARG A 430 -19.50 -11.90 5.26
CA ARG A 430 -19.78 -11.15 6.48
C ARG A 430 -20.86 -11.82 7.31
N VAL A 431 -21.90 -12.33 6.65
CA VAL A 431 -22.94 -13.06 7.35
C VAL A 431 -22.36 -14.31 8.00
N GLN A 432 -21.43 -14.97 7.32
CA GLN A 432 -20.85 -16.18 7.89
C GLN A 432 -19.96 -15.86 9.08
N ARG A 433 -19.15 -14.79 8.98
CA ARG A 433 -18.33 -14.40 10.13
C ARG A 433 -19.21 -14.04 11.32
N ALA A 434 -20.26 -13.26 11.09
CA ALA A 434 -21.13 -12.85 12.18
C ALA A 434 -21.83 -14.04 12.81
N ALA A 435 -22.37 -14.95 11.98
CA ALA A 435 -23.05 -16.11 12.51
C ALA A 435 -22.10 -17.03 13.27
N LEU A 436 -20.86 -17.17 12.78
CA LEU A 436 -19.91 -18.00 13.51
C LEU A 436 -19.57 -17.39 14.86
N ASP A 437 -19.41 -16.08 14.93
CA ASP A 437 -19.10 -15.46 16.20
C ASP A 437 -20.28 -15.56 17.16
N PHE A 438 -21.50 -15.36 16.65
CA PHE A 438 -22.69 -15.54 17.48
C PHE A 438 -22.76 -16.96 18.02
N LEU A 439 -22.80 -17.95 17.13
CA LEU A 439 -22.87 -19.35 17.55
C LEU A 439 -21.68 -19.75 18.41
N GLY A 440 -20.61 -18.97 18.40
CA GLY A 440 -19.57 -19.15 19.39
C GLY A 440 -19.92 -18.52 20.72
N THR A 441 -20.77 -17.50 20.70
CA THR A 441 -21.14 -16.84 21.95
C THR A 441 -22.26 -17.56 22.66
N LEU A 442 -23.11 -18.30 21.95
CA LEU A 442 -24.16 -19.07 22.59
C LEU A 442 -23.62 -20.39 23.11
N SER A 443 -22.55 -20.36 23.88
CA SER A 443 -21.94 -21.59 24.35
C SER A 443 -21.90 -21.73 25.86
N GLN A 444 -22.05 -20.65 26.61
CA GLN A 444 -22.17 -20.73 28.06
C GLN A 444 -23.60 -20.85 28.53
N GLY A 445 -24.55 -20.93 27.61
CA GLY A 445 -25.93 -21.17 27.99
C GLY A 445 -26.21 -22.66 28.09
N THR A 446 -26.20 -23.17 29.32
CA THR A 446 -26.32 -24.61 29.53
C THR A 446 -27.73 -25.10 29.18
N GLY A 447 -27.77 -26.24 28.49
CA GLY A 447 -29.02 -26.82 28.05
C GLY A 447 -28.89 -28.26 27.62
N PRO A 448 -29.89 -28.77 26.91
CA PRO A 448 -29.89 -30.19 26.53
C PRO A 448 -28.84 -30.52 25.50
N GLN A 449 -28.54 -31.82 25.41
CA GLN A 449 -27.49 -32.30 24.51
C GLN A 449 -27.86 -32.11 23.04
N GLU A 450 -29.16 -32.02 22.73
CA GLU A 450 -29.57 -31.82 21.34
C GLU A 450 -28.93 -30.56 20.76
N LEU A 451 -28.82 -29.50 21.57
CA LEU A 451 -28.26 -28.26 21.08
C LEU A 451 -26.78 -28.40 20.78
N VAL A 452 -26.03 -29.02 21.69
CA VAL A 452 -24.61 -29.24 21.46
C VAL A 452 -24.38 -30.08 20.22
N THR A 453 -25.21 -31.11 20.03
CA THR A 453 -25.06 -31.97 18.86
C THR A 453 -25.33 -31.21 17.57
N GLN A 454 -26.41 -30.41 17.55
CA GLN A 454 -26.73 -29.61 16.37
C GLN A 454 -25.59 -28.64 16.04
N ALA A 455 -25.08 -27.96 17.06
CA ALA A 455 -24.05 -26.96 16.84
C ALA A 455 -22.76 -27.60 16.34
N LEU A 456 -22.30 -28.67 16.99
CA LEU A 456 -21.09 -29.33 16.51
C LEU A 456 -21.28 -29.92 15.12
N ALA A 457 -22.48 -30.40 14.80
CA ALA A 457 -22.72 -30.90 13.45
C ALA A 457 -22.53 -29.80 12.41
N VAL A 458 -23.15 -28.64 12.63
CA VAL A 458 -23.02 -27.59 11.63
C VAL A 458 -21.61 -27.04 11.58
N LEU A 459 -20.92 -26.99 12.72
CA LEU A 459 -19.55 -26.47 12.71
C LEU A 459 -18.62 -27.43 11.99
N LEU A 460 -18.82 -28.73 12.14
CA LEU A 460 -17.98 -29.68 11.40
C LEU A 460 -18.31 -29.66 9.91
N GLU A 461 -19.58 -29.43 9.56
CA GLU A 461 -19.90 -29.30 8.14
C GLU A 461 -19.33 -28.01 7.55
N CYS A 462 -19.08 -27.00 8.37
CA CYS A 462 -18.42 -25.79 7.89
C CYS A 462 -16.91 -25.89 7.88
N LEU A 463 -16.33 -26.76 8.71
CA LEU A 463 -14.88 -26.92 8.72
C LEU A 463 -14.38 -27.66 7.48
N GLU A 464 -15.14 -28.66 7.03
CA GLU A 464 -14.79 -29.43 5.83
C GLU A 464 -15.67 -28.91 4.71
N SER A 465 -15.21 -27.87 4.04
CA SER A 465 -15.93 -27.34 2.90
C SER A 465 -14.98 -26.60 1.99
N PRO A 466 -14.74 -27.10 0.77
CA PRO A 466 -13.96 -26.33 -0.20
C PRO A 466 -14.74 -25.08 -0.60
N GLY A 467 -14.19 -23.92 -0.27
CA GLY A 467 -14.93 -22.68 -0.43
C GLY A 467 -15.15 -21.99 0.90
N SER A 468 -14.21 -22.14 1.81
CA SER A 468 -14.24 -21.50 3.12
C SER A 468 -13.01 -20.62 3.25
N SER A 469 -13.21 -19.30 3.21
CA SER A 469 -12.10 -18.37 3.34
C SER A 469 -11.36 -18.59 4.65
N PRO A 470 -10.11 -18.13 4.75
CA PRO A 470 -9.34 -18.41 5.96
C PRO A 470 -9.88 -17.73 7.21
N THR A 471 -10.51 -16.57 7.08
CA THR A 471 -11.07 -15.93 8.26
C THR A 471 -12.27 -16.71 8.78
N VAL A 472 -13.10 -17.23 7.88
CA VAL A 472 -14.20 -18.09 8.29
C VAL A 472 -13.68 -19.32 9.01
N LEU A 473 -12.57 -19.88 8.53
CA LEU A 473 -12.03 -21.08 9.17
C LEU A 473 -11.46 -20.78 10.54
N LYS A 474 -10.79 -19.65 10.70
CA LYS A 474 -10.31 -19.28 12.03
C LYS A 474 -11.47 -19.10 13.00
N LYS A 475 -12.48 -18.35 12.60
CA LYS A 475 -13.64 -18.15 13.46
C LYS A 475 -14.30 -19.49 13.80
N ALA A 476 -14.37 -20.40 12.83
CA ALA A 476 -15.03 -21.67 13.06
C ALA A 476 -14.22 -22.57 13.98
N PHE A 477 -12.89 -22.49 13.93
CA PHE A 477 -12.09 -23.23 14.89
C PHE A 477 -12.32 -22.72 16.30
N GLN A 478 -12.36 -21.39 16.47
CA GLN A 478 -12.63 -20.85 17.80
C GLN A 478 -14.00 -21.28 18.31
N ALA A 479 -15.01 -21.19 17.45
CA ALA A 479 -16.36 -21.58 17.85
C ALA A 479 -16.42 -23.05 18.22
N THR A 480 -15.83 -23.92 17.40
CA THR A 480 -15.82 -25.34 17.71
C THR A 480 -15.15 -25.63 19.04
N LEU A 481 -14.03 -24.97 19.32
CA LEU A 481 -13.36 -25.17 20.60
C LEU A 481 -14.27 -24.76 21.75
N ARG A 482 -14.89 -23.59 21.64
CA ARG A 482 -15.73 -23.12 22.75
C ARG A 482 -16.96 -23.99 22.93
N TRP A 483 -17.44 -24.63 21.85
CA TRP A 483 -18.59 -25.51 21.97
C TRP A 483 -18.21 -26.86 22.55
N LEU A 484 -17.03 -27.37 22.21
CA LEU A 484 -16.57 -28.62 22.80
C LEU A 484 -16.34 -28.47 24.30
N LEU A 485 -15.69 -27.38 24.69
CA LEU A 485 -15.36 -27.26 26.11
C LEU A 485 -16.52 -26.83 27.00
N SER A 486 -17.79 -26.88 26.58
CA SER A 486 -18.90 -26.40 27.39
C SER A 486 -20.05 -27.39 27.39
N SER A 487 -19.72 -28.65 27.62
CA SER A 487 -20.71 -29.71 27.72
C SER A 487 -20.78 -30.24 29.15
N PRO A 488 -21.91 -30.86 29.55
CA PRO A 488 -22.07 -31.46 30.87
C PRO A 488 -20.96 -32.45 31.22
N ASP A 495 -14.26 -40.75 30.32
CA ASP A 495 -14.75 -39.61 31.08
C ASP A 495 -15.25 -38.51 30.16
N LEU A 496 -15.20 -38.76 28.85
CA LEU A 496 -15.54 -37.76 27.85
C LEU A 496 -16.90 -38.00 27.21
N GLY A 497 -17.76 -38.78 27.86
CA GLY A 497 -19.14 -38.86 27.46
C GLY A 497 -19.44 -39.93 26.44
N PRO A 498 -20.71 -40.00 26.01
CA PRO A 498 -21.11 -41.04 25.05
C PRO A 498 -21.14 -40.58 23.60
N LEU A 499 -20.96 -39.28 23.34
CA LEU A 499 -21.04 -38.76 21.99
C LEU A 499 -19.78 -38.09 21.48
N ILE A 500 -18.80 -37.81 22.33
CA ILE A 500 -17.62 -37.07 21.91
C ILE A 500 -16.66 -37.92 21.09
N PRO A 501 -16.21 -39.11 21.54
CA PRO A 501 -15.16 -39.82 20.78
C PRO A 501 -15.48 -40.02 19.31
N GLN A 502 -16.76 -40.25 18.98
CA GLN A 502 -17.14 -40.30 17.57
C GLN A 502 -16.89 -38.96 16.89
N PHE A 503 -17.21 -37.86 17.56
CA PHE A 503 -16.94 -36.56 16.97
C PHE A 503 -15.45 -36.29 16.83
N LEU A 504 -14.64 -36.75 17.78
CA LEU A 504 -13.20 -36.56 17.65
C LEU A 504 -12.63 -37.35 16.48
N ARG A 505 -13.11 -38.58 16.29
CA ARG A 505 -12.66 -39.36 15.15
C ARG A 505 -13.26 -38.88 13.84
N GLU A 506 -14.31 -38.06 13.89
CA GLU A 506 -14.81 -37.38 12.70
C GLU A 506 -14.03 -36.09 12.42
N LEU A 507 -13.54 -35.44 13.47
CA LEU A 507 -12.87 -34.16 13.34
C LEU A 507 -11.44 -34.33 12.85
N PHE A 508 -10.69 -35.25 13.44
CA PHE A 508 -9.25 -35.28 13.20
C PHE A 508 -8.86 -35.44 11.72
N PRO A 509 -9.61 -36.15 10.87
CA PRO A 509 -9.31 -36.04 9.43
C PRO A 509 -9.40 -34.63 8.89
N VAL A 510 -10.38 -33.84 9.35
CA VAL A 510 -10.51 -32.48 8.86
C VAL A 510 -9.39 -31.60 9.38
N LEU A 511 -9.07 -31.72 10.67
CA LEU A 511 -7.91 -31.02 11.21
C LEU A 511 -6.62 -31.45 10.52
N GLN A 512 -6.59 -32.65 9.95
CA GLN A 512 -5.42 -33.10 9.21
C GLN A 512 -5.37 -32.48 7.82
N LYS A 513 -6.53 -32.38 7.16
CA LYS A 513 -6.57 -31.71 5.87
C LYS A 513 -6.29 -30.22 5.99
N ARG A 514 -6.56 -29.63 7.15
CA ARG A 514 -6.31 -28.20 7.33
C ARG A 514 -4.86 -27.89 7.66
N LEU A 515 -4.12 -28.85 8.19
CA LEU A 515 -2.71 -28.63 8.48
C LEU A 515 -1.86 -28.55 7.24
N CYS A 516 -2.44 -28.53 6.04
CA CYS A 516 -1.68 -28.39 4.81
C CYS A 516 -2.29 -27.38 3.85
N HIS A 517 -3.23 -26.57 4.32
CA HIS A 517 -3.84 -25.55 3.48
C HIS A 517 -2.75 -24.64 2.88
N PRO A 518 -2.97 -24.11 1.67
CA PRO A 518 -1.99 -23.21 1.05
C PRO A 518 -2.10 -21.76 1.51
N CYS A 519 -2.23 -21.57 2.82
CA CYS A 519 -2.34 -20.24 3.41
C CYS A 519 -1.92 -20.35 4.86
N TRP A 520 -0.77 -19.78 5.22
CA TRP A 520 -0.24 -19.97 6.57
C TRP A 520 -1.22 -19.55 7.65
N GLU A 521 -2.22 -18.74 7.30
CA GLU A 521 -3.24 -18.36 8.27
C GLU A 521 -3.98 -19.57 8.79
N VAL A 522 -4.33 -20.50 7.90
CA VAL A 522 -5.12 -21.65 8.31
C VAL A 522 -4.25 -22.70 9.00
N ARG A 523 -3.02 -22.89 8.53
CA ARG A 523 -2.09 -23.77 9.23
C ARG A 523 -1.89 -23.32 10.66
N ASP A 524 -1.64 -22.02 10.86
CA ASP A 524 -1.46 -21.51 12.21
C ASP A 524 -2.71 -21.66 13.04
N SER A 525 -3.88 -21.39 12.44
CA SER A 525 -5.13 -21.52 13.18
C SER A 525 -5.32 -22.94 13.67
N ALA A 526 -5.10 -23.92 12.79
CA ALA A 526 -5.28 -25.32 13.17
C ALA A 526 -4.27 -25.75 14.22
N LEU A 527 -3.04 -25.25 14.13
CA LEU A 527 -2.04 -25.61 15.13
C LEU A 527 -2.40 -25.06 16.50
N GLU A 528 -2.86 -23.81 16.58
CA GLU A 528 -3.23 -23.27 17.88
C GLU A 528 -4.51 -23.92 18.41
N PHE A 529 -5.41 -24.34 17.52
CA PHE A 529 -6.58 -25.09 17.97
C PHE A 529 -6.18 -26.43 18.57
N LEU A 530 -5.26 -27.13 17.91
CA LEU A 530 -4.73 -28.36 18.47
C LEU A 530 -4.08 -28.12 19.83
N THR A 531 -3.36 -27.00 19.97
CA THR A 531 -2.73 -26.70 21.25
C THR A 531 -3.76 -26.48 22.35
N GLN A 532 -4.78 -25.67 22.07
CA GLN A 532 -5.81 -25.39 23.07
C GLN A 532 -6.51 -26.68 23.49
N LEU A 533 -6.93 -27.49 22.51
CA LEU A 533 -7.55 -28.77 22.82
C LEU A 533 -6.63 -29.62 23.71
N SER A 534 -5.44 -29.93 23.21
CA SER A 534 -4.53 -30.81 23.96
C SER A 534 -4.08 -30.21 25.27
N ARG A 535 -4.37 -28.94 25.54
CA ARG A 535 -4.10 -28.42 26.87
C ARG A 535 -5.29 -28.56 27.80
N HIS A 536 -6.51 -28.53 27.26
CA HIS A 536 -7.67 -28.70 28.13
C HIS A 536 -8.03 -30.17 28.36
N TRP A 537 -7.74 -31.04 27.40
CA TRP A 537 -8.09 -32.46 27.47
C TRP A 537 -6.86 -33.35 27.37
N GLY A 538 -5.81 -33.02 28.10
CA GLY A 538 -4.57 -33.76 27.96
C GLY A 538 -4.57 -35.12 28.62
N GLY A 539 -5.18 -35.22 29.80
CA GLY A 539 -5.13 -36.45 30.55
C GLY A 539 -6.39 -37.28 30.47
N GLN A 540 -6.99 -37.38 29.29
CA GLN A 540 -8.21 -38.15 29.10
C GLN A 540 -7.91 -39.33 28.17
N ALA A 541 -8.52 -40.48 28.50
CA ALA A 541 -8.22 -41.70 27.75
C ALA A 541 -8.73 -41.62 26.32
N ASP A 542 -9.98 -41.19 26.14
CA ASP A 542 -10.59 -41.22 24.82
C ASP A 542 -9.92 -40.24 23.87
N PHE A 543 -9.57 -39.05 24.35
CA PHE A 543 -8.92 -38.08 23.49
C PHE A 543 -7.53 -38.56 23.07
N ARG A 544 -6.75 -39.06 24.01
CA ARG A 544 -5.41 -39.55 23.67
C ARG A 544 -5.50 -40.73 22.71
N CYS A 545 -6.48 -41.61 22.90
CA CYS A 545 -6.67 -42.71 21.96
C CYS A 545 -6.96 -42.18 20.57
N ALA A 546 -7.94 -41.28 20.44
CA ALA A 546 -8.33 -40.79 19.13
C ALA A 546 -7.24 -39.95 18.49
N LEU A 547 -6.35 -39.36 19.30
CA LEU A 547 -5.26 -38.57 18.75
C LEU A 547 -4.14 -39.46 18.24
N LEU A 548 -3.57 -40.30 19.11
CA LEU A 548 -2.50 -41.19 18.69
C LEU A 548 -2.95 -42.19 17.62
N ALA A 549 -4.26 -42.43 17.51
CA ALA A 549 -4.74 -43.30 16.43
C ALA A 549 -4.54 -42.63 15.07
N SER A 550 -4.76 -41.33 14.98
CA SER A 550 -4.73 -40.64 13.70
C SER A 550 -3.31 -40.16 13.39
N GLU A 551 -3.18 -39.32 12.36
CA GLU A 551 -1.90 -38.90 11.82
C GLU A 551 -1.64 -37.42 12.05
N VAL A 552 -2.08 -36.88 13.19
CA VAL A 552 -1.84 -35.47 13.50
C VAL A 552 -0.45 -35.23 14.07
N PRO A 553 0.07 -36.07 14.98
CA PRO A 553 1.38 -35.76 15.56
C PRO A 553 2.51 -35.66 14.54
N GLN A 554 2.60 -36.57 13.59
CA GLN A 554 3.71 -36.54 12.65
C GLN A 554 3.59 -35.36 11.68
N LEU A 555 2.37 -34.95 11.34
CA LEU A 555 2.22 -33.72 10.56
C LEU A 555 2.67 -32.50 11.35
N ALA A 556 2.24 -32.37 12.60
CA ALA A 556 2.72 -31.27 13.41
C ALA A 556 4.24 -31.28 13.49
N LEU A 557 4.83 -32.47 13.63
CA LEU A 557 6.28 -32.59 13.73
C LEU A 557 6.98 -32.20 12.43
N GLN A 558 6.37 -32.49 11.28
CA GLN A 558 6.94 -32.06 10.02
C GLN A 558 6.74 -30.58 9.77
N LEU A 559 5.79 -29.95 10.46
CA LEU A 559 5.56 -28.53 10.25
C LEU A 559 6.63 -27.64 10.89
N LEU A 560 7.55 -28.21 11.66
CA LEU A 560 8.62 -27.41 12.27
C LEU A 560 9.60 -26.86 11.24
N GLN A 561 9.40 -27.11 9.94
CA GLN A 561 10.29 -26.61 8.91
C GLN A 561 9.53 -25.89 7.80
N ASP A 562 8.28 -25.51 8.06
CA ASP A 562 7.54 -24.70 7.12
C ASP A 562 8.23 -23.34 6.96
N PRO A 563 8.23 -22.77 5.75
CA PRO A 563 8.95 -21.50 5.55
C PRO A 563 8.50 -20.37 6.45
N GLU A 564 7.21 -20.03 6.45
CA GLU A 564 6.75 -18.82 7.15
C GLU A 564 6.97 -18.95 8.65
N SER A 565 7.57 -17.91 9.24
CA SER A 565 8.00 -17.97 10.63
C SER A 565 6.85 -18.20 11.60
N TYR A 566 5.66 -17.67 11.30
CA TYR A 566 4.56 -17.81 12.24
C TYR A 566 4.13 -19.26 12.37
N VAL A 567 4.09 -19.98 11.26
CA VAL A 567 3.73 -21.39 11.30
C VAL A 567 4.77 -22.18 12.07
N ARG A 568 6.05 -21.87 11.88
CA ARG A 568 7.11 -22.54 12.63
C ARG A 568 6.94 -22.31 14.12
N ALA A 569 6.67 -21.07 14.51
CA ALA A 569 6.51 -20.76 15.93
C ALA A 569 5.32 -21.52 16.53
N SER A 570 4.19 -21.51 15.84
CA SER A 570 3.01 -22.19 16.35
C SER A 570 3.22 -23.69 16.42
N ALA A 571 3.90 -24.27 15.42
CA ALA A 571 4.19 -25.69 15.47
C ALA A 571 5.14 -26.01 16.61
N VAL A 572 6.07 -25.11 16.91
CA VAL A 572 6.98 -25.34 18.04
C VAL A 572 6.21 -25.37 19.35
N THR A 573 5.30 -24.41 19.55
CA THR A 573 4.52 -24.43 20.78
C THR A 573 3.63 -25.66 20.86
N ALA A 574 3.00 -26.03 19.75
CA ALA A 574 2.13 -27.19 19.75
C ALA A 574 2.91 -28.46 20.06
N MET A 575 4.12 -28.59 19.53
CA MET A 575 4.92 -29.77 19.80
C MET A 575 5.41 -29.79 21.24
N GLY A 576 5.80 -28.64 21.78
CA GLY A 576 6.14 -28.58 23.19
C GLY A 576 4.99 -29.04 24.07
N GLN A 577 3.78 -28.56 23.78
CA GLN A 577 2.61 -28.94 24.57
C GLN A 577 2.33 -30.43 24.44
N LEU A 578 2.17 -30.91 23.20
CA LEU A 578 1.95 -32.33 22.97
C LEU A 578 3.04 -33.20 23.56
N SER A 579 4.24 -32.66 23.74
CA SER A 579 5.33 -33.44 24.32
C SER A 579 5.18 -33.53 25.84
N SER A 580 4.94 -32.38 26.50
CA SER A 580 4.84 -32.37 27.95
C SER A 580 3.72 -33.27 28.47
N GLN A 581 2.86 -33.78 27.60
CA GLN A 581 1.84 -34.75 28.00
C GLN A 581 2.25 -36.19 27.74
N GLY A 582 3.13 -36.43 26.76
CA GLY A 582 3.57 -37.77 26.43
C GLY A 582 2.86 -38.36 25.25
N LEU A 583 2.73 -37.59 24.17
CA LEU A 583 1.97 -37.95 22.98
C LEU A 583 2.83 -37.84 21.73
N HIS A 584 4.01 -38.44 21.74
CA HIS A 584 4.91 -38.34 20.61
C HIS A 584 4.41 -39.21 19.45
N ALA A 585 5.21 -39.28 18.40
CA ALA A 585 4.85 -40.05 17.22
C ALA A 585 5.98 -41.01 16.82
N ALA A 594 12.08 -41.93 22.79
CA ALA A 594 12.02 -40.92 23.84
C ALA A 594 11.93 -39.53 23.24
N ARG A 595 11.50 -38.56 24.05
CA ARG A 595 11.40 -37.17 23.61
C ARG A 595 12.76 -36.53 23.35
N GLN A 596 13.86 -37.24 23.61
CA GLN A 596 15.19 -36.66 23.46
C GLN A 596 15.41 -36.14 22.06
N SER A 597 15.17 -36.98 21.05
CA SER A 597 15.38 -36.54 19.68
C SER A 597 14.37 -35.50 19.21
N LEU A 598 13.38 -35.17 20.05
CA LEU A 598 12.60 -33.96 19.79
C LEU A 598 13.35 -32.74 20.28
N PHE A 599 13.86 -32.81 21.52
CA PHE A 599 14.63 -31.73 22.12
C PHE A 599 15.63 -31.14 21.13
N LEU A 600 16.55 -31.97 20.65
CA LEU A 600 17.58 -31.50 19.72
C LEU A 600 16.97 -30.71 18.58
N GLU A 601 15.90 -31.24 17.97
CA GLU A 601 15.20 -30.51 16.91
C GLU A 601 14.91 -29.09 17.35
N LEU A 602 14.17 -28.94 18.44
CA LEU A 602 13.88 -27.62 18.97
C LEU A 602 15.16 -26.85 19.25
N LEU A 603 16.13 -27.52 19.88
CA LEU A 603 17.40 -26.85 20.16
C LEU A 603 18.02 -26.31 18.89
N HIS A 604 17.97 -27.09 17.81
CA HIS A 604 18.52 -26.62 16.55
C HIS A 604 17.83 -25.34 16.11
N ILE A 605 16.51 -25.29 16.23
CA ILE A 605 15.75 -24.10 15.86
C ILE A 605 16.19 -22.91 16.70
N LEU A 606 16.62 -23.17 17.94
CA LEU A 606 17.12 -22.09 18.78
C LEU A 606 18.51 -21.65 18.33
N SER A 607 19.34 -22.58 17.86
CA SER A 607 20.72 -22.25 17.54
C SER A 607 20.82 -21.44 16.26
N VAL A 608 20.41 -22.03 15.14
CA VAL A 608 20.60 -21.41 13.82
C VAL A 608 19.23 -21.29 13.16
N ASP A 609 18.59 -20.14 13.33
CA ASP A 609 17.36 -19.84 12.63
C ASP A 609 17.36 -18.37 12.23
N SER A 610 16.80 -18.10 11.06
CA SER A 610 16.81 -16.74 10.53
C SER A 610 15.98 -15.80 11.40
N GLU A 611 14.72 -16.16 11.62
CA GLU A 611 13.75 -15.25 12.22
C GLU A 611 13.93 -15.21 13.73
N GLY A 612 12.99 -14.56 14.41
CA GLY A 612 13.05 -14.43 15.85
C GLY A 612 11.91 -15.12 16.56
N PHE A 613 10.76 -15.21 15.90
CA PHE A 613 9.60 -15.83 16.53
C PHE A 613 9.88 -17.28 16.97
N PRO A 614 10.43 -18.16 16.13
CA PRO A 614 10.76 -19.49 16.61
C PRO A 614 11.69 -19.50 17.81
N ARG A 615 12.63 -18.56 17.89
CA ARG A 615 13.58 -18.57 18.99
C ARG A 615 12.90 -18.29 20.33
N ARG A 616 12.05 -17.26 20.39
CA ARG A 616 11.37 -16.96 21.63
C ARG A 616 10.30 -17.99 21.95
N ALA A 617 9.69 -18.61 20.93
CA ALA A 617 8.75 -19.69 21.20
C ALA A 617 9.46 -20.91 21.78
N VAL A 618 10.66 -21.20 21.29
CA VAL A 618 11.45 -22.30 21.84
C VAL A 618 11.85 -22.00 23.27
N MET A 619 12.26 -20.76 23.55
CA MET A 619 12.63 -20.42 24.92
C MET A 619 11.44 -20.52 25.86
N GLN A 620 10.24 -20.13 25.38
CA GLN A 620 9.05 -20.32 26.19
C GLN A 620 8.82 -21.80 26.47
N VAL A 621 9.02 -22.65 25.47
CA VAL A 621 8.81 -24.08 25.66
C VAL A 621 9.79 -24.63 26.68
N PHE A 622 11.03 -24.15 26.64
CA PHE A 622 12.04 -24.64 27.59
C PHE A 622 11.72 -24.20 29.01
N THR A 623 11.35 -22.93 29.19
CA THR A 623 10.91 -22.48 30.51
C THR A 623 9.74 -23.31 31.00
N GLU A 624 8.80 -23.64 30.11
CA GLU A 624 7.69 -24.51 30.47
C GLU A 624 8.18 -25.86 30.98
N TRP A 625 8.98 -26.55 30.17
CA TRP A 625 9.49 -27.87 30.55
C TRP A 625 10.20 -27.82 31.89
N LEU A 626 10.94 -26.74 32.16
CA LEU A 626 11.70 -26.74 33.40
C LEU A 626 10.82 -26.42 34.60
N ARG A 627 9.89 -25.48 34.46
CA ARG A 627 8.94 -25.21 35.54
C ARG A 627 8.10 -26.43 35.85
N ASP A 628 7.87 -27.28 34.84
CA ASP A 628 7.06 -28.47 35.01
C ASP A 628 7.69 -29.52 35.92
N GLY A 629 8.96 -29.36 36.28
CA GLY A 629 9.68 -30.42 36.95
C GLY A 629 10.09 -31.56 36.04
N HIS A 630 9.72 -31.50 34.77
CA HIS A 630 10.07 -32.51 33.77
C HIS A 630 11.54 -32.40 33.39
N ASP A 636 20.53 -34.81 34.65
CA ASP A 636 20.12 -34.47 33.29
C ASP A 636 19.67 -33.01 33.20
N THR A 637 19.42 -32.40 34.37
CA THR A 637 18.94 -31.03 34.40
C THR A 637 20.08 -30.02 34.30
N GLU A 638 21.22 -30.31 34.95
CA GLU A 638 22.35 -29.39 34.93
C GLU A 638 22.78 -29.08 33.51
N GLN A 639 23.04 -30.12 32.71
CA GLN A 639 23.47 -29.90 31.33
C GLN A 639 22.36 -29.28 30.49
N PHE A 640 21.11 -29.59 30.80
CA PHE A 640 19.98 -28.93 30.15
C PHE A 640 20.08 -27.41 30.30
N VAL A 641 20.11 -26.94 31.55
CA VAL A 641 20.17 -25.50 31.78
C VAL A 641 21.47 -24.92 31.22
N ALA A 642 22.56 -25.68 31.29
CA ALA A 642 23.83 -25.18 30.78
C ALA A 642 23.75 -24.91 29.28
N THR A 643 23.27 -25.89 28.52
CA THR A 643 23.20 -25.71 27.07
C THR A 643 22.17 -24.66 26.68
N VAL A 644 21.10 -24.51 27.47
CA VAL A 644 20.10 -23.50 27.11
C VAL A 644 20.63 -22.10 27.36
N LEU A 645 21.30 -21.88 28.50
CA LEU A 645 21.93 -20.58 28.71
C LEU A 645 23.05 -20.33 27.71
N GLN A 646 23.75 -21.40 27.30
CA GLN A 646 24.81 -21.25 26.31
C GLN A 646 24.26 -20.86 24.95
N ALA A 647 23.06 -21.34 24.61
CA ALA A 647 22.43 -20.99 23.35
C ALA A 647 21.66 -19.68 23.41
N ALA A 648 21.35 -19.19 24.60
CA ALA A 648 20.67 -17.92 24.72
C ALA A 648 21.60 -16.75 25.00
N SER A 649 22.82 -17.01 25.45
CA SER A 649 23.75 -15.92 25.79
C SER A 649 24.36 -15.24 24.58
N ARG A 650 23.96 -15.61 23.36
CA ARG A 650 24.52 -15.02 22.16
C ARG A 650 23.45 -14.70 21.13
N ASP A 651 22.20 -14.51 21.56
CA ASP A 651 21.10 -14.20 20.66
C ASP A 651 20.89 -12.69 20.59
N LEU A 652 20.58 -12.21 19.38
CA LEU A 652 20.47 -10.78 19.12
C LEU A 652 19.04 -10.28 19.20
N ASP A 653 18.22 -10.88 20.06
CA ASP A 653 16.91 -10.35 20.39
C ASP A 653 16.93 -9.78 21.80
N TRP A 654 15.89 -9.01 22.12
CA TRP A 654 15.70 -8.57 23.48
C TRP A 654 14.68 -9.42 24.23
N GLU A 655 14.01 -10.34 23.53
CA GLU A 655 13.05 -11.23 24.15
C GLU A 655 13.68 -12.56 24.55
N VAL A 656 14.63 -13.06 23.75
CA VAL A 656 15.24 -14.34 24.05
C VAL A 656 16.11 -14.23 25.30
N ARG A 657 16.87 -13.14 25.44
CA ARG A 657 17.65 -12.96 26.65
C ARG A 657 16.76 -12.84 27.87
N ALA A 658 15.59 -12.21 27.71
CA ALA A 658 14.66 -12.09 28.84
C ALA A 658 14.11 -13.45 29.24
N GLN A 659 13.67 -14.25 28.26
CA GLN A 659 13.20 -15.59 28.58
C GLN A 659 14.30 -16.44 29.18
N GLY A 660 15.56 -16.24 28.75
CA GLY A 660 16.66 -16.95 29.36
C GLY A 660 16.86 -16.56 30.81
N LEU A 661 16.73 -15.28 31.12
CA LEU A 661 16.79 -14.83 32.50
C LEU A 661 15.66 -15.42 33.33
N GLU A 662 14.46 -15.48 32.76
CA GLU A 662 13.34 -16.12 33.45
C GLU A 662 13.63 -17.59 33.72
N LEU A 663 14.21 -18.29 32.75
CA LEU A 663 14.58 -19.68 32.95
C LEU A 663 15.61 -19.81 34.06
N ALA A 664 16.58 -18.88 34.10
CA ALA A 664 17.54 -18.86 35.18
C ALA A 664 16.86 -18.67 36.53
N LEU A 665 15.83 -17.82 36.56
CA LEU A 665 15.10 -17.61 37.81
C LEU A 665 14.39 -18.88 38.25
N VAL A 666 13.75 -19.58 37.30
CA VAL A 666 13.07 -20.83 37.64
C VAL A 666 14.07 -21.85 38.17
N PHE A 667 15.23 -21.96 37.52
CA PHE A 667 16.23 -22.91 37.98
C PHE A 667 16.76 -22.53 39.35
N LEU A 668 16.97 -21.23 39.58
CA LEU A 668 17.41 -20.77 40.89
C LEU A 668 16.41 -21.15 41.96
N GLY A 669 15.13 -20.87 41.71
CA GLY A 669 14.10 -21.32 42.64
C GLY A 669 14.16 -22.81 42.90
N GLN A 670 14.46 -23.60 41.86
CA GLN A 670 14.56 -25.03 42.06
C GLN A 670 15.83 -25.44 42.79
N THR A 671 16.85 -24.58 42.84
CA THR A 671 18.07 -24.93 43.56
C THR A 671 17.91 -24.73 45.06
N LEU A 672 17.63 -23.49 45.47
CA LEU A 672 17.56 -23.15 46.89
C LEU A 672 16.14 -23.22 47.42
N PRO A 693 23.10 -26.72 52.97
CA PRO A 693 23.88 -27.36 51.89
C PRO A 693 23.97 -26.47 50.66
N LEU A 694 24.10 -25.16 50.87
CA LEU A 694 24.12 -24.21 49.76
C LEU A 694 25.36 -24.35 48.89
N THR A 695 26.41 -25.04 49.38
CA THR A 695 27.63 -25.15 48.61
C THR A 695 27.41 -25.92 47.31
N GLU A 696 26.75 -27.07 47.39
CA GLU A 696 26.45 -27.83 46.18
C GLU A 696 25.51 -27.07 45.26
N ALA A 697 24.56 -26.33 45.84
CA ALA A 697 23.65 -25.52 45.05
C ALA A 697 24.40 -24.49 44.22
N LEU A 698 25.30 -23.73 44.85
CA LEU A 698 26.06 -22.74 44.11
C LEU A 698 27.04 -23.42 43.14
N ARG A 699 27.55 -24.60 43.49
CA ARG A 699 28.42 -25.31 42.56
C ARG A 699 27.69 -25.64 41.27
N ALA A 700 26.45 -26.12 41.39
CA ALA A 700 25.64 -26.35 40.19
C ALA A 700 25.33 -25.05 39.48
N LEU A 701 24.94 -24.02 40.24
CA LEU A 701 24.58 -22.72 39.66
C LEU A 701 25.77 -22.02 39.00
N CYS A 702 26.99 -22.46 39.29
CA CYS A 702 28.17 -21.93 38.63
C CYS A 702 28.66 -22.82 37.51
N HIS A 703 28.46 -24.14 37.61
CA HIS A 703 28.78 -25.01 36.49
C HIS A 703 27.86 -24.76 35.31
N VAL A 704 26.59 -24.43 35.58
CA VAL A 704 25.69 -24.06 34.49
C VAL A 704 26.20 -22.80 33.82
N GLY A 705 26.71 -21.86 34.60
CA GLY A 705 27.28 -20.64 34.05
C GLY A 705 26.34 -19.46 34.07
N LEU A 706 25.65 -19.26 35.19
CA LEU A 706 24.75 -18.12 35.30
C LEU A 706 25.51 -16.82 35.56
N PHE A 707 26.72 -16.91 36.12
CA PHE A 707 27.48 -15.70 36.41
C PHE A 707 27.80 -14.93 35.14
N ASP A 708 28.28 -15.62 34.11
CA ASP A 708 28.62 -14.95 32.87
C ASP A 708 27.40 -14.27 32.26
N PHE A 709 26.32 -15.01 32.09
CA PHE A 709 25.09 -14.46 31.54
C PHE A 709 24.63 -13.23 32.33
N ALA A 710 24.59 -13.36 33.66
CA ALA A 710 24.10 -12.28 34.50
C ALA A 710 24.97 -11.04 34.35
N PHE A 711 26.27 -11.17 34.63
CA PHE A 711 27.14 -10.01 34.63
C PHE A 711 27.35 -9.43 33.23
N CYS A 712 27.05 -10.18 32.17
CA CYS A 712 27.18 -9.62 30.84
C CYS A 712 25.89 -8.99 30.33
N ALA A 713 24.73 -9.52 30.73
CA ALA A 713 23.47 -8.89 30.41
C ALA A 713 23.17 -7.71 31.30
N LEU A 714 23.87 -7.58 32.43
CA LEU A 714 23.65 -6.46 33.33
C LEU A 714 23.97 -5.13 32.64
N PHE A 715 25.23 -4.96 32.24
CA PHE A 715 25.65 -3.74 31.56
C PHE A 715 25.34 -3.87 30.06
N ASP A 716 24.05 -3.91 29.77
CA ASP A 716 23.58 -4.12 28.41
C ASP A 716 23.16 -2.79 27.78
N CYS A 717 22.69 -2.86 26.54
CA CYS A 717 22.28 -1.69 25.78
C CYS A 717 20.77 -1.57 25.65
N ASP A 718 20.01 -2.47 26.26
CA ASP A 718 18.55 -2.38 26.29
C ASP A 718 18.08 -2.29 27.73
N ARG A 719 16.95 -1.62 27.92
CA ARG A 719 16.42 -1.41 29.26
C ARG A 719 15.77 -2.66 29.85
N PRO A 720 14.91 -3.38 29.12
CA PRO A 720 14.24 -4.53 29.75
C PRO A 720 15.19 -5.62 30.20
N VAL A 721 16.23 -5.92 29.43
CA VAL A 721 17.15 -6.98 29.79
C VAL A 721 17.91 -6.62 31.06
N ALA A 722 18.45 -5.40 31.12
CA ALA A 722 19.13 -4.96 32.33
C ALA A 722 18.19 -4.95 33.51
N GLN A 723 16.94 -4.55 33.29
CA GLN A 723 15.96 -4.55 34.39
C GLN A 723 15.75 -5.96 34.94
N LYS A 724 15.54 -6.93 34.05
CA LYS A 724 15.32 -8.30 34.50
C LYS A 724 16.56 -8.86 35.19
N SER A 725 17.74 -8.52 34.69
CA SER A 725 18.97 -8.98 35.32
C SER A 725 19.14 -8.37 36.70
N CYS A 726 18.75 -7.10 36.85
CA CYS A 726 18.79 -6.47 38.17
C CYS A 726 17.83 -7.17 39.13
N ASP A 727 16.63 -7.50 38.64
CA ASP A 727 15.69 -8.26 39.45
C ASP A 727 16.31 -9.58 39.91
N LEU A 728 16.96 -10.31 39.00
CA LEU A 728 17.53 -11.59 39.34
C LEU A 728 18.66 -11.44 40.36
N LEU A 729 19.56 -10.48 40.13
CA LEU A 729 20.64 -10.25 41.08
C LEU A 729 20.10 -9.88 42.46
N LEU A 730 19.03 -9.09 42.50
CA LEU A 730 18.42 -8.75 43.78
C LEU A 730 17.90 -9.99 44.48
N PHE A 731 17.09 -10.79 43.79
CA PHE A 731 16.59 -12.05 44.34
C PHE A 731 17.73 -12.89 44.91
N LEU A 732 18.79 -13.05 44.12
CA LEU A 732 19.90 -13.89 44.53
C LEU A 732 20.60 -13.33 45.76
N ARG A 733 20.79 -12.00 45.80
CA ARG A 733 21.46 -11.42 46.96
C ARG A 733 20.61 -11.57 48.21
N ASP A 734 19.29 -11.38 48.08
CA ASP A 734 18.40 -11.63 49.21
C ASP A 734 18.61 -13.02 49.76
N LYS A 735 18.47 -14.04 48.91
CA LYS A 735 18.55 -15.41 49.41
C LYS A 735 19.93 -15.72 49.99
N ILE A 736 21.00 -15.31 49.30
CA ILE A 736 22.34 -15.71 49.72
C ILE A 736 22.76 -14.97 50.98
N ALA A 737 22.30 -13.72 51.16
CA ALA A 737 22.59 -13.00 52.39
C ALA A 737 21.72 -13.49 53.54
N SER A 738 20.53 -14.02 53.23
CA SER A 738 19.72 -14.62 54.27
C SER A 738 20.31 -15.94 54.75
N TYR A 739 20.98 -16.68 53.86
CA TYR A 739 21.58 -17.94 54.28
C TYR A 739 22.94 -17.73 54.96
N SER A 740 23.63 -16.64 54.65
CA SER A 740 24.95 -16.40 55.22
C SER A 740 24.86 -16.00 56.69
N GLN A 773 34.20 -22.08 45.71
CA GLN A 773 34.49 -20.83 46.39
C GLN A 773 33.64 -20.69 47.65
N GLU A 774 33.79 -19.56 48.34
CA GLU A 774 33.00 -19.26 49.52
C GLU A 774 31.92 -18.27 49.16
N PRO A 775 30.66 -18.51 49.53
CA PRO A 775 29.59 -17.57 49.19
C PRO A 775 29.82 -16.16 49.71
N GLU A 776 30.71 -15.98 50.69
CA GLU A 776 30.95 -14.66 51.27
C GLU A 776 31.55 -13.71 50.24
N ALA A 777 32.55 -14.18 49.48
CA ALA A 777 33.21 -13.31 48.52
C ALA A 777 32.27 -12.92 47.39
N VAL A 778 31.50 -13.87 46.86
CA VAL A 778 30.58 -13.54 45.77
C VAL A 778 29.42 -12.70 46.29
N LEU A 779 29.06 -12.85 47.56
CA LEU A 779 28.07 -11.95 48.14
C LEU A 779 28.61 -10.53 48.25
N ALA A 780 29.87 -10.40 48.66
CA ALA A 780 30.50 -9.08 48.66
C ALA A 780 30.55 -8.49 47.26
N MET A 781 30.77 -9.35 46.25
CA MET A 781 30.77 -8.88 44.87
C MET A 781 29.39 -8.37 44.46
N LEU A 782 28.35 -9.18 44.70
CA LEU A 782 26.99 -8.75 44.40
C LEU A 782 26.58 -7.52 45.20
N ARG A 783 27.25 -7.26 46.33
CA ARG A 783 27.04 -6.02 47.07
C ARG A 783 27.84 -4.87 46.51
N SER A 784 28.94 -5.15 45.80
CA SER A 784 29.83 -4.09 45.35
C SER A 784 29.11 -3.07 44.49
N LEU A 785 28.33 -3.55 43.52
CA LEU A 785 27.55 -2.65 42.68
C LEU A 785 26.25 -2.28 43.39
N ASP A 786 25.89 -1.00 43.30
CA ASP A 786 24.69 -0.51 43.97
C ASP A 786 23.46 -0.97 43.20
N LEU A 787 23.00 -2.20 43.46
CA LEU A 787 21.82 -2.71 42.79
C LEU A 787 20.60 -1.85 43.06
N GLU A 788 20.60 -1.10 44.16
CA GLU A 788 19.46 -0.23 44.47
C GLU A 788 19.44 0.98 43.55
N GLY A 789 20.54 1.74 43.52
CA GLY A 789 20.64 2.81 42.54
C GLY A 789 20.57 2.31 41.12
N LEU A 790 21.07 1.09 40.88
CA LEU A 790 20.98 0.51 39.55
C LEU A 790 19.52 0.33 39.13
N ARG A 791 18.73 -0.37 39.97
CA ARG A 791 17.33 -0.56 39.62
C ARG A 791 16.56 0.75 39.58
N SER A 792 16.98 1.74 40.38
CA SER A 792 16.36 3.06 40.30
C SER A 792 16.60 3.68 38.94
N THR A 793 17.83 3.61 38.44
CA THR A 793 18.14 4.13 37.12
C THR A 793 17.40 3.37 36.03
N LEU A 794 17.41 2.03 36.10
CA LEU A 794 16.86 1.21 35.03
C LEU A 794 15.35 1.21 35.01
N ALA A 795 14.69 1.42 36.15
CA ALA A 795 13.23 1.47 36.19
C ALA A 795 12.67 2.76 35.63
N GLU A 796 13.52 3.63 35.07
CA GLU A 796 13.09 4.89 34.51
C GLU A 796 12.58 4.69 33.08
N SER A 797 12.01 5.75 32.52
CA SER A 797 11.68 5.79 31.11
C SER A 797 12.93 6.13 30.30
N SER A 798 13.00 5.60 29.08
CA SER A 798 14.20 5.77 28.28
C SER A 798 14.37 7.19 27.74
N ASP A 799 13.53 8.14 28.16
CA ASP A 799 13.67 9.53 27.76
C ASP A 799 13.75 10.45 28.97
N HIS A 800 14.20 9.93 30.11
CA HIS A 800 14.41 10.78 31.27
C HIS A 800 15.51 11.80 31.05
N VAL A 801 16.18 11.77 29.89
CA VAL A 801 17.16 12.79 29.52
C VAL A 801 16.76 13.55 28.26
N GLU A 802 15.83 13.04 27.45
CA GLU A 802 15.46 13.68 26.20
C GLU A 802 14.08 14.32 26.22
N LYS A 803 13.18 13.87 27.09
CA LYS A 803 11.88 14.53 27.22
C LYS A 803 11.95 15.76 28.11
N SER A 804 12.96 15.86 28.96
CA SER A 804 13.13 16.97 29.89
C SER A 804 12.93 18.31 29.18
N PRO A 805 11.94 19.11 29.57
CA PRO A 805 11.67 20.38 28.87
C PRO A 805 12.88 21.28 28.77
N GLN A 806 13.87 21.11 29.64
CA GLN A 806 15.13 21.83 29.47
C GLN A 806 15.79 21.46 28.15
N SER A 807 15.84 20.16 27.85
CA SER A 807 16.37 19.73 26.56
C SER A 807 15.47 20.18 25.42
N LEU A 808 14.16 20.23 25.65
CA LEU A 808 13.25 20.75 24.62
C LEU A 808 13.58 22.19 24.27
N LEU A 809 13.81 23.02 25.30
CA LEU A 809 14.13 24.42 25.06
C LEU A 809 15.50 24.57 24.40
N GLN A 810 16.49 23.82 24.89
CA GLN A 810 17.81 23.84 24.27
C GLN A 810 17.72 23.46 22.79
N ASP A 811 16.92 22.44 22.47
CA ASP A 811 16.68 22.05 21.09
C ASP A 811 16.07 23.21 20.30
N MET A 812 14.96 23.75 20.80
CA MET A 812 14.23 24.75 20.02
C MET A 812 15.05 26.02 19.83
N LEU A 813 15.99 26.32 20.73
CA LEU A 813 16.84 27.48 20.53
C LEU A 813 18.09 27.16 19.72
N ALA A 814 18.49 25.88 19.65
CA ALA A 814 19.65 25.52 18.83
C ALA A 814 19.42 25.85 17.37
N THR A 815 18.22 25.61 16.86
CA THR A 815 17.88 25.97 15.49
C THR A 815 17.59 27.46 15.39
N MET B 1 -30.73 -16.81 -40.24
CA MET B 1 -32.11 -16.80 -39.76
C MET B 1 -32.47 -18.10 -39.06
N LYS B 2 -32.57 -19.18 -39.82
CA LYS B 2 -32.93 -20.47 -39.23
C LYS B 2 -31.75 -21.01 -38.41
N LEU B 3 -32.06 -21.94 -37.52
CA LEU B 3 -31.04 -22.52 -36.66
C LEU B 3 -31.35 -23.98 -36.41
N TYR B 4 -30.37 -24.85 -36.69
CA TYR B 4 -30.43 -26.24 -36.30
C TYR B 4 -29.42 -26.49 -35.19
N CYS B 5 -29.77 -27.39 -34.28
CA CYS B 5 -28.93 -27.68 -33.12
C CYS B 5 -28.62 -29.17 -33.15
N LEU B 6 -27.47 -29.50 -33.72
CA LEU B 6 -27.08 -30.87 -34.02
C LEU B 6 -26.42 -31.57 -32.86
N SER B 7 -26.47 -30.99 -31.66
CA SER B 7 -25.98 -31.63 -30.45
C SER B 7 -26.58 -30.91 -29.26
N GLY B 8 -26.63 -31.60 -28.13
CA GLY B 8 -27.30 -31.08 -26.96
C GLY B 8 -26.41 -30.85 -25.76
N HIS B 9 -25.28 -31.55 -25.72
CA HIS B 9 -24.35 -31.40 -24.61
C HIS B 9 -23.98 -29.93 -24.43
N PRO B 10 -23.93 -29.42 -23.20
CA PRO B 10 -23.78 -27.97 -23.03
C PRO B 10 -22.41 -27.44 -23.41
N THR B 11 -21.35 -28.14 -22.99
CA THR B 11 -20.00 -27.65 -23.25
C THR B 11 -19.51 -27.99 -24.65
N LEU B 12 -20.11 -29.01 -25.29
CA LEU B 12 -19.67 -29.50 -26.59
C LEU B 12 -20.83 -29.36 -27.59
N PRO B 13 -21.14 -28.15 -28.02
CA PRO B 13 -22.30 -27.92 -28.87
C PRO B 13 -22.00 -28.29 -30.33
N CYS B 14 -23.00 -28.05 -31.18
CA CYS B 14 -22.83 -28.09 -32.64
C CYS B 14 -24.00 -27.30 -33.22
N ASN B 15 -23.75 -26.06 -33.63
CA ASN B 15 -24.84 -25.15 -33.98
C ASN B 15 -24.74 -24.74 -35.44
N VAL B 16 -25.78 -25.08 -36.22
CA VAL B 16 -25.81 -24.79 -37.65
C VAL B 16 -26.73 -23.59 -37.85
N LEU B 17 -26.14 -22.42 -38.06
CA LEU B 17 -26.89 -21.24 -38.40
C LEU B 17 -27.08 -21.19 -39.91
N LYS B 18 -28.30 -20.87 -40.34
CA LYS B 18 -28.66 -20.86 -41.75
C LYS B 18 -29.18 -19.48 -42.10
N PHE B 19 -28.43 -18.76 -42.93
CA PHE B 19 -28.81 -17.44 -43.41
C PHE B 19 -29.65 -17.58 -44.68
N LYS B 20 -29.87 -16.46 -45.37
CA LYS B 20 -30.46 -16.50 -46.70
C LYS B 20 -29.72 -17.47 -47.61
N SER B 21 -28.43 -17.25 -47.81
CA SER B 21 -27.60 -18.10 -48.63
C SER B 21 -26.56 -18.86 -47.82
N THR B 22 -25.75 -18.15 -47.06
CA THR B 22 -24.69 -18.79 -46.28
C THR B 22 -25.28 -19.71 -45.22
N THR B 23 -24.54 -20.78 -44.92
CA THR B 23 -24.91 -21.74 -43.87
C THR B 23 -23.66 -22.00 -43.04
N ILE B 24 -23.53 -21.31 -41.92
CA ILE B 24 -22.34 -21.40 -41.08
C ILE B 24 -22.54 -22.51 -40.04
N MET B 25 -21.47 -23.21 -39.73
CA MET B 25 -21.44 -24.19 -38.67
C MET B 25 -20.58 -23.67 -37.52
N LEU B 26 -20.91 -24.10 -36.31
CA LEU B 26 -20.19 -23.65 -35.13
C LEU B 26 -19.87 -24.85 -34.24
N ASP B 27 -18.58 -25.00 -33.93
CA ASP B 27 -18.07 -25.84 -32.85
C ASP B 27 -18.45 -27.32 -33.02
N CYS B 28 -17.83 -27.94 -34.03
CA CYS B 28 -18.01 -29.38 -34.21
C CYS B 28 -17.49 -30.13 -32.99
N GLY B 29 -18.38 -30.64 -32.15
CA GLY B 29 -18.02 -31.19 -30.85
C GLY B 29 -18.24 -32.68 -30.73
N LEU B 30 -17.38 -33.34 -29.97
CA LEU B 30 -17.47 -34.76 -29.68
C LEU B 30 -17.90 -34.97 -28.24
N ASP B 31 -18.79 -35.92 -28.03
CA ASP B 31 -19.34 -36.23 -26.70
C ASP B 31 -18.75 -37.55 -26.24
N MET B 32 -17.60 -37.48 -25.57
CA MET B 32 -16.92 -38.68 -25.09
C MET B 32 -17.64 -39.34 -23.92
N THR B 33 -18.70 -38.74 -23.37
CA THR B 33 -19.35 -39.30 -22.20
C THR B 33 -19.96 -40.66 -22.49
N SER B 34 -20.43 -40.88 -23.72
CA SER B 34 -20.92 -42.20 -24.12
C SER B 34 -19.83 -43.25 -23.91
N THR B 35 -18.58 -42.89 -24.21
CA THR B 35 -17.47 -43.81 -24.01
C THR B 35 -17.40 -44.34 -22.58
N LEU B 36 -18.04 -43.66 -21.63
CA LEU B 36 -18.02 -44.11 -20.25
C LEU B 36 -18.77 -45.43 -20.05
N ASN B 37 -19.48 -45.94 -21.06
CA ASN B 37 -20.30 -47.13 -20.89
C ASN B 37 -19.55 -48.44 -21.09
N PHE B 38 -18.38 -48.41 -21.73
CA PHE B 38 -17.69 -49.60 -22.16
C PHE B 38 -16.72 -50.08 -21.09
N LEU B 39 -15.83 -51.01 -21.43
CA LEU B 39 -14.81 -51.53 -20.52
C LEU B 39 -13.46 -50.89 -20.82
N PRO B 40 -12.50 -50.96 -19.88
CA PRO B 40 -11.16 -50.42 -20.13
C PRO B 40 -10.43 -51.16 -21.24
N LEU B 41 -9.24 -50.69 -21.59
CA LEU B 41 -8.40 -51.30 -22.63
C LEU B 41 -7.09 -51.76 -22.00
N PRO B 42 -7.10 -52.88 -21.26
CA PRO B 42 -5.89 -53.39 -20.60
C PRO B 42 -4.82 -53.85 -21.60
N LYS B 69 -20.47 -56.75 -19.63
CA LYS B 69 -20.57 -57.39 -18.33
C LYS B 69 -21.32 -56.53 -17.33
N GLU B 70 -21.42 -57.02 -16.10
CA GLU B 70 -22.09 -56.32 -15.01
C GLU B 70 -21.04 -55.69 -14.11
N CYS B 71 -20.59 -54.51 -14.52
CA CYS B 71 -19.64 -53.73 -13.73
C CYS B 71 -20.35 -53.20 -12.50
N SER B 72 -20.11 -53.83 -11.35
CA SER B 72 -20.76 -53.47 -10.09
C SER B 72 -22.28 -53.46 -10.22
N GLY B 73 -22.80 -54.23 -11.17
CA GLY B 73 -24.23 -54.27 -11.41
C GLY B 73 -24.73 -53.35 -12.50
N HIS B 74 -23.87 -52.89 -13.40
CA HIS B 74 -24.27 -52.07 -14.53
C HIS B 74 -23.88 -52.75 -15.82
N VAL B 75 -24.71 -52.58 -16.84
CA VAL B 75 -24.55 -53.28 -18.12
C VAL B 75 -23.58 -52.48 -18.98
N PHE B 76 -22.43 -53.08 -19.28
CA PHE B 76 -21.38 -52.42 -20.04
C PHE B 76 -21.09 -53.19 -21.31
N VAL B 77 -21.07 -52.49 -22.45
CA VAL B 77 -20.84 -53.10 -23.74
C VAL B 77 -19.34 -53.25 -24.00
N ASP B 78 -18.79 -54.40 -23.63
CA ASP B 78 -17.35 -54.62 -23.79
C ASP B 78 -17.00 -54.75 -25.26
N SER B 79 -16.56 -53.65 -25.86
CA SER B 79 -16.19 -53.62 -27.26
C SER B 79 -15.11 -52.55 -27.44
N VAL B 80 -14.87 -52.15 -28.69
CA VAL B 80 -13.99 -51.00 -28.93
C VAL B 80 -14.66 -49.74 -28.39
N PRO B 81 -13.92 -48.84 -27.73
CA PRO B 81 -14.53 -47.57 -27.30
C PRO B 81 -15.13 -46.84 -28.48
N GLU B 82 -16.22 -46.13 -28.22
CA GLU B 82 -16.98 -45.46 -29.26
C GLU B 82 -17.22 -44.01 -28.87
N PHE B 83 -17.53 -43.19 -29.87
CA PHE B 83 -17.72 -41.76 -29.70
C PHE B 83 -19.01 -41.34 -30.40
N CYS B 84 -19.87 -40.62 -29.68
CA CYS B 84 -21.14 -40.18 -30.23
C CYS B 84 -20.91 -39.03 -31.20
N LEU B 85 -21.16 -39.27 -32.47
CA LEU B 85 -21.14 -38.19 -33.44
C LEU B 85 -22.40 -37.33 -33.27
N PRO B 86 -22.32 -36.05 -33.60
CA PRO B 86 -23.52 -35.20 -33.50
C PRO B 86 -24.58 -35.58 -34.50
N GLU B 87 -25.68 -34.83 -34.56
CA GLU B 87 -26.66 -35.07 -35.60
C GLU B 87 -26.08 -34.70 -36.95
N THR B 88 -26.43 -35.48 -37.96
CA THR B 88 -26.08 -35.16 -39.33
C THR B 88 -27.27 -35.28 -40.28
N GLU B 89 -28.16 -36.25 -40.05
CA GLU B 89 -29.30 -36.49 -40.93
C GLU B 89 -30.21 -35.27 -41.03
N LEU B 90 -30.20 -34.39 -40.02
CA LEU B 90 -31.13 -33.27 -40.01
C LEU B 90 -30.89 -32.33 -41.18
N ILE B 91 -29.62 -32.05 -41.49
CA ILE B 91 -29.25 -31.17 -42.60
C ILE B 91 -28.07 -31.78 -43.32
N ASP B 92 -28.16 -31.85 -44.65
CA ASP B 92 -27.09 -32.42 -45.47
C ASP B 92 -25.76 -31.75 -45.17
N LEU B 93 -24.80 -32.55 -44.73
CA LEU B 93 -23.54 -32.04 -44.23
C LEU B 93 -22.57 -31.63 -45.33
N SER B 94 -22.94 -31.84 -46.60
CA SER B 94 -22.12 -31.34 -47.69
C SER B 94 -22.43 -29.89 -48.01
N THR B 95 -23.70 -29.49 -47.92
CA THR B 95 -24.11 -28.15 -48.28
C THR B 95 -23.76 -27.10 -47.23
N VAL B 96 -23.28 -27.51 -46.05
CA VAL B 96 -22.79 -26.53 -45.09
C VAL B 96 -21.63 -25.76 -45.72
N ASP B 97 -21.47 -24.51 -45.31
CA ASP B 97 -20.53 -23.61 -45.96
C ASP B 97 -19.21 -23.47 -45.20
N VAL B 98 -19.27 -23.02 -43.95
CA VAL B 98 -18.08 -22.71 -43.19
C VAL B 98 -18.22 -23.29 -41.79
N ILE B 99 -17.10 -23.70 -41.22
CA ILE B 99 -17.05 -24.32 -39.91
C ILE B 99 -16.03 -23.55 -39.08
N LEU B 100 -16.50 -22.74 -38.15
CA LEU B 100 -15.61 -22.07 -37.22
C LEU B 100 -15.21 -23.04 -36.11
N ILE B 101 -14.40 -22.54 -35.17
CA ILE B 101 -13.95 -23.33 -34.03
C ILE B 101 -13.60 -22.37 -32.90
N SER B 102 -14.09 -22.65 -31.71
CA SER B 102 -13.86 -21.78 -30.56
C SER B 102 -12.59 -22.13 -29.80
N ASN B 103 -12.35 -23.41 -29.57
CA ASN B 103 -11.19 -23.86 -28.81
C ASN B 103 -10.98 -25.34 -29.08
N TYR B 104 -9.92 -25.89 -28.50
CA TYR B 104 -9.53 -27.25 -28.83
C TYR B 104 -10.54 -28.28 -28.33
N HIS B 105 -11.24 -27.99 -27.24
CA HIS B 105 -12.23 -28.95 -26.73
C HIS B 105 -13.36 -29.20 -27.71
N CYS B 106 -13.56 -28.31 -28.67
CA CYS B 106 -14.69 -28.40 -29.60
C CYS B 106 -14.22 -28.73 -31.02
N MET B 107 -13.20 -29.57 -31.15
CA MET B 107 -12.75 -29.97 -32.48
C MET B 107 -12.40 -31.45 -32.59
N MET B 108 -12.48 -32.22 -31.51
CA MET B 108 -12.09 -33.63 -31.58
C MET B 108 -12.99 -34.46 -32.48
N ALA B 109 -14.05 -33.87 -33.04
CA ALA B 109 -14.92 -34.56 -33.98
C ALA B 109 -14.78 -34.05 -35.40
N LEU B 110 -13.68 -33.35 -35.69
CA LEU B 110 -13.43 -32.77 -37.00
C LEU B 110 -13.20 -33.83 -38.07
N PRO B 111 -12.37 -34.86 -37.83
CA PRO B 111 -12.19 -35.89 -38.86
C PRO B 111 -13.47 -36.41 -39.50
N TYR B 112 -14.43 -36.84 -38.69
CA TYR B 112 -15.66 -37.41 -39.23
C TYR B 112 -16.37 -36.41 -40.12
N ILE B 113 -16.52 -35.18 -39.64
CA ILE B 113 -17.34 -34.21 -40.34
C ILE B 113 -16.67 -33.74 -41.62
N THR B 114 -15.34 -33.69 -41.63
CA THR B 114 -14.65 -33.26 -42.84
C THR B 114 -14.34 -34.39 -43.82
N GLU B 115 -14.50 -35.65 -43.42
CA GLU B 115 -14.21 -36.74 -44.34
C GLU B 115 -15.43 -37.57 -44.71
N HIS B 116 -16.15 -38.13 -43.73
CA HIS B 116 -17.09 -39.21 -44.00
C HIS B 116 -18.32 -38.77 -44.80
N THR B 117 -18.48 -37.50 -45.15
CA THR B 117 -19.68 -37.05 -45.84
C THR B 117 -19.42 -36.29 -47.13
N GLY B 118 -18.19 -35.82 -47.37
CA GLY B 118 -17.90 -35.09 -48.58
C GLY B 118 -17.92 -33.58 -48.45
N PHE B 119 -17.90 -33.06 -47.23
CA PHE B 119 -17.85 -31.61 -47.02
C PHE B 119 -16.71 -30.99 -47.82
N THR B 120 -16.95 -29.77 -48.32
CA THR B 120 -16.02 -29.15 -49.26
C THR B 120 -15.56 -27.76 -48.86
N GLY B 121 -16.28 -27.06 -47.98
CA GLY B 121 -15.93 -25.70 -47.65
C GLY B 121 -14.64 -25.57 -46.86
N THR B 122 -14.42 -24.41 -46.25
CA THR B 122 -13.23 -24.14 -45.47
C THR B 122 -13.55 -24.13 -43.99
N VAL B 123 -12.50 -24.18 -43.17
CA VAL B 123 -12.65 -24.15 -41.71
C VAL B 123 -11.60 -23.19 -41.16
N TYR B 124 -12.05 -22.17 -40.43
CA TYR B 124 -11.14 -21.18 -39.87
C TYR B 124 -10.93 -21.47 -38.39
N ALA B 125 -9.78 -21.03 -37.88
CA ALA B 125 -9.43 -21.21 -36.48
C ALA B 125 -8.26 -20.30 -36.15
N THR B 126 -7.70 -20.48 -34.95
CA THR B 126 -6.53 -19.74 -34.51
C THR B 126 -5.33 -20.68 -34.45
N GLU B 127 -4.14 -20.09 -34.25
CA GLU B 127 -2.92 -20.89 -34.26
C GLU B 127 -2.82 -21.83 -33.07
N PRO B 128 -2.81 -21.36 -31.82
CA PRO B 128 -2.67 -22.30 -30.71
C PRO B 128 -3.82 -23.27 -30.62
N THR B 129 -5.01 -22.87 -31.06
CA THR B 129 -6.14 -23.79 -31.13
C THR B 129 -5.79 -25.01 -31.96
N VAL B 130 -5.28 -24.81 -33.17
CA VAL B 130 -5.01 -25.95 -34.03
C VAL B 130 -3.80 -26.73 -33.52
N GLN B 131 -2.82 -26.06 -32.92
CA GLN B 131 -1.69 -26.79 -32.36
C GLN B 131 -2.14 -27.73 -31.25
N ILE B 132 -2.95 -27.22 -30.32
CA ILE B 132 -3.38 -28.04 -29.20
C ILE B 132 -4.36 -29.11 -29.66
N GLY B 133 -5.19 -28.80 -30.65
CA GLY B 133 -6.04 -29.84 -31.23
C GLY B 133 -5.24 -30.95 -31.87
N ARG B 134 -4.13 -30.58 -32.53
CA ARG B 134 -3.19 -31.59 -33.02
C ARG B 134 -2.69 -32.46 -31.88
N LEU B 135 -2.24 -31.83 -30.78
CA LEU B 135 -1.72 -32.60 -29.66
C LEU B 135 -2.75 -33.58 -29.13
N LEU B 136 -3.98 -33.11 -28.92
CA LEU B 136 -5.00 -33.98 -28.32
C LEU B 136 -5.44 -35.07 -29.30
N MET B 137 -5.60 -34.74 -30.58
CA MET B 137 -5.94 -35.76 -31.56
C MET B 137 -4.87 -36.83 -31.63
N GLU B 138 -3.60 -36.43 -31.64
CA GLU B 138 -2.52 -37.41 -31.67
C GLU B 138 -2.54 -38.29 -30.43
N GLU B 139 -2.76 -37.69 -29.26
CA GLU B 139 -2.82 -38.49 -28.04
C GLU B 139 -3.96 -39.51 -28.11
N LEU B 140 -5.12 -39.10 -28.62
CA LEU B 140 -6.25 -40.01 -28.68
C LEU B 140 -5.99 -41.15 -29.67
N VAL B 141 -5.49 -40.82 -30.87
CA VAL B 141 -5.24 -41.88 -31.84
C VAL B 141 -4.13 -42.80 -31.35
N ASN B 142 -3.16 -42.26 -30.61
CA ASN B 142 -2.14 -43.12 -30.01
C ASN B 142 -2.76 -44.08 -29.01
N PHE B 143 -3.64 -43.56 -28.13
CA PHE B 143 -4.24 -44.41 -27.12
C PHE B 143 -5.22 -45.42 -27.70
N ILE B 144 -5.67 -45.21 -28.94
CA ILE B 144 -6.58 -46.18 -29.55
C ILE B 144 -5.83 -47.17 -30.44
N GLU B 145 -4.72 -46.73 -31.04
CA GLU B 145 -3.98 -47.61 -31.95
C GLU B 145 -2.93 -48.45 -31.22
N ARG B 146 -2.15 -47.85 -30.33
CA ARG B 146 -1.18 -48.60 -29.55
C ARG B 146 -1.81 -49.83 -28.92
N VAL B 147 -2.98 -49.65 -28.30
CA VAL B 147 -3.73 -50.78 -27.75
C VAL B 147 -4.41 -51.50 -28.89
N PRO B 148 -4.08 -52.78 -29.13
CA PRO B 148 -4.71 -53.55 -30.21
C PRO B 148 -6.11 -54.04 -29.83
N LEU B 155 -23.55 -55.21 -29.89
CA LEU B 155 -24.23 -56.39 -29.35
C LEU B 155 -25.37 -55.98 -28.43
N TRP B 156 -25.29 -54.76 -27.90
CA TRP B 156 -26.31 -54.23 -27.01
C TRP B 156 -26.95 -52.95 -27.53
N LYS B 157 -26.61 -52.53 -28.75
CA LYS B 157 -27.12 -51.28 -29.31
C LYS B 157 -28.46 -51.46 -30.01
N ASN B 158 -29.17 -52.55 -29.77
CA ASN B 158 -30.47 -52.73 -30.41
C ASN B 158 -31.55 -51.98 -29.65
N LYS B 159 -32.68 -51.75 -30.32
CA LYS B 159 -33.78 -50.99 -29.72
C LYS B 159 -34.34 -51.71 -28.51
N ASP B 160 -34.92 -52.90 -28.72
CA ASP B 160 -35.51 -53.64 -27.62
C ASP B 160 -34.45 -54.27 -26.72
N ILE B 161 -33.31 -54.67 -27.29
CA ILE B 161 -32.27 -55.29 -26.48
C ILE B 161 -31.68 -54.30 -25.50
N GLN B 162 -31.75 -53.00 -25.80
CA GLN B 162 -31.36 -51.97 -24.86
C GLN B 162 -32.51 -51.57 -23.94
N ARG B 163 -33.70 -51.34 -24.50
CA ARG B 163 -34.85 -51.00 -23.68
C ARG B 163 -35.18 -52.09 -22.66
N LEU B 164 -34.61 -53.29 -22.82
CA LEU B 164 -34.68 -54.33 -21.82
C LEU B 164 -33.35 -54.57 -21.10
N LEU B 165 -32.26 -53.97 -21.60
CA LEU B 165 -30.98 -54.10 -20.94
C LEU B 165 -30.97 -53.33 -19.62
N PRO B 166 -30.16 -53.75 -18.66
CA PRO B 166 -30.13 -53.06 -17.37
C PRO B 166 -29.62 -51.63 -17.49
N SER B 167 -29.92 -50.84 -16.47
CA SER B 167 -29.49 -49.46 -16.43
C SER B 167 -28.03 -49.36 -15.97
N PRO B 168 -27.30 -48.34 -16.45
CA PRO B 168 -27.72 -47.24 -17.31
C PRO B 168 -27.38 -47.45 -18.78
N LEU B 169 -27.28 -48.72 -19.21
CA LEU B 169 -27.08 -48.99 -20.62
C LEU B 169 -28.26 -48.50 -21.44
N LYS B 170 -29.49 -48.71 -20.95
CA LYS B 170 -30.67 -48.17 -21.60
C LYS B 170 -30.79 -46.66 -21.41
N ASP B 171 -30.07 -46.10 -20.43
CA ASP B 171 -30.14 -44.66 -20.20
C ASP B 171 -29.48 -43.85 -21.31
N ALA B 172 -28.72 -44.50 -22.19
CA ALA B 172 -28.11 -43.81 -23.31
C ALA B 172 -29.18 -43.31 -24.28
N VAL B 173 -28.75 -42.50 -25.24
CA VAL B 173 -29.65 -41.90 -26.21
C VAL B 173 -29.00 -41.88 -27.58
N GLU B 174 -29.81 -42.12 -28.61
CA GLU B 174 -29.36 -42.06 -30.01
C GLU B 174 -28.15 -42.97 -30.25
N VAL B 175 -28.39 -44.27 -30.10
CA VAL B 175 -27.32 -45.26 -30.12
C VAL B 175 -27.15 -45.75 -31.55
N SER B 176 -27.74 -45.04 -32.50
CA SER B 176 -27.69 -45.41 -33.91
C SER B 176 -26.59 -44.68 -34.68
N THR B 177 -26.43 -43.38 -34.48
CA THR B 177 -25.51 -42.57 -35.26
C THR B 177 -24.09 -42.58 -34.71
N TRP B 178 -23.73 -43.56 -33.89
CA TRP B 178 -22.39 -43.62 -33.33
C TRP B 178 -21.38 -43.98 -34.42
N ARG B 179 -20.10 -43.80 -34.10
CA ARG B 179 -19.02 -44.07 -35.03
C ARG B 179 -17.81 -44.60 -34.27
N ARG B 180 -16.98 -45.37 -34.97
CA ARG B 180 -15.76 -45.86 -34.38
C ARG B 180 -14.67 -44.79 -34.44
N CYS B 181 -13.53 -45.09 -33.83
CA CYS B 181 -12.45 -44.11 -33.73
C CYS B 181 -11.82 -43.85 -35.10
N TYR B 182 -11.53 -42.58 -35.38
CA TYR B 182 -10.93 -42.20 -36.65
C TYR B 182 -9.46 -42.59 -36.68
N THR B 183 -8.82 -42.33 -37.82
CA THR B 183 -7.44 -42.74 -38.07
C THR B 183 -6.56 -41.54 -38.33
N MET B 184 -5.25 -41.75 -38.20
CA MET B 184 -4.29 -40.64 -38.28
C MET B 184 -4.36 -39.94 -39.62
N GLN B 185 -4.58 -40.70 -40.70
CA GLN B 185 -4.71 -40.08 -42.02
C GLN B 185 -5.81 -39.04 -42.03
N GLU B 186 -6.95 -39.34 -41.40
CA GLU B 186 -8.03 -38.37 -41.32
C GLU B 186 -7.61 -37.15 -40.50
N VAL B 187 -6.84 -37.37 -39.42
CA VAL B 187 -6.34 -36.27 -38.61
C VAL B 187 -5.54 -35.31 -39.48
N ASN B 188 -4.59 -35.84 -40.25
CA ASN B 188 -3.73 -34.99 -41.07
C ASN B 188 -4.53 -34.33 -42.19
N SER B 189 -5.45 -35.07 -42.81
CA SER B 189 -6.27 -34.49 -43.87
C SER B 189 -7.15 -33.37 -43.35
N ALA B 190 -7.61 -33.46 -42.09
CA ALA B 190 -8.42 -32.40 -41.52
C ALA B 190 -7.56 -31.20 -41.15
N LEU B 191 -6.38 -31.44 -40.58
CA LEU B 191 -5.47 -30.34 -40.30
C LEU B 191 -5.01 -29.65 -41.58
N SER B 192 -5.09 -30.33 -42.72
CA SER B 192 -4.75 -29.70 -43.99
C SER B 192 -5.65 -28.50 -44.27
N LYS B 193 -6.93 -28.60 -43.95
CA LYS B 193 -7.92 -27.62 -44.40
C LYS B 193 -8.16 -26.48 -43.42
N ILE B 194 -7.52 -26.48 -42.26
CA ILE B 194 -7.78 -25.46 -41.25
C ILE B 194 -6.90 -24.25 -41.51
N GLN B 195 -7.52 -23.09 -41.61
CA GLN B 195 -6.83 -21.84 -41.92
C GLN B 195 -6.70 -21.00 -40.65
N LEU B 196 -5.48 -20.57 -40.37
CA LEU B 196 -5.19 -19.81 -39.17
C LEU B 196 -5.68 -18.37 -39.31
N VAL B 197 -6.20 -17.83 -38.22
CA VAL B 197 -6.69 -16.45 -38.18
C VAL B 197 -6.14 -15.79 -36.92
N GLY B 198 -5.50 -14.63 -37.10
CA GLY B 198 -5.04 -13.86 -35.97
C GLY B 198 -6.19 -13.25 -35.19
N TYR B 199 -5.83 -12.65 -34.05
CA TYR B 199 -6.84 -12.03 -33.20
C TYR B 199 -7.49 -10.85 -33.90
N SER B 200 -8.83 -10.80 -33.82
CA SER B 200 -9.63 -9.66 -34.27
C SER B 200 -9.46 -9.34 -35.75
N GLN B 201 -9.02 -10.30 -36.55
CA GLN B 201 -9.01 -10.09 -37.99
C GLN B 201 -10.44 -10.16 -38.54
N LYS B 202 -10.56 -9.97 -39.85
CA LYS B 202 -11.87 -9.90 -40.50
C LYS B 202 -11.84 -10.68 -41.80
N ILE B 203 -12.95 -11.35 -42.10
CA ILE B 203 -13.07 -12.26 -43.23
C ILE B 203 -14.42 -12.01 -43.91
N GLU B 204 -14.44 -12.12 -45.23
CA GLU B 204 -15.64 -11.94 -46.03
C GLU B 204 -16.01 -13.25 -46.72
N LEU B 205 -17.17 -13.25 -47.35
CA LEU B 205 -17.69 -14.45 -48.02
C LEU B 205 -18.39 -14.00 -49.31
N PHE B 206 -19.16 -14.91 -49.90
CA PHE B 206 -19.87 -14.64 -51.15
C PHE B 206 -20.78 -13.43 -50.99
N GLY B 207 -21.78 -13.54 -50.13
CA GLY B 207 -22.54 -12.38 -49.71
C GLY B 207 -21.72 -11.50 -48.80
N ALA B 208 -22.20 -10.27 -48.60
CA ALA B 208 -21.50 -9.34 -47.72
C ALA B 208 -21.72 -9.73 -46.27
N VAL B 209 -21.26 -10.91 -45.88
CA VAL B 209 -21.45 -11.43 -44.54
C VAL B 209 -20.07 -11.55 -43.91
N GLN B 210 -19.63 -10.50 -43.23
CA GLN B 210 -18.35 -10.54 -42.55
C GLN B 210 -18.43 -11.44 -41.32
N VAL B 211 -17.30 -12.03 -40.97
CA VAL B 211 -17.16 -12.78 -39.72
C VAL B 211 -15.86 -12.35 -39.06
N THR B 212 -15.84 -12.42 -37.72
CA THR B 212 -14.63 -11.99 -37.03
C THR B 212 -14.48 -12.63 -35.66
N PRO B 213 -13.29 -13.15 -35.34
CA PRO B 213 -13.08 -13.76 -34.02
C PRO B 213 -12.46 -12.79 -33.02
N LEU B 214 -12.92 -12.87 -31.78
CA LEU B 214 -12.41 -12.07 -30.67
C LEU B 214 -12.04 -13.00 -29.52
N SER B 215 -10.87 -12.79 -28.95
CA SER B 215 -10.41 -13.64 -27.86
C SER B 215 -11.38 -13.57 -26.68
N SER B 216 -11.36 -14.63 -25.86
CA SER B 216 -12.26 -14.71 -24.72
C SER B 216 -11.61 -15.25 -23.46
N GLY B 217 -10.28 -15.20 -23.35
CA GLY B 217 -9.59 -15.49 -22.10
C GLY B 217 -9.76 -16.88 -21.55
N TYR B 218 -10.52 -17.76 -22.20
CA TYR B 218 -10.69 -19.11 -21.68
C TYR B 218 -9.37 -19.87 -21.65
N ALA B 219 -8.82 -20.15 -22.82
CA ALA B 219 -7.60 -20.92 -22.96
C ALA B 219 -6.55 -20.09 -23.68
N LEU B 220 -5.44 -20.72 -24.03
CA LEU B 220 -4.40 -20.07 -24.82
C LEU B 220 -4.91 -19.95 -26.26
N GLY B 221 -5.74 -18.93 -26.48
CA GLY B 221 -6.24 -18.66 -27.81
C GLY B 221 -7.69 -19.03 -28.07
N SER B 222 -8.56 -18.81 -27.10
CA SER B 222 -9.99 -19.00 -27.34
C SER B 222 -10.51 -17.91 -28.26
N SER B 223 -11.74 -18.10 -28.76
CA SER B 223 -12.31 -17.13 -29.70
C SER B 223 -13.83 -17.24 -29.70
N ASN B 224 -14.51 -16.21 -29.19
CA ASN B 224 -15.89 -16.00 -29.56
C ASN B 224 -15.96 -15.39 -30.95
N TRP B 225 -17.14 -15.43 -31.55
CA TRP B 225 -17.26 -15.02 -32.94
C TRP B 225 -18.34 -13.98 -33.10
N ILE B 226 -18.24 -13.22 -34.19
CA ILE B 226 -19.27 -12.29 -34.62
C ILE B 226 -19.55 -12.56 -36.09
N ILE B 227 -20.82 -12.60 -36.44
CA ILE B 227 -21.26 -12.74 -37.83
C ILE B 227 -22.11 -11.51 -38.11
N GLN B 228 -21.48 -10.47 -38.64
CA GLN B 228 -22.18 -9.27 -39.03
C GLN B 228 -22.60 -9.35 -40.49
N SER B 229 -23.59 -8.54 -40.85
CA SER B 229 -24.12 -8.51 -42.20
C SER B 229 -24.57 -7.08 -42.46
N HIS B 230 -25.38 -6.90 -43.50
CA HIS B 230 -25.93 -5.57 -43.76
C HIS B 230 -26.73 -5.07 -42.56
N TYR B 231 -27.69 -5.87 -42.09
CA TYR B 231 -28.63 -5.39 -41.10
C TYR B 231 -28.98 -6.42 -40.03
N GLU B 232 -28.23 -7.51 -39.89
CA GLU B 232 -28.59 -8.59 -38.98
C GLU B 232 -27.37 -9.07 -38.18
N LYS B 233 -26.63 -8.14 -37.57
CA LYS B 233 -25.47 -8.51 -36.78
C LYS B 233 -25.82 -9.58 -35.75
N VAL B 234 -24.91 -10.52 -35.54
CA VAL B 234 -25.08 -11.62 -34.59
C VAL B 234 -23.77 -11.83 -33.85
N SER B 235 -23.84 -12.07 -32.55
CA SER B 235 -22.68 -12.45 -31.76
C SER B 235 -22.81 -13.91 -31.36
N TYR B 236 -21.70 -14.48 -30.88
CA TYR B 236 -21.68 -15.88 -30.49
C TYR B 236 -20.57 -16.07 -29.46
N VAL B 237 -20.95 -16.15 -28.20
CA VAL B 237 -20.02 -16.44 -27.12
C VAL B 237 -19.95 -17.95 -26.95
N SER B 238 -18.80 -18.45 -26.50
CA SER B 238 -18.66 -19.88 -26.27
C SER B 238 -17.55 -20.09 -25.24
N GLY B 239 -17.94 -20.31 -23.99
CA GLY B 239 -16.98 -20.71 -22.97
C GLY B 239 -15.89 -19.69 -22.72
N SER B 240 -16.24 -18.55 -22.13
CA SER B 240 -15.27 -17.52 -21.82
C SER B 240 -14.96 -17.49 -20.33
N SER B 241 -14.06 -16.60 -19.94
CA SER B 241 -13.63 -16.53 -18.54
C SER B 241 -13.29 -15.09 -18.19
N LEU B 242 -13.28 -14.82 -16.89
CA LEU B 242 -12.90 -13.52 -16.37
C LEU B 242 -11.81 -13.61 -15.31
N LEU B 243 -11.33 -14.82 -15.01
CA LEU B 243 -10.22 -15.07 -14.09
C LEU B 243 -8.88 -14.80 -14.76
N THR B 244 -7.82 -15.38 -14.20
CA THR B 244 -6.43 -14.96 -14.40
C THR B 244 -6.15 -14.46 -15.82
N THR B 245 -5.40 -13.37 -15.87
CA THR B 245 -5.31 -12.49 -17.03
C THR B 245 -4.13 -12.82 -17.94
N HIS B 246 -3.40 -13.91 -17.69
CA HIS B 246 -2.23 -14.17 -18.51
C HIS B 246 -2.57 -14.50 -19.97
N PRO B 247 -3.75 -15.09 -20.29
CA PRO B 247 -4.16 -15.12 -21.71
C PRO B 247 -4.67 -13.76 -22.16
N GLN B 248 -5.16 -13.66 -23.40
CA GLN B 248 -5.79 -12.41 -23.78
C GLN B 248 -7.19 -12.36 -23.18
N PRO B 249 -7.45 -11.40 -22.28
CA PRO B 249 -8.72 -11.40 -21.55
C PRO B 249 -9.92 -11.24 -22.47
N MET B 250 -11.10 -11.51 -21.91
CA MET B 250 -12.33 -11.39 -22.67
C MET B 250 -12.55 -9.94 -23.10
N ASP B 251 -12.95 -9.76 -24.35
CA ASP B 251 -13.28 -8.43 -24.87
C ASP B 251 -14.80 -8.22 -24.77
N GLN B 252 -15.25 -8.03 -23.53
CA GLN B 252 -16.66 -7.81 -23.27
C GLN B 252 -17.19 -6.53 -23.90
N ALA B 253 -16.30 -5.64 -24.36
CA ALA B 253 -16.73 -4.39 -24.98
C ALA B 253 -17.16 -4.60 -26.42
N SER B 254 -16.34 -5.29 -27.22
CA SER B 254 -16.60 -5.36 -28.65
C SER B 254 -17.86 -6.16 -29.00
N LEU B 255 -18.62 -6.61 -28.02
CA LEU B 255 -19.82 -7.41 -28.26
C LEU B 255 -21.11 -6.59 -28.22
N LYS B 256 -21.02 -5.27 -28.06
CA LYS B 256 -22.22 -4.45 -27.99
C LYS B 256 -22.96 -4.47 -29.33
N ASN B 257 -24.12 -3.81 -29.35
CA ASN B 257 -24.93 -3.57 -30.53
C ASN B 257 -25.51 -4.85 -31.11
N SER B 258 -25.27 -6.00 -30.49
CA SER B 258 -25.71 -7.26 -31.04
C SER B 258 -27.23 -7.31 -31.15
N ASP B 259 -27.72 -8.25 -31.94
CA ASP B 259 -29.14 -8.43 -32.17
C ASP B 259 -29.65 -9.80 -31.77
N VAL B 260 -28.90 -10.86 -32.03
CA VAL B 260 -29.26 -12.21 -31.63
C VAL B 260 -27.98 -12.86 -31.10
N LEU B 261 -27.92 -13.07 -29.78
CA LEU B 261 -26.71 -13.53 -29.12
C LEU B 261 -26.89 -15.00 -28.74
N VAL B 262 -26.36 -15.89 -29.57
CA VAL B 262 -26.25 -17.29 -29.20
C VAL B 262 -25.22 -17.41 -28.09
N LEU B 263 -25.49 -18.31 -27.13
CA LEU B 263 -24.63 -18.44 -25.96
C LEU B 263 -24.49 -19.91 -25.61
N THR B 264 -23.26 -20.33 -25.29
CA THR B 264 -22.98 -21.71 -24.95
C THR B 264 -21.96 -21.75 -23.82
N GLY B 265 -21.73 -22.95 -23.32
CA GLY B 265 -20.62 -23.22 -22.41
C GLY B 265 -20.54 -22.37 -21.16
N LEU B 266 -21.49 -22.52 -20.26
CA LEU B 266 -21.38 -21.96 -18.93
C LEU B 266 -20.63 -22.96 -18.04
N THR B 267 -20.63 -22.71 -16.74
CA THR B 267 -19.93 -23.62 -15.83
C THR B 267 -20.63 -24.97 -15.80
N GLN B 268 -19.85 -26.03 -15.58
CA GLN B 268 -20.42 -27.36 -15.54
C GLN B 268 -20.90 -27.74 -14.13
N ILE B 269 -20.30 -27.13 -13.11
CA ILE B 269 -20.77 -27.29 -11.74
C ILE B 269 -21.53 -26.04 -11.34
N PRO B 270 -22.59 -26.15 -10.54
CA PRO B 270 -23.33 -24.93 -10.16
C PRO B 270 -22.55 -24.02 -9.25
N THR B 271 -22.01 -24.54 -8.14
CA THR B 271 -21.50 -23.70 -7.06
C THR B 271 -20.10 -24.18 -6.67
N ALA B 272 -19.10 -23.34 -6.95
CA ALA B 272 -17.72 -23.52 -6.52
C ALA B 272 -16.95 -22.29 -6.99
N ASN B 273 -15.77 -22.10 -6.41
CA ASN B 273 -14.91 -20.96 -6.71
C ASN B 273 -13.51 -21.50 -7.00
N PRO B 274 -13.06 -21.45 -8.25
CA PRO B 274 -11.82 -22.15 -8.64
C PRO B 274 -10.66 -22.04 -7.67
N ASP B 275 -10.54 -20.91 -6.95
CA ASP B 275 -9.47 -20.80 -5.96
C ASP B 275 -9.68 -21.77 -4.81
N GLY B 276 -10.93 -21.93 -4.38
CA GLY B 276 -11.22 -22.91 -3.35
C GLY B 276 -10.90 -24.32 -3.79
N MET B 277 -11.22 -24.67 -5.03
CA MET B 277 -10.97 -26.02 -5.50
C MET B 277 -9.49 -26.26 -5.76
N VAL B 278 -8.73 -25.22 -6.12
CA VAL B 278 -7.29 -25.38 -6.22
C VAL B 278 -6.68 -25.57 -4.83
N GLY B 279 -7.19 -24.84 -3.84
CA GLY B 279 -6.77 -25.09 -2.48
C GLY B 279 -7.06 -26.51 -2.04
N GLU B 280 -8.24 -27.02 -2.40
CA GLU B 280 -8.59 -28.41 -2.07
C GLU B 280 -7.64 -29.39 -2.76
N PHE B 281 -7.37 -29.18 -4.04
CA PHE B 281 -6.43 -30.01 -4.78
C PHE B 281 -5.09 -30.07 -4.08
N CYS B 282 -4.49 -28.91 -3.82
CA CYS B 282 -3.17 -28.88 -3.20
C CYS B 282 -3.19 -29.49 -1.80
N SER B 283 -4.27 -29.26 -1.06
CA SER B 283 -4.34 -29.79 0.30
C SER B 283 -4.41 -31.30 0.31
N ASN B 284 -5.26 -31.88 -0.54
CA ASN B 284 -5.33 -33.33 -0.61
C ASN B 284 -4.02 -33.93 -1.12
N LEU B 285 -3.39 -33.28 -2.11
CA LEU B 285 -2.12 -33.77 -2.62
C LEU B 285 -1.06 -33.80 -1.51
N ALA B 286 -0.95 -32.72 -0.74
CA ALA B 286 0.06 -32.66 0.29
C ALA B 286 -0.27 -33.59 1.46
N LEU B 287 -1.56 -33.78 1.75
CA LEU B 287 -1.95 -34.73 2.79
C LEU B 287 -1.56 -36.15 2.41
N THR B 288 -1.78 -36.52 1.15
CA THR B 288 -1.46 -37.88 0.73
C THR B 288 0.04 -38.10 0.62
N VAL B 289 0.76 -37.15 0.02
CA VAL B 289 2.21 -37.32 -0.17
C VAL B 289 2.92 -37.42 1.17
N ARG B 290 2.65 -36.48 2.08
CA ARG B 290 3.33 -36.45 3.37
C ARG B 290 3.05 -37.70 4.20
N ASN B 291 2.05 -38.47 3.80
CA ASN B 291 1.69 -39.68 4.53
C ASN B 291 2.58 -40.87 4.15
N GLY B 292 3.00 -40.95 2.89
CA GLY B 292 3.84 -42.04 2.46
C GLY B 292 3.25 -42.85 1.34
N GLY B 293 2.36 -42.23 0.56
CA GLY B 293 1.73 -42.91 -0.56
C GLY B 293 2.07 -42.26 -1.88
N ASN B 294 1.29 -42.53 -2.91
CA ASN B 294 1.48 -41.92 -4.22
C ASN B 294 0.19 -41.22 -4.65
N VAL B 295 0.32 -40.25 -5.54
CA VAL B 295 -0.82 -39.47 -6.01
C VAL B 295 -0.96 -39.64 -7.51
N LEU B 296 -2.18 -39.93 -7.95
CA LEU B 296 -2.48 -40.08 -9.37
C LEU B 296 -3.40 -38.95 -9.79
N VAL B 297 -3.13 -38.35 -10.94
CA VAL B 297 -3.95 -37.26 -11.44
C VAL B 297 -4.29 -37.50 -12.91
N PRO B 298 -5.50 -37.97 -13.21
CA PRO B 298 -5.92 -38.02 -14.60
C PRO B 298 -6.19 -36.61 -15.13
N CYS B 299 -5.76 -36.37 -16.37
CA CYS B 299 -5.90 -35.06 -16.97
C CYS B 299 -5.49 -35.13 -18.43
N TYR B 300 -6.01 -34.19 -19.23
CA TYR B 300 -5.59 -34.06 -20.60
C TYR B 300 -4.11 -33.67 -20.66
N PRO B 301 -3.41 -34.04 -21.73
CA PRO B 301 -2.01 -33.60 -21.86
C PRO B 301 -1.85 -32.10 -21.94
N SER B 302 -2.84 -31.40 -22.48
CA SER B 302 -2.82 -29.95 -22.55
C SER B 302 -4.19 -29.41 -22.18
N GLY B 303 -4.20 -28.24 -21.54
CA GLY B 303 -5.45 -27.65 -21.10
C GLY B 303 -5.42 -27.19 -19.65
N VAL B 304 -6.26 -27.82 -18.82
CA VAL B 304 -6.30 -27.49 -17.40
C VAL B 304 -4.94 -27.70 -16.75
N ILE B 305 -4.10 -28.55 -17.33
CA ILE B 305 -2.85 -28.93 -16.70
C ILE B 305 -1.93 -27.72 -16.51
N TYR B 306 -2.05 -26.71 -17.36
CA TYR B 306 -1.26 -25.50 -17.18
C TYR B 306 -1.61 -24.79 -15.88
N ASP B 307 -2.91 -24.50 -15.69
CA ASP B 307 -3.38 -23.91 -14.44
C ASP B 307 -2.99 -24.77 -13.24
N LEU B 308 -3.28 -26.07 -13.33
CA LEU B 308 -2.95 -26.98 -12.23
C LEU B 308 -1.48 -26.90 -11.85
N LEU B 309 -0.60 -26.97 -12.85
CA LEU B 309 0.82 -27.02 -12.56
C LEU B 309 1.35 -25.68 -12.07
N GLU B 310 0.83 -24.57 -12.59
CA GLU B 310 1.26 -23.26 -12.09
C GLU B 310 0.87 -23.10 -10.63
N CYS B 311 -0.37 -23.44 -10.29
CA CYS B 311 -0.79 -23.31 -8.90
C CYS B 311 -0.07 -24.31 -8.01
N LEU B 312 0.30 -25.48 -8.54
CA LEU B 312 1.00 -26.46 -7.72
C LEU B 312 2.45 -26.05 -7.49
N TYR B 313 3.07 -25.37 -8.45
CA TYR B 313 4.38 -24.79 -8.22
C TYR B 313 4.32 -23.69 -7.17
N GLN B 314 3.33 -22.81 -7.28
CA GLN B 314 3.11 -21.81 -6.25
C GLN B 314 2.98 -22.45 -4.88
N TYR B 315 2.22 -23.54 -4.79
CA TYR B 315 2.08 -24.24 -3.51
C TYR B 315 3.42 -24.78 -3.03
N ILE B 316 4.09 -25.58 -3.86
CA ILE B 316 5.40 -26.14 -3.49
C ILE B 316 6.31 -25.08 -2.93
N ASP B 317 6.29 -23.88 -3.52
CA ASP B 317 7.12 -22.82 -2.98
C ASP B 317 6.49 -22.14 -1.76
N SER B 318 5.20 -22.33 -1.53
CA SER B 318 4.49 -21.69 -0.43
C SER B 318 4.48 -22.53 0.83
N ALA B 319 4.11 -23.80 0.73
CA ALA B 319 4.00 -24.68 1.88
C ALA B 319 5.25 -25.52 2.11
N GLY B 320 6.36 -25.18 1.46
CA GLY B 320 7.62 -25.83 1.70
C GLY B 320 7.72 -27.28 1.28
N LEU B 321 6.63 -27.90 0.84
CA LEU B 321 6.68 -29.28 0.37
C LEU B 321 7.55 -29.38 -0.87
N SER B 322 8.60 -30.19 -0.80
CA SER B 322 9.48 -30.41 -1.94
C SER B 322 10.01 -31.83 -1.85
N SER B 323 11.08 -32.11 -2.59
CA SER B 323 11.70 -33.43 -2.62
C SER B 323 10.69 -34.51 -2.99
N VAL B 324 9.78 -34.18 -3.90
CA VAL B 324 8.88 -35.16 -4.49
C VAL B 324 8.96 -35.04 -6.01
N PRO B 325 9.05 -36.13 -6.74
CA PRO B 325 9.18 -36.03 -8.19
C PRO B 325 7.83 -35.95 -8.89
N LEU B 326 7.66 -34.97 -9.76
CA LEU B 326 6.42 -34.82 -10.53
C LEU B 326 6.64 -35.46 -11.90
N TYR B 327 6.34 -36.75 -11.99
CA TYR B 327 6.37 -37.42 -13.28
C TYR B 327 5.13 -37.06 -14.08
N PHE B 328 5.33 -36.59 -15.31
CA PHE B 328 4.25 -36.35 -16.25
C PHE B 328 4.44 -37.33 -17.39
N ILE B 329 3.39 -38.08 -17.72
CA ILE B 329 3.51 -39.25 -18.59
C ILE B 329 2.43 -39.13 -19.66
N SER B 330 2.81 -38.63 -20.84
CA SER B 330 1.91 -38.55 -21.96
C SER B 330 2.76 -38.63 -23.22
N PRO B 331 2.37 -39.44 -24.21
CA PRO B 331 3.16 -39.55 -25.44
C PRO B 331 3.25 -38.26 -26.24
N VAL B 332 2.63 -37.17 -25.79
CA VAL B 332 2.66 -35.91 -26.51
C VAL B 332 3.15 -34.81 -25.56
N ALA B 333 3.96 -35.20 -24.58
CA ALA B 333 4.38 -34.25 -23.55
C ALA B 333 5.39 -33.23 -24.07
N ASN B 334 6.30 -33.68 -24.94
CA ASN B 334 7.43 -32.84 -25.36
C ASN B 334 6.95 -31.57 -26.04
N SER B 335 6.19 -31.72 -27.13
CA SER B 335 5.63 -30.57 -27.82
C SER B 335 4.74 -29.76 -26.89
N SER B 336 4.03 -30.42 -25.97
CA SER B 336 3.15 -29.71 -25.04
C SER B 336 3.92 -28.70 -24.21
N LEU B 337 5.02 -29.15 -23.59
CA LEU B 337 5.78 -28.24 -22.74
C LEU B 337 6.57 -27.23 -23.56
N GLU B 338 7.09 -27.65 -24.72
CA GLU B 338 7.78 -26.70 -25.60
C GLU B 338 6.85 -25.59 -26.05
N PHE B 339 5.56 -25.90 -26.25
CA PHE B 339 4.60 -24.86 -26.60
C PHE B 339 4.14 -24.07 -25.38
N SER B 340 4.11 -24.70 -24.21
CA SER B 340 3.85 -23.95 -22.99
C SER B 340 4.90 -22.87 -22.77
N GLN B 341 6.13 -23.12 -23.26
CA GLN B 341 7.13 -22.07 -23.25
C GLN B 341 6.77 -20.96 -24.24
N ILE B 342 6.62 -21.31 -25.52
CA ILE B 342 6.24 -20.32 -26.53
C ILE B 342 4.72 -20.15 -26.55
N ASN B 371 13.69 -27.49 -12.87
CA ASN B 371 13.65 -28.81 -13.46
C ASN B 371 13.03 -29.82 -12.51
N LYS B 372 11.73 -29.64 -12.23
CA LYS B 372 10.98 -30.57 -11.40
C LYS B 372 10.10 -31.50 -12.25
N LEU B 373 9.26 -30.94 -13.10
CA LEU B 373 8.39 -31.72 -13.95
C LEU B 373 9.20 -32.57 -14.91
N LYS B 374 9.16 -33.89 -14.73
CA LYS B 374 9.90 -34.81 -15.60
C LYS B 374 8.92 -35.46 -16.56
N HIS B 375 9.01 -35.10 -17.84
CA HIS B 375 8.04 -35.53 -18.84
C HIS B 375 8.59 -36.72 -19.63
N TYR B 376 7.77 -37.76 -19.77
CA TYR B 376 8.15 -39.01 -20.40
C TYR B 376 7.20 -39.30 -21.56
N PRO B 377 7.61 -40.17 -22.50
CA PRO B 377 6.69 -40.55 -23.58
C PRO B 377 5.76 -41.68 -23.20
N SER B 378 6.20 -42.54 -22.28
CA SER B 378 5.39 -43.65 -21.79
C SER B 378 6.06 -44.19 -20.54
N ILE B 379 5.58 -45.32 -20.04
CA ILE B 379 6.13 -45.91 -18.83
C ILE B 379 7.28 -46.85 -19.15
N HIS B 380 7.12 -47.71 -20.16
CA HIS B 380 8.17 -48.65 -20.53
C HIS B 380 9.37 -47.88 -21.05
N GLY B 381 10.43 -47.81 -20.25
CA GLY B 381 11.61 -47.08 -20.63
C GLY B 381 12.32 -46.45 -19.45
N ASP B 382 12.52 -45.13 -19.52
CA ASP B 382 13.25 -44.41 -18.48
C ASP B 382 12.49 -44.32 -17.16
N PHE B 383 11.24 -44.79 -17.10
CA PHE B 383 10.46 -44.61 -15.89
C PHE B 383 10.91 -45.57 -14.78
N SER B 384 11.14 -46.83 -15.13
CA SER B 384 11.52 -47.79 -14.10
C SER B 384 12.92 -47.56 -13.58
N ASN B 385 13.54 -46.46 -13.97
CA ASN B 385 14.82 -46.02 -13.44
C ASN B 385 14.70 -44.87 -12.46
N ASP B 386 13.89 -43.86 -12.78
CA ASP B 386 13.72 -42.69 -11.93
C ASP B 386 12.50 -42.76 -11.03
N PHE B 387 11.71 -43.83 -11.11
CA PHE B 387 10.44 -43.90 -10.39
C PHE B 387 10.70 -44.06 -8.90
N ARG B 388 10.70 -42.93 -8.19
CA ARG B 388 10.81 -42.95 -6.73
C ARG B 388 9.43 -43.21 -6.13
N GLN B 389 9.34 -43.14 -4.82
CA GLN B 389 8.10 -43.25 -4.07
C GLN B 389 8.23 -42.43 -2.80
N PRO B 390 7.35 -41.44 -2.55
CA PRO B 390 6.14 -40.99 -3.24
C PRO B 390 6.34 -40.41 -4.63
N CYS B 391 5.24 -40.02 -5.27
CA CYS B 391 5.27 -39.44 -6.61
C CYS B 391 3.91 -38.81 -6.88
N VAL B 392 3.88 -37.97 -7.91
CA VAL B 392 2.66 -37.30 -8.35
C VAL B 392 2.58 -37.49 -9.86
N VAL B 393 1.80 -38.46 -10.31
CA VAL B 393 1.82 -38.91 -11.69
C VAL B 393 0.59 -38.31 -12.39
N PHE B 394 0.81 -37.26 -13.19
CA PHE B 394 -0.23 -36.75 -14.07
C PHE B 394 -0.23 -37.58 -15.34
N THR B 395 -1.32 -38.26 -15.64
CA THR B 395 -1.28 -39.20 -16.75
C THR B 395 -2.68 -39.46 -17.28
N GLY B 396 -2.78 -40.46 -18.15
CA GLY B 396 -4.01 -41.14 -18.47
C GLY B 396 -5.02 -40.40 -19.31
N HIS B 397 -5.95 -41.14 -19.89
CA HIS B 397 -7.07 -40.33 -20.35
C HIS B 397 -8.03 -40.14 -19.18
N PRO B 398 -8.59 -38.94 -19.03
CA PRO B 398 -9.39 -38.67 -17.82
C PRO B 398 -10.63 -39.53 -17.71
N SER B 399 -11.16 -40.03 -18.81
CA SER B 399 -12.34 -40.88 -18.71
C SER B 399 -12.01 -42.27 -18.18
N LEU B 400 -10.73 -42.57 -17.94
CA LEU B 400 -10.31 -43.84 -17.38
C LEU B 400 -10.77 -45.03 -18.22
N ARG B 401 -11.01 -44.78 -19.50
CA ARG B 401 -11.42 -45.85 -20.39
C ARG B 401 -10.26 -46.48 -21.14
N PHE B 402 -9.15 -45.77 -21.30
CA PHE B 402 -8.03 -46.28 -22.05
C PHE B 402 -6.78 -45.49 -21.71
N GLY B 403 -5.67 -46.21 -21.55
CA GLY B 403 -4.38 -45.59 -21.36
C GLY B 403 -3.62 -46.18 -20.19
N ASP B 404 -2.37 -45.73 -20.07
CA ASP B 404 -1.49 -46.15 -18.98
C ASP B 404 -2.11 -45.95 -17.60
N VAL B 405 -3.09 -45.06 -17.48
CA VAL B 405 -3.73 -44.87 -16.17
C VAL B 405 -4.43 -46.14 -15.72
N VAL B 406 -4.83 -46.99 -16.66
CA VAL B 406 -5.40 -48.28 -16.27
C VAL B 406 -4.35 -49.13 -15.57
N HIS B 407 -3.14 -49.15 -16.12
CA HIS B 407 -2.04 -49.86 -15.47
C HIS B 407 -1.75 -49.27 -14.10
N PHE B 408 -1.68 -47.94 -14.01
CA PHE B 408 -1.38 -47.31 -12.72
C PHE B 408 -2.46 -47.61 -11.69
N MET B 409 -3.73 -47.57 -12.09
CA MET B 409 -4.81 -47.89 -11.18
C MET B 409 -4.72 -49.33 -10.69
N GLU B 410 -4.69 -50.28 -11.63
CA GLU B 410 -4.61 -51.68 -11.25
C GLU B 410 -3.39 -51.98 -10.39
N LEU B 411 -2.32 -51.20 -10.54
CA LEU B 411 -1.17 -51.38 -9.67
C LEU B 411 -1.44 -50.83 -8.27
N TRP B 412 -1.95 -49.60 -8.18
CA TRP B 412 -2.10 -48.90 -6.91
C TRP B 412 -3.50 -49.04 -6.31
N GLY B 413 -4.49 -49.50 -7.07
CA GLY B 413 -5.86 -49.45 -6.62
C GLY B 413 -6.23 -50.38 -5.47
N LYS B 414 -5.25 -50.97 -4.80
CA LYS B 414 -5.52 -51.90 -3.72
C LYS B 414 -5.11 -51.39 -2.35
N SER B 415 -4.12 -50.49 -2.27
CA SER B 415 -3.69 -49.95 -0.99
C SER B 415 -4.62 -48.80 -0.58
N SER B 416 -4.37 -48.27 0.62
CA SER B 416 -5.16 -47.17 1.15
C SER B 416 -4.31 -45.97 1.55
N LEU B 417 -3.03 -45.97 1.21
CA LEU B 417 -2.20 -44.79 1.35
C LEU B 417 -2.13 -43.96 0.07
N ASN B 418 -2.49 -44.55 -1.07
CA ASN B 418 -2.48 -43.85 -2.34
C ASN B 418 -3.77 -43.06 -2.52
N THR B 419 -3.86 -42.33 -3.64
CA THR B 419 -5.00 -41.45 -3.87
C THR B 419 -5.09 -41.00 -5.31
N VAL B 420 -6.26 -41.15 -5.92
CA VAL B 420 -6.55 -40.55 -7.21
C VAL B 420 -7.23 -39.21 -6.95
N ILE B 421 -7.03 -38.25 -7.84
CA ILE B 421 -7.65 -36.93 -7.66
C ILE B 421 -8.20 -36.48 -9.01
N PHE B 422 -9.51 -36.50 -9.15
CA PHE B 422 -10.15 -36.05 -10.38
C PHE B 422 -10.17 -34.54 -10.43
N THR B 423 -10.03 -33.99 -11.63
CA THR B 423 -10.12 -32.55 -11.83
C THR B 423 -10.91 -32.15 -13.06
N GLU B 424 -11.49 -33.10 -13.78
CA GLU B 424 -12.12 -32.78 -15.05
C GLU B 424 -13.61 -32.52 -14.83
N PRO B 425 -14.10 -31.31 -15.12
CA PRO B 425 -15.52 -31.01 -14.87
C PRO B 425 -16.47 -31.71 -15.83
N ASP B 426 -15.95 -32.37 -16.87
CA ASP B 426 -16.80 -32.99 -17.88
C ASP B 426 -17.21 -34.40 -17.49
N PHE B 427 -16.24 -35.26 -17.18
CA PHE B 427 -16.50 -36.67 -16.93
C PHE B 427 -16.90 -36.86 -15.47
N SER B 428 -18.14 -37.29 -15.26
CA SER B 428 -18.63 -37.58 -13.92
C SER B 428 -17.86 -38.76 -13.31
N TYR B 429 -17.19 -38.51 -12.18
CA TYR B 429 -16.25 -39.47 -11.65
C TYR B 429 -16.91 -40.75 -11.12
N LEU B 430 -18.21 -40.70 -10.81
CA LEU B 430 -18.87 -41.86 -10.23
C LEU B 430 -18.91 -43.03 -11.21
N GLU B 431 -19.60 -42.85 -12.33
CA GLU B 431 -19.66 -43.93 -13.31
C GLU B 431 -18.31 -44.17 -13.96
N ALA B 432 -17.50 -43.10 -14.11
CA ALA B 432 -16.19 -43.26 -14.70
C ALA B 432 -15.28 -44.13 -13.84
N LEU B 433 -15.53 -44.19 -12.54
CA LEU B 433 -14.75 -45.03 -11.65
C LEU B 433 -15.41 -46.38 -11.37
N ALA B 434 -16.72 -46.49 -11.52
CA ALA B 434 -17.44 -47.70 -11.15
C ALA B 434 -16.86 -49.01 -11.66
N PRO B 435 -16.36 -49.13 -12.90
CA PRO B 435 -15.81 -50.42 -13.34
C PRO B 435 -14.57 -50.90 -12.60
N TYR B 436 -14.12 -50.18 -11.57
CA TYR B 436 -12.92 -50.57 -10.84
C TYR B 436 -13.18 -51.09 -9.43
N GLN B 437 -14.34 -50.80 -8.86
CA GLN B 437 -14.65 -51.26 -7.51
C GLN B 437 -14.59 -52.78 -7.43
N PRO B 438 -14.16 -53.35 -6.29
CA PRO B 438 -13.78 -52.67 -5.05
C PRO B 438 -12.46 -51.92 -5.15
N LEU B 439 -12.39 -50.75 -4.53
CA LEU B 439 -11.23 -49.87 -4.63
C LEU B 439 -10.91 -49.34 -3.25
N ALA B 440 -9.70 -49.62 -2.77
CA ALA B 440 -9.25 -49.13 -1.48
C ALA B 440 -8.48 -47.83 -1.58
N MET B 441 -8.41 -47.24 -2.76
CA MET B 441 -7.69 -45.98 -2.98
C MET B 441 -8.67 -44.83 -2.82
N LYS B 442 -8.35 -43.91 -1.91
CA LYS B 442 -9.27 -42.84 -1.54
C LYS B 442 -9.53 -41.92 -2.71
N CYS B 443 -10.69 -42.06 -3.34
CA CYS B 443 -11.04 -41.20 -4.46
C CYS B 443 -11.56 -39.86 -3.97
N ILE B 444 -11.40 -38.84 -4.81
CA ILE B 444 -11.72 -37.46 -4.45
C ILE B 444 -12.29 -36.78 -5.69
N TYR B 445 -13.11 -35.76 -5.46
CA TYR B 445 -13.65 -34.94 -6.53
C TYR B 445 -13.22 -33.51 -6.31
N CYS B 446 -12.74 -32.85 -7.36
CA CYS B 446 -12.20 -31.51 -7.24
C CYS B 446 -12.32 -30.75 -8.55
N PRO B 447 -13.52 -30.53 -9.07
CA PRO B 447 -13.64 -29.88 -10.38
C PRO B 447 -13.01 -28.50 -10.38
N ILE B 448 -12.39 -28.15 -11.50
CA ILE B 448 -11.76 -26.84 -11.69
C ILE B 448 -12.31 -26.30 -13.01
N ASP B 449 -13.38 -25.52 -12.92
CA ASP B 449 -14.07 -25.01 -14.10
C ASP B 449 -14.05 -23.49 -14.04
N THR B 450 -13.22 -22.87 -14.88
CA THR B 450 -13.03 -21.43 -14.87
C THR B 450 -13.94 -20.71 -15.86
N ARG B 451 -15.06 -21.32 -16.22
CA ARG B 451 -15.96 -20.74 -17.22
C ARG B 451 -16.82 -19.67 -16.57
N LEU B 452 -17.84 -19.21 -17.30
CA LEU B 452 -18.75 -18.20 -16.80
C LEU B 452 -19.78 -18.80 -15.87
N ASN B 453 -19.90 -18.24 -14.67
CA ASN B 453 -21.00 -18.60 -13.78
C ASN B 453 -22.25 -17.84 -14.24
N PHE B 454 -23.30 -17.87 -13.44
CA PHE B 454 -24.54 -17.19 -13.85
C PHE B 454 -24.57 -15.73 -13.45
N ILE B 455 -23.88 -15.37 -12.36
CA ILE B 455 -23.80 -13.96 -11.97
C ILE B 455 -23.11 -13.14 -13.07
N GLN B 456 -21.95 -13.61 -13.53
CA GLN B 456 -21.26 -12.91 -14.61
C GLN B 456 -22.07 -12.93 -15.89
N VAL B 457 -22.86 -13.98 -16.11
CA VAL B 457 -23.71 -14.00 -17.30
C VAL B 457 -24.76 -12.91 -17.22
N SER B 458 -25.40 -12.75 -16.07
CA SER B 458 -26.39 -11.67 -15.92
C SER B 458 -25.71 -10.31 -16.06
N LYS B 459 -24.51 -10.16 -15.49
CA LYS B 459 -23.81 -8.88 -15.57
C LYS B 459 -23.46 -8.52 -17.02
N LEU B 460 -22.96 -9.49 -17.78
CA LEU B 460 -22.59 -9.19 -19.16
C LEU B 460 -23.83 -9.04 -20.04
N LEU B 461 -24.91 -9.77 -19.73
CA LEU B 461 -26.17 -9.54 -20.42
C LEU B 461 -26.66 -8.12 -20.21
N LYS B 462 -26.50 -7.60 -18.99
CA LYS B 462 -26.80 -6.19 -18.75
C LYS B 462 -25.89 -5.28 -19.58
N GLU B 463 -24.59 -5.53 -19.51
CA GLU B 463 -23.62 -4.65 -20.17
C GLU B 463 -23.71 -4.67 -21.69
N VAL B 464 -24.37 -5.67 -22.28
CA VAL B 464 -24.57 -5.73 -23.72
C VAL B 464 -26.04 -5.52 -24.10
N GLN B 465 -26.92 -6.34 -23.54
CA GLN B 465 -28.37 -6.22 -23.72
C GLN B 465 -28.76 -6.20 -25.19
N PRO B 466 -28.65 -7.32 -25.90
CA PRO B 466 -29.14 -7.40 -27.27
C PRO B 466 -30.65 -7.58 -27.28
N LEU B 467 -31.21 -7.68 -28.49
CA LEU B 467 -32.65 -7.85 -28.62
C LEU B 467 -33.10 -9.17 -28.01
N HIS B 468 -32.65 -10.28 -28.57
CA HIS B 468 -32.98 -11.61 -28.05
C HIS B 468 -31.72 -12.30 -27.54
N VAL B 469 -31.92 -13.49 -26.99
CA VAL B 469 -30.84 -14.40 -26.58
C VAL B 469 -31.33 -15.81 -26.81
N VAL B 470 -30.47 -16.67 -27.36
CA VAL B 470 -30.81 -18.07 -27.60
C VAL B 470 -29.84 -18.93 -26.80
N CYS B 471 -30.37 -19.93 -26.10
CA CYS B 471 -29.57 -20.74 -25.21
C CYS B 471 -30.01 -22.20 -25.28
N PRO B 472 -29.24 -23.13 -24.71
CA PRO B 472 -29.69 -24.52 -24.64
C PRO B 472 -30.88 -24.70 -23.70
N GLU B 473 -31.32 -25.95 -23.50
CA GLU B 473 -32.45 -26.18 -22.63
C GLU B 473 -32.08 -26.01 -21.17
N GLN B 474 -30.88 -26.44 -20.79
CA GLN B 474 -30.46 -26.48 -19.39
C GLN B 474 -30.11 -25.12 -18.81
N TYR B 475 -30.39 -24.00 -19.47
CA TYR B 475 -29.98 -22.70 -18.95
C TYR B 475 -31.13 -21.78 -18.60
N THR B 476 -32.37 -22.11 -18.98
CA THR B 476 -33.54 -21.37 -18.54
C THR B 476 -34.24 -22.02 -17.36
N GLN B 477 -33.58 -22.98 -16.72
CA GLN B 477 -34.13 -23.69 -15.56
C GLN B 477 -32.96 -24.12 -14.69
N PRO B 478 -33.16 -24.20 -13.37
CA PRO B 478 -32.07 -24.62 -12.47
C PRO B 478 -31.61 -26.03 -12.80
N PRO B 479 -30.45 -26.44 -12.29
CA PRO B 479 -29.98 -27.79 -12.54
C PRO B 479 -30.98 -28.81 -12.04
N PRO B 480 -31.01 -30.00 -12.63
CA PRO B 480 -32.01 -31.00 -12.21
C PRO B 480 -31.87 -31.40 -10.75
N ALA B 481 -30.66 -31.32 -10.18
CA ALA B 481 -30.47 -31.68 -8.79
C ALA B 481 -30.95 -30.57 -7.86
N GLN B 482 -30.45 -29.36 -8.06
CA GLN B 482 -30.79 -28.21 -7.22
C GLN B 482 -31.84 -27.38 -7.94
N SER B 483 -33.12 -27.65 -7.62
CA SER B 483 -34.21 -26.83 -8.15
C SER B 483 -34.60 -25.72 -7.20
N HIS B 484 -34.14 -25.75 -5.96
CA HIS B 484 -34.46 -24.69 -5.01
C HIS B 484 -33.60 -23.47 -5.21
N ARG B 485 -32.37 -23.64 -5.71
CA ARG B 485 -31.52 -22.51 -6.07
C ARG B 485 -32.01 -21.97 -7.41
N MET B 486 -33.04 -21.12 -7.34
CA MET B 486 -33.66 -20.58 -8.54
C MET B 486 -32.93 -19.35 -9.07
N ASP B 487 -31.70 -19.13 -8.66
CA ASP B 487 -30.87 -18.10 -9.29
C ASP B 487 -30.10 -18.64 -10.48
N LEU B 488 -29.79 -19.93 -10.48
CA LEU B 488 -29.03 -20.56 -11.56
C LEU B 488 -29.95 -20.75 -12.76
N MET B 489 -30.08 -19.69 -13.54
CA MET B 489 -30.80 -19.69 -14.81
C MET B 489 -30.55 -18.35 -15.47
N ILE B 490 -30.82 -18.29 -16.77
CA ILE B 490 -30.57 -17.08 -17.54
C ILE B 490 -31.72 -16.12 -17.26
N ASP B 491 -31.53 -15.24 -16.27
CA ASP B 491 -32.50 -14.18 -15.97
C ASP B 491 -32.09 -12.93 -16.75
N CYS B 492 -32.41 -12.96 -18.04
CA CYS B 492 -32.14 -11.85 -18.94
C CYS B 492 -33.45 -11.21 -19.39
N GLN B 493 -33.40 -9.91 -19.66
CA GLN B 493 -34.59 -9.15 -20.03
C GLN B 493 -34.42 -8.60 -21.43
N PRO B 494 -35.26 -9.00 -22.41
CA PRO B 494 -36.38 -9.92 -22.24
C PRO B 494 -35.94 -11.37 -22.06
N PRO B 495 -36.83 -12.22 -21.53
CA PRO B 495 -36.48 -13.64 -21.38
C PRO B 495 -36.06 -14.26 -22.70
N ALA B 496 -35.17 -15.25 -22.60
CA ALA B 496 -34.51 -15.82 -23.76
C ALA B 496 -35.26 -17.02 -24.31
N MET B 497 -34.78 -17.52 -25.45
CA MET B 497 -35.35 -18.66 -26.14
C MET B 497 -34.42 -19.86 -26.01
N SER B 498 -34.96 -21.05 -26.26
CA SER B 498 -34.22 -22.28 -26.03
C SER B 498 -34.49 -23.28 -27.15
N TYR B 499 -33.73 -24.37 -27.13
CA TYR B 499 -33.81 -25.40 -28.16
C TYR B 499 -33.41 -26.74 -27.54
N ARG B 500 -33.15 -27.73 -28.38
CA ARG B 500 -32.53 -28.98 -27.99
C ARG B 500 -32.08 -29.70 -29.26
N ARG B 501 -31.64 -30.96 -29.10
CA ARG B 501 -31.19 -31.75 -30.23
C ARG B 501 -32.26 -31.83 -31.31
N ALA B 502 -31.85 -31.61 -32.56
CA ALA B 502 -32.69 -31.71 -33.74
C ALA B 502 -33.84 -30.70 -33.75
N GLU B 503 -33.80 -29.69 -32.89
CA GLU B 503 -34.84 -28.67 -32.87
C GLU B 503 -34.58 -27.64 -33.95
N VAL B 504 -35.55 -27.43 -34.83
CA VAL B 504 -35.46 -26.43 -35.89
C VAL B 504 -36.04 -25.13 -35.33
N LEU B 505 -35.16 -24.21 -34.95
CA LEU B 505 -35.56 -22.94 -34.38
C LEU B 505 -35.52 -21.85 -35.45
N ALA B 506 -36.35 -20.83 -35.27
CA ALA B 506 -36.43 -19.73 -36.22
C ALA B 506 -36.82 -18.47 -35.48
N LEU B 507 -35.92 -17.50 -35.44
CA LEU B 507 -36.21 -16.18 -34.88
C LEU B 507 -36.38 -15.22 -36.04
N PRO B 508 -37.59 -15.00 -36.54
CA PRO B 508 -37.80 -14.23 -37.77
C PRO B 508 -37.74 -12.72 -37.54
N PHE B 509 -36.59 -12.23 -37.06
CA PHE B 509 -36.40 -10.80 -36.86
C PHE B 509 -36.08 -10.12 -38.20
N LYS B 510 -36.99 -10.31 -39.14
CA LYS B 510 -36.84 -9.81 -40.50
C LYS B 510 -37.40 -8.39 -40.58
N ARG B 511 -36.53 -7.40 -40.40
CA ARG B 511 -36.94 -6.01 -40.46
C ARG B 511 -35.75 -5.12 -40.79
N MET C 13 -26.62 10.65 -9.30
CA MET C 13 -27.07 10.08 -8.03
C MET C 13 -25.98 10.08 -6.94
N PRO C 14 -24.81 9.49 -7.21
CA PRO C 14 -23.78 9.41 -6.18
C PRO C 14 -22.81 10.58 -6.23
N GLU C 15 -21.98 10.66 -5.20
CA GLU C 15 -20.91 11.64 -5.12
C GLU C 15 -19.68 10.97 -4.52
N ILE C 16 -18.53 11.25 -5.08
CA ILE C 16 -17.26 10.77 -4.53
C ILE C 16 -16.82 11.76 -3.46
N ARG C 17 -16.62 11.25 -2.24
CA ARG C 17 -16.16 12.08 -1.13
C ARG C 17 -14.80 11.61 -0.68
N VAL C 18 -13.95 12.55 -0.29
CA VAL C 18 -12.61 12.22 0.19
C VAL C 18 -12.37 13.01 1.46
N THR C 19 -12.05 12.31 2.55
CA THR C 19 -11.86 12.94 3.84
C THR C 19 -10.50 12.58 4.39
N PRO C 20 -9.54 13.49 4.41
CA PRO C 20 -8.26 13.20 5.08
C PRO C 20 -8.44 13.20 6.59
N LEU C 21 -7.79 12.25 7.25
CA LEU C 21 -7.70 12.20 8.70
C LEU C 21 -6.23 12.21 9.10
N GLY C 22 -5.85 13.18 9.91
CA GLY C 22 -4.46 13.30 10.31
C GLY C 22 -3.58 14.00 9.28
N ALA C 23 -3.57 13.50 8.05
CA ALA C 23 -2.66 14.02 7.03
C ALA C 23 -3.06 15.43 6.60
N GLY C 24 -2.23 16.02 5.74
CA GLY C 24 -2.43 17.37 5.25
C GLY C 24 -1.54 18.35 5.98
N GLN C 25 -0.39 18.68 5.40
CA GLN C 25 0.66 19.49 6.04
C GLN C 25 1.13 18.88 7.35
N ASP C 26 0.72 17.65 7.65
CA ASP C 26 1.13 16.93 8.85
C ASP C 26 1.71 15.60 8.40
N VAL C 27 2.64 15.66 7.46
CA VAL C 27 3.13 14.54 6.66
C VAL C 27 3.40 13.29 7.50
N GLY C 28 3.69 13.49 8.79
CA GLY C 28 3.88 12.38 9.71
C GLY C 28 2.84 11.29 9.62
N ARG C 29 1.59 11.60 9.93
CA ARG C 29 0.52 10.61 9.85
C ARG C 29 0.13 10.38 8.39
N SER C 30 -0.88 9.52 8.21
CA SER C 30 -1.54 9.34 6.93
C SER C 30 -2.81 8.53 7.14
N CYS C 31 -3.93 9.01 6.59
CA CYS C 31 -5.17 8.24 6.50
C CYS C 31 -6.15 8.96 5.60
N ILE C 32 -6.69 8.29 4.59
CA ILE C 32 -7.60 8.94 3.66
C ILE C 32 -8.86 8.09 3.53
N LEU C 33 -10.00 8.65 3.91
CA LEU C 33 -11.26 7.91 3.88
C LEU C 33 -12.00 8.29 2.60
N VAL C 34 -12.05 7.39 1.66
CA VAL C 34 -12.79 7.57 0.42
C VAL C 34 -14.20 7.05 0.61
N SER C 35 -15.16 7.68 -0.05
CA SER C 35 -16.58 7.30 0.06
C SER C 35 -17.15 7.37 -1.35
N ILE C 36 -17.16 6.22 -2.02
CA ILE C 36 -17.81 6.03 -3.30
C ILE C 36 -19.28 5.70 -3.03
N ALA C 37 -20.08 5.64 -4.08
CA ALA C 37 -21.55 5.70 -4.02
C ALA C 37 -22.15 5.08 -2.78
N GLY C 38 -21.78 3.85 -2.46
CA GLY C 38 -22.29 3.23 -1.25
C GLY C 38 -21.23 2.47 -0.49
N LYS C 39 -19.97 2.75 -0.81
CA LYS C 39 -18.85 2.00 -0.25
C LYS C 39 -17.84 2.95 0.37
N ASN C 40 -17.52 2.73 1.64
CA ASN C 40 -16.44 3.42 2.30
C ASN C 40 -15.17 2.59 2.21
N VAL C 41 -14.04 3.26 2.00
CA VAL C 41 -12.74 2.63 1.92
C VAL C 41 -11.76 3.50 2.69
N MET C 42 -10.81 2.89 3.38
CA MET C 42 -9.74 3.63 4.01
C MET C 42 -8.42 3.27 3.35
N LEU C 43 -7.64 4.30 3.01
CA LEU C 43 -6.31 4.11 2.45
C LEU C 43 -5.27 4.58 3.45
N ASP C 44 -4.21 3.79 3.59
CA ASP C 44 -2.97 4.21 4.24
C ASP C 44 -3.22 4.60 5.70
N CYS C 45 -3.52 3.60 6.52
CA CYS C 45 -3.62 3.83 7.96
C CYS C 45 -2.23 4.02 8.55
N GLY C 46 -1.95 5.21 9.07
CA GLY C 46 -0.57 5.54 9.44
C GLY C 46 -0.33 5.91 10.89
N MET C 47 0.94 5.88 11.30
CA MET C 47 1.36 6.21 12.65
C MET C 47 1.98 7.60 12.65
N HIS C 48 2.53 8.01 13.79
CA HIS C 48 3.31 9.24 13.88
C HIS C 48 4.25 9.10 15.06
N MET C 49 5.54 8.94 14.80
CA MET C 49 6.51 8.87 15.88
C MET C 49 6.66 10.24 16.53
N GLY C 50 7.52 10.31 17.53
CA GLY C 50 7.75 11.58 18.21
C GLY C 50 6.89 11.82 19.43
N PHE C 51 5.58 11.60 19.30
CA PHE C 51 4.70 11.75 20.45
C PHE C 51 4.83 10.53 21.36
N ASN C 52 4.12 10.56 22.49
CA ASN C 52 4.23 9.44 23.42
C ASN C 52 2.88 9.06 24.01
N ASP C 53 1.77 9.40 23.35
CA ASP C 53 0.45 9.01 23.83
C ASP C 53 -0.46 8.84 22.63
N ASP C 54 -1.77 8.69 22.89
CA ASP C 54 -2.72 8.35 21.84
C ASP C 54 -2.82 9.42 20.76
N ARG C 55 -2.13 10.55 20.91
CA ARG C 55 -2.09 11.52 19.84
C ARG C 55 -1.38 10.98 18.60
N ARG C 56 -0.51 9.98 18.75
CA ARG C 56 0.23 9.48 17.60
C ARG C 56 -0.70 8.89 16.54
N PHE C 57 -1.43 7.83 16.90
CA PHE C 57 -2.39 7.22 15.99
C PHE C 57 -3.45 8.25 15.60
N PRO C 58 -4.14 8.04 14.48
CA PRO C 58 -5.09 9.07 14.01
C PRO C 58 -6.29 9.21 14.93
N ASP C 59 -7.22 10.08 14.57
CA ASP C 59 -8.43 10.30 15.37
C ASP C 59 -9.54 9.47 14.73
N PHE C 60 -9.73 8.25 15.22
CA PHE C 60 -10.72 7.33 14.70
C PHE C 60 -12.11 7.61 15.24
N SER C 61 -12.33 8.78 15.83
CA SER C 61 -13.62 9.15 16.37
C SER C 61 -14.56 9.75 15.33
N TYR C 62 -14.05 10.13 14.17
CA TYR C 62 -14.88 10.61 13.07
C TYR C 62 -15.24 9.49 12.11
N ILE C 63 -15.03 8.24 12.53
CA ILE C 63 -15.49 7.07 11.80
C ILE C 63 -16.42 6.23 12.67
N THR C 64 -16.12 6.11 13.96
CA THR C 64 -16.83 5.26 14.90
C THR C 64 -18.14 5.88 15.37
N GLN C 65 -18.52 7.06 14.88
CA GLN C 65 -19.78 7.65 15.28
C GLN C 65 -20.94 7.02 14.50
N ASN C 66 -20.94 5.70 14.45
CA ASN C 66 -21.89 4.87 13.73
C ASN C 66 -21.86 3.49 14.37
N GLY C 67 -22.40 2.49 13.67
CA GLY C 67 -22.08 1.12 14.00
C GLY C 67 -20.58 0.89 13.95
N ARG C 68 -20.17 -0.26 14.47
CA ARG C 68 -18.75 -0.58 14.51
C ARG C 68 -18.14 -0.52 13.11
N LEU C 69 -16.82 -0.40 13.07
CA LEU C 69 -16.15 -0.23 11.79
C LEU C 69 -16.32 -1.43 10.88
N THR C 70 -16.54 -2.61 11.46
CA THR C 70 -16.71 -3.81 10.66
C THR C 70 -17.92 -3.69 9.73
N ASP C 71 -18.91 -2.89 10.12
CA ASP C 71 -20.08 -2.65 9.28
C ASP C 71 -19.92 -1.44 8.38
N PHE C 72 -19.22 -0.41 8.85
CA PHE C 72 -19.09 0.82 8.07
C PHE C 72 -18.19 0.61 6.86
N LEU C 73 -16.93 0.25 7.09
CA LEU C 73 -15.94 0.17 6.03
C LEU C 73 -16.20 -1.04 5.13
N ASP C 74 -15.38 -1.17 4.09
CA ASP C 74 -15.37 -2.34 3.24
C ASP C 74 -14.02 -3.02 3.19
N CYS C 75 -12.93 -2.26 3.02
CA CYS C 75 -11.60 -2.85 2.99
C CYS C 75 -10.56 -1.76 3.20
N VAL C 76 -9.69 -1.96 4.18
CA VAL C 76 -8.49 -1.15 4.27
C VAL C 76 -7.57 -1.46 3.10
N ILE C 77 -6.69 -0.52 2.78
CA ILE C 77 -5.74 -0.69 1.68
C ILE C 77 -4.44 -0.03 2.11
N ILE C 78 -3.39 -0.83 2.27
CA ILE C 78 -2.09 -0.36 2.74
C ILE C 78 -1.14 -0.28 1.55
N SER C 79 -0.67 0.93 1.23
CA SER C 79 0.19 1.12 0.08
C SER C 79 1.50 0.36 0.21
N HIS C 80 2.33 0.74 1.18
CA HIS C 80 3.63 0.10 1.35
C HIS C 80 3.89 -0.06 2.85
N PHE C 81 5.13 -0.35 3.21
CA PHE C 81 5.44 -0.86 4.55
C PHE C 81 6.09 0.18 5.46
N HIS C 82 6.20 1.43 5.04
CA HIS C 82 6.78 2.44 5.92
C HIS C 82 5.91 2.63 7.15
N LEU C 83 6.57 2.91 8.28
CA LEU C 83 5.86 3.06 9.55
C LEU C 83 4.97 4.28 9.60
N ASP C 84 4.89 5.02 8.49
CA ASP C 84 3.98 6.15 8.40
C ASP C 84 2.83 5.88 7.44
N HIS C 85 2.72 4.65 6.96
CA HIS C 85 1.55 4.22 6.19
C HIS C 85 0.95 2.92 6.68
N CYS C 86 1.59 2.22 7.62
CA CYS C 86 1.01 1.02 8.20
C CYS C 86 1.27 0.90 9.69
N GLY C 87 1.75 1.95 10.34
CA GLY C 87 2.18 1.81 11.73
C GLY C 87 1.03 1.57 12.68
N ALA C 88 -0.11 2.18 12.43
CA ALA C 88 -1.28 2.07 13.30
C ALA C 88 -2.27 1.03 12.80
N LEU C 89 -1.78 -0.03 12.20
CA LEU C 89 -2.66 -1.10 11.73
C LEU C 89 -3.07 -2.03 12.87
N PRO C 90 -2.14 -2.50 13.72
CA PRO C 90 -2.58 -3.36 14.82
C PRO C 90 -3.47 -2.65 15.82
N TYR C 91 -3.31 -1.33 15.98
CA TYR C 91 -4.21 -0.61 16.87
C TYR C 91 -5.58 -0.43 16.24
N PHE C 92 -5.64 -0.32 14.91
CA PHE C 92 -6.91 -0.14 14.23
C PHE C 92 -7.64 -1.45 14.02
N SER C 93 -6.94 -2.57 14.07
CA SER C 93 -7.56 -3.85 13.78
C SER C 93 -7.95 -4.64 15.01
N GLU C 94 -7.33 -4.40 16.16
CA GLU C 94 -7.63 -5.13 17.37
C GLU C 94 -8.30 -4.28 18.44
N MET C 95 -7.66 -3.19 18.86
CA MET C 95 -8.22 -2.38 19.93
C MET C 95 -9.53 -1.72 19.49
N VAL C 96 -9.45 -0.86 18.48
CA VAL C 96 -10.65 -0.16 18.02
C VAL C 96 -11.67 -1.15 17.47
N GLY C 97 -11.20 -2.25 16.90
CA GLY C 97 -12.10 -3.28 16.40
C GLY C 97 -12.39 -3.14 14.93
N TYR C 98 -11.87 -4.06 14.13
CA TYR C 98 -12.20 -4.12 12.71
C TYR C 98 -11.88 -5.52 12.22
N ASP C 99 -12.91 -6.29 11.89
CA ASP C 99 -12.74 -7.67 11.46
C ASP C 99 -13.11 -7.75 9.98
N GLY C 100 -12.13 -7.47 9.14
CA GLY C 100 -12.35 -7.45 7.70
C GLY C 100 -11.05 -7.62 6.94
N PRO C 101 -11.09 -7.44 5.63
CA PRO C 101 -9.89 -7.63 4.83
C PRO C 101 -9.02 -6.38 4.82
N ILE C 102 -7.72 -6.60 4.69
CA ILE C 102 -6.72 -5.53 4.63
C ILE C 102 -5.82 -5.87 3.45
N TYR C 103 -6.11 -5.31 2.28
CA TYR C 103 -5.43 -5.70 1.06
C TYR C 103 -4.04 -5.06 1.00
N MET C 104 -3.01 -5.89 1.12
CA MET C 104 -1.61 -5.50 0.96
C MET C 104 -1.06 -6.13 -0.31
N THR C 105 0.23 -5.94 -0.52
CA THR C 105 0.98 -6.74 -1.48
C THR C 105 1.80 -7.78 -0.72
N HIS C 106 2.52 -8.62 -1.46
CA HIS C 106 3.23 -9.72 -0.81
C HIS C 106 4.43 -9.24 0.01
N PRO C 107 5.38 -8.48 -0.53
CA PRO C 107 6.53 -8.08 0.30
C PRO C 107 6.14 -7.21 1.47
N THR C 108 5.11 -6.37 1.32
CA THR C 108 4.60 -5.60 2.44
C THR C 108 4.13 -6.52 3.55
N GLN C 109 3.37 -7.55 3.20
CA GLN C 109 2.88 -8.50 4.19
C GLN C 109 4.02 -9.26 4.84
N ALA C 110 5.11 -9.48 4.10
CA ALA C 110 6.24 -10.20 4.66
C ALA C 110 7.16 -9.34 5.49
N ILE C 111 7.13 -8.02 5.31
CA ILE C 111 8.05 -7.11 6.00
C ILE C 111 7.41 -6.44 7.20
N CYS C 112 6.10 -6.14 7.13
CA CYS C 112 5.45 -5.34 8.17
C CYS C 112 5.64 -5.87 9.58
N PRO C 113 5.45 -7.17 9.87
CA PRO C 113 5.68 -7.64 11.24
C PRO C 113 7.04 -7.25 11.82
N ILE C 114 8.10 -7.28 11.02
CA ILE C 114 9.43 -6.97 11.56
C ILE C 114 9.50 -5.51 11.99
N LEU C 115 9.03 -4.60 11.13
CA LEU C 115 9.05 -3.19 11.47
C LEU C 115 8.19 -2.90 12.70
N LEU C 116 6.99 -3.49 12.74
CA LEU C 116 6.11 -3.26 13.89
C LEU C 116 6.72 -3.82 15.16
N GLU C 117 7.44 -4.94 15.06
CA GLU C 117 8.11 -5.47 16.25
C GLU C 117 9.24 -4.57 16.70
N ASP C 118 9.99 -3.99 15.75
CA ASP C 118 11.05 -3.07 16.11
C ASP C 118 10.49 -1.84 16.81
N TYR C 119 9.41 -1.27 16.26
CA TYR C 119 8.84 -0.13 16.94
C TYR C 119 8.23 -0.51 18.29
N ARG C 120 7.73 -1.74 18.42
CA ARG C 120 7.28 -2.18 19.73
C ARG C 120 8.42 -2.19 20.72
N LYS C 121 9.59 -2.68 20.31
CA LYS C 121 10.76 -2.61 21.17
C LYS C 121 11.05 -1.17 21.57
N ILE C 122 11.03 -0.27 20.59
CA ILE C 122 11.36 1.13 20.85
C ILE C 122 10.40 1.72 21.88
N ALA C 123 9.10 1.54 21.67
CA ALA C 123 8.12 2.13 22.56
C ALA C 123 8.01 1.42 23.89
N VAL C 124 8.51 0.20 24.00
CA VAL C 124 8.57 -0.44 25.31
C VAL C 124 9.78 0.07 26.08
N ASP C 125 10.85 0.43 25.37
CA ASP C 125 11.98 1.08 26.04
C ASP C 125 11.55 2.39 26.69
N LYS C 126 10.79 3.21 25.97
CA LYS C 126 10.40 4.55 26.43
C LYS C 126 9.20 4.54 27.36
N LYS C 127 8.69 3.36 27.73
CA LYS C 127 7.49 3.25 28.56
C LYS C 127 6.34 4.06 27.98
N GLY C 128 5.92 3.67 26.79
CA GLY C 128 4.89 4.41 26.07
C GLY C 128 3.75 3.53 25.60
N GLU C 129 3.33 2.59 26.45
CA GLU C 129 2.38 1.55 26.07
C GLU C 129 1.04 1.70 26.79
N ALA C 130 0.53 2.93 26.89
CA ALA C 130 -0.81 3.14 27.42
C ALA C 130 -1.83 2.40 26.56
N ASN C 131 -1.97 2.83 25.30
CA ASN C 131 -2.75 2.12 24.29
C ASN C 131 -1.77 1.70 23.21
N PHE C 132 -1.13 0.55 23.41
CA PHE C 132 -0.14 0.07 22.46
C PHE C 132 -0.24 -1.44 22.33
N PHE C 133 -0.08 -1.91 21.10
CA PHE C 133 -0.27 -3.31 20.76
C PHE C 133 0.84 -4.19 21.33
N THR C 134 0.65 -5.50 21.19
CA THR C 134 1.59 -6.53 21.59
C THR C 134 1.68 -7.56 20.49
N SER C 135 2.78 -8.34 20.50
CA SER C 135 3.06 -9.26 19.40
C SER C 135 1.86 -10.12 19.03
N GLN C 136 1.02 -10.47 20.00
CA GLN C 136 -0.17 -11.25 19.69
C GLN C 136 -1.14 -10.44 18.85
N MET C 137 -1.25 -9.15 19.11
CA MET C 137 -2.12 -8.32 18.28
C MET C 137 -1.56 -8.16 16.88
N ILE C 138 -0.23 -8.08 16.74
CA ILE C 138 0.36 -8.01 15.40
C ILE C 138 0.09 -9.30 14.64
N LYS C 139 0.14 -10.44 15.33
CA LYS C 139 -0.19 -11.70 14.67
C LYS C 139 -1.64 -11.73 14.24
N ASP C 140 -2.56 -11.38 15.16
CA ASP C 140 -3.98 -11.37 14.82
C ASP C 140 -4.33 -10.30 13.81
N CYS C 141 -3.45 -9.34 13.55
CA CYS C 141 -3.68 -8.37 12.50
C CYS C 141 -3.04 -8.77 11.18
N MET C 142 -2.00 -9.59 11.21
CA MET C 142 -1.47 -10.16 9.98
C MET C 142 -2.31 -11.31 9.47
N LYS C 143 -3.08 -11.97 10.34
CA LYS C 143 -3.90 -13.08 9.87
C LYS C 143 -5.06 -12.60 9.00
N LYS C 144 -5.51 -11.36 9.19
CA LYS C 144 -6.60 -10.84 8.38
C LYS C 144 -6.14 -10.34 7.01
N VAL C 145 -4.84 -10.15 6.83
CA VAL C 145 -4.34 -9.56 5.60
C VAL C 145 -4.57 -10.51 4.43
N VAL C 146 -4.95 -9.96 3.29
CA VAL C 146 -5.27 -10.73 2.10
C VAL C 146 -4.43 -10.16 0.96
N ALA C 147 -3.31 -10.80 0.65
CA ALA C 147 -2.37 -10.24 -0.31
C ALA C 147 -2.94 -10.27 -1.72
N VAL C 148 -2.46 -9.33 -2.54
CA VAL C 148 -2.81 -9.27 -3.95
C VAL C 148 -1.53 -9.33 -4.76
N HIS C 149 -1.65 -9.78 -6.01
CA HIS C 149 -0.55 -9.80 -6.96
C HIS C 149 -0.65 -8.57 -7.87
N LEU C 150 0.50 -8.16 -8.41
CA LEU C 150 0.51 -6.99 -9.28
C LEU C 150 -0.35 -7.24 -10.51
N HIS C 151 -1.10 -6.22 -10.91
CA HIS C 151 -2.01 -6.26 -12.04
C HIS C 151 -3.08 -7.34 -11.91
N GLN C 152 -3.18 -7.98 -10.75
CA GLN C 152 -4.26 -8.91 -10.45
C GLN C 152 -5.43 -8.12 -9.91
N THR C 153 -6.63 -8.46 -10.36
CA THR C 153 -7.82 -7.64 -10.11
C THR C 153 -8.80 -8.44 -9.27
N VAL C 154 -8.91 -8.08 -7.99
CA VAL C 154 -9.75 -8.81 -7.06
C VAL C 154 -11.09 -8.11 -6.90
N GLN C 155 -12.07 -8.84 -6.38
CA GLN C 155 -13.48 -8.47 -6.41
C GLN C 155 -14.03 -8.52 -5.00
N VAL C 156 -13.91 -7.40 -4.27
CA VAL C 156 -14.40 -7.27 -2.91
C VAL C 156 -15.89 -6.97 -2.95
N ASP C 157 -16.64 -7.55 -2.01
CA ASP C 157 -18.04 -7.20 -1.76
C ASP C 157 -18.92 -7.32 -3.00
N ASP C 158 -18.43 -8.00 -4.05
CA ASP C 158 -19.20 -8.34 -5.24
C ASP C 158 -19.48 -7.11 -6.10
N GLU C 159 -19.15 -5.91 -5.60
CA GLU C 159 -19.36 -4.71 -6.38
C GLU C 159 -18.23 -3.70 -6.26
N LEU C 160 -17.21 -3.96 -5.44
CA LEU C 160 -16.07 -3.06 -5.29
C LEU C 160 -14.83 -3.83 -5.73
N GLU C 161 -14.35 -3.54 -6.94
CA GLU C 161 -13.28 -4.31 -7.54
C GLU C 161 -12.00 -3.48 -7.51
N ILE C 162 -10.95 -4.02 -6.87
CA ILE C 162 -9.71 -3.25 -6.75
C ILE C 162 -8.60 -4.00 -7.46
N LYS C 163 -7.57 -3.25 -7.82
CA LYS C 163 -6.50 -3.80 -8.66
C LYS C 163 -5.24 -2.98 -8.46
N ALA C 164 -4.13 -3.65 -8.17
CA ALA C 164 -2.89 -2.96 -7.85
C ALA C 164 -2.18 -2.52 -9.13
N TYR C 165 -1.00 -1.94 -8.95
CA TYR C 165 -0.14 -1.51 -10.04
C TYR C 165 1.30 -1.62 -9.54
N TYR C 166 2.23 -0.95 -10.22
CA TYR C 166 3.62 -0.88 -9.77
C TYR C 166 4.03 0.57 -9.69
N ALA C 167 4.61 0.96 -8.56
CA ALA C 167 5.08 2.34 -8.37
C ALA C 167 6.58 2.42 -8.14
N GLY C 168 7.11 1.71 -7.16
CA GLY C 168 8.53 1.75 -6.87
C GLY C 168 8.82 2.33 -5.50
N HIS C 169 10.01 2.92 -5.35
CA HIS C 169 10.40 3.68 -4.16
C HIS C 169 10.65 2.83 -2.93
N VAL C 170 10.19 1.57 -2.95
CA VAL C 170 10.47 0.59 -1.91
C VAL C 170 10.18 -0.77 -2.50
N LEU C 171 10.74 -1.81 -1.91
CA LEU C 171 10.44 -3.18 -2.33
C LEU C 171 9.06 -3.54 -1.80
N GLY C 172 8.03 -3.17 -2.55
CA GLY C 172 6.68 -3.57 -2.17
C GLY C 172 5.61 -2.51 -2.28
N ALA C 173 5.94 -1.33 -2.80
CA ALA C 173 4.93 -0.28 -2.94
C ALA C 173 3.95 -0.64 -4.03
N ALA C 174 2.96 0.23 -4.25
CA ALA C 174 1.93 -0.03 -5.24
C ALA C 174 1.13 1.25 -5.44
N MET C 175 0.24 1.19 -6.43
CA MET C 175 -0.67 2.29 -6.74
C MET C 175 -2.02 1.64 -7.04
N PHE C 176 -2.95 1.72 -6.10
CA PHE C 176 -4.17 0.95 -6.17
C PHE C 176 -5.23 1.66 -6.98
N GLN C 177 -6.10 0.88 -7.62
CA GLN C 177 -7.26 1.40 -8.33
C GLN C 177 -8.50 0.73 -7.76
N ILE C 178 -9.50 1.53 -7.42
CA ILE C 178 -10.73 1.08 -6.78
C ILE C 178 -11.88 1.42 -7.71
N LYS C 179 -12.61 0.41 -8.16
CA LYS C 179 -13.62 0.56 -9.19
C LYS C 179 -14.97 0.08 -8.65
N VAL C 180 -16.01 0.88 -8.86
CA VAL C 180 -17.35 0.51 -8.44
C VAL C 180 -18.25 0.62 -9.66
N GLY C 181 -17.69 0.37 -10.84
CA GLY C 181 -18.45 0.48 -12.06
C GLY C 181 -18.34 1.84 -12.70
N SER C 182 -19.32 2.70 -12.44
CA SER C 182 -19.35 4.02 -13.06
C SER C 182 -18.21 4.91 -12.57
N GLU C 183 -17.79 4.75 -11.32
CA GLU C 183 -16.73 5.57 -10.76
C GLU C 183 -15.50 4.73 -10.49
N SER C 184 -14.42 5.41 -10.12
CA SER C 184 -13.17 4.77 -9.75
C SER C 184 -12.23 5.82 -9.18
N VAL C 185 -11.41 5.40 -8.23
CA VAL C 185 -10.37 6.24 -7.66
C VAL C 185 -9.03 5.54 -7.88
N VAL C 186 -7.98 6.33 -7.98
CA VAL C 186 -6.63 5.80 -8.13
C VAL C 186 -5.77 6.42 -7.05
N TYR C 187 -5.38 5.62 -6.06
CA TYR C 187 -4.52 6.09 -4.98
C TYR C 187 -3.08 5.75 -5.32
N THR C 188 -2.22 6.77 -5.28
CA THR C 188 -0.81 6.63 -5.58
C THR C 188 -0.02 6.86 -4.31
N GLY C 189 0.71 5.85 -3.86
CA GLY C 189 1.50 5.98 -2.66
C GLY C 189 2.75 6.78 -2.92
N ASP C 190 3.85 6.44 -2.25
CA ASP C 190 5.12 7.08 -2.56
C ASP C 190 5.65 6.46 -3.85
N TYR C 191 5.38 7.13 -4.97
CA TYR C 191 5.72 6.60 -6.29
C TYR C 191 7.04 7.18 -6.76
N ASN C 192 7.42 6.79 -7.97
CA ASN C 192 8.72 7.15 -8.53
C ASN C 192 8.65 7.02 -10.05
N MET C 193 9.34 7.91 -10.74
CA MET C 193 9.34 7.92 -12.20
C MET C 193 10.72 7.78 -12.82
N THR C 194 11.76 8.29 -12.18
CA THR C 194 13.12 8.11 -12.69
C THR C 194 13.57 6.67 -12.50
N PRO C 195 13.89 5.94 -13.56
CA PRO C 195 14.27 4.53 -13.40
C PRO C 195 15.64 4.37 -12.77
N ASP C 196 15.72 4.60 -11.45
CA ASP C 196 16.98 4.46 -10.74
C ASP C 196 17.45 3.00 -10.79
N ARG C 197 18.66 2.78 -10.28
CA ARG C 197 19.32 1.49 -10.41
C ARG C 197 18.94 0.51 -9.31
N HIS C 198 17.79 0.72 -8.66
CA HIS C 198 17.35 -0.17 -7.59
C HIS C 198 16.07 -0.94 -7.95
N LEU C 199 14.98 -0.24 -8.23
CA LEU C 199 13.70 -0.91 -8.46
C LEU C 199 13.15 -0.68 -9.86
N GLY C 200 12.93 0.56 -10.27
CA GLY C 200 12.28 0.81 -11.54
C GLY C 200 11.44 2.09 -11.45
N ALA C 201 10.32 2.08 -12.16
CA ALA C 201 9.43 3.22 -12.22
C ALA C 201 7.99 2.73 -12.32
N ALA C 202 7.05 3.68 -12.23
CA ALA C 202 5.64 3.35 -12.18
C ALA C 202 5.11 2.99 -13.56
N TRP C 203 3.81 2.71 -13.63
CA TRP C 203 3.11 2.48 -14.88
C TRP C 203 1.61 2.44 -14.62
N ILE C 204 0.84 2.97 -15.56
CA ILE C 204 -0.62 2.91 -15.50
C ILE C 204 -1.15 3.26 -16.89
N ASP C 205 -2.18 2.54 -17.32
CA ASP C 205 -2.85 2.87 -18.57
C ASP C 205 -3.95 3.90 -18.32
N LYS C 206 -4.40 4.53 -19.39
CA LYS C 206 -5.25 5.71 -19.28
C LYS C 206 -6.64 5.37 -18.80
N CYS C 207 -6.77 4.93 -17.54
CA CYS C 207 -8.06 4.59 -16.98
C CYS C 207 -9.01 5.77 -16.87
N ARG C 208 -8.51 7.00 -17.02
CA ARG C 208 -9.27 8.23 -16.84
C ARG C 208 -10.15 8.16 -15.59
N PRO C 209 -9.56 7.98 -14.41
CA PRO C 209 -10.36 7.87 -13.19
C PRO C 209 -11.04 9.17 -12.85
N ASN C 210 -12.03 9.08 -11.96
CA ASN C 210 -12.70 10.27 -11.48
C ASN C 210 -11.83 11.09 -10.55
N LEU C 211 -10.79 10.49 -9.98
CA LEU C 211 -9.88 11.20 -9.10
C LEU C 211 -8.49 10.57 -9.21
N LEU C 212 -7.51 11.23 -8.59
CA LEU C 212 -6.17 10.69 -8.50
C LEU C 212 -5.54 11.29 -7.25
N ILE C 213 -5.53 10.53 -6.16
CA ILE C 213 -5.17 11.06 -4.85
C ILE C 213 -3.66 10.88 -4.72
N THR C 214 -2.92 11.85 -5.26
CA THR C 214 -1.48 11.77 -5.23
C THR C 214 -0.94 12.45 -3.98
N GLU C 215 0.38 12.57 -3.90
CA GLU C 215 1.05 13.23 -2.79
C GLU C 215 1.78 14.47 -3.29
N SER C 216 2.06 15.39 -2.38
CA SER C 216 2.70 16.65 -2.72
C SER C 216 3.77 16.98 -1.70
N THR C 217 4.57 15.99 -1.33
CA THR C 217 5.66 16.25 -0.39
C THR C 217 6.80 17.02 -1.05
N TYR C 218 7.14 16.67 -2.28
CA TYR C 218 8.28 17.24 -2.99
C TYR C 218 7.83 18.00 -4.24
N ALA C 219 6.63 18.59 -4.19
CA ALA C 219 6.05 19.17 -5.40
C ALA C 219 6.87 20.35 -5.93
N THR C 220 7.49 21.12 -5.05
CA THR C 220 8.25 22.29 -5.45
C THR C 220 9.75 22.13 -5.22
N THR C 221 10.27 20.93 -5.41
CA THR C 221 11.69 20.67 -5.28
C THR C 221 12.18 19.97 -6.55
N ILE C 222 13.26 20.49 -7.12
CA ILE C 222 13.95 19.81 -8.22
C ILE C 222 15.04 18.96 -7.59
N ARG C 223 14.85 17.64 -7.63
CA ARG C 223 15.74 16.72 -6.94
C ARG C 223 16.81 16.20 -7.89
N ASP C 224 18.01 16.04 -7.35
CA ASP C 224 19.12 15.53 -8.15
C ASP C 224 18.94 14.04 -8.43
N SER C 225 19.51 13.60 -9.54
CA SER C 225 19.51 12.18 -9.84
C SER C 225 20.35 11.42 -8.82
N LYS C 226 19.98 10.17 -8.58
CA LYS C 226 20.61 9.36 -7.53
C LYS C 226 22.09 9.11 -7.77
N ARG C 227 22.59 9.38 -8.99
CA ARG C 227 24.00 9.17 -9.28
C ARG C 227 24.88 10.01 -8.37
N CYS C 228 24.59 11.32 -8.29
CA CYS C 228 25.40 12.17 -7.43
C CYS C 228 25.24 11.81 -5.96
N ARG C 229 24.06 11.38 -5.56
CA ARG C 229 23.85 10.95 -4.18
C ARG C 229 24.75 9.78 -3.83
N GLU C 230 24.68 8.70 -4.63
CA GLU C 230 25.51 7.54 -4.37
C GLU C 230 26.99 7.90 -4.47
N ARG C 231 27.35 8.80 -5.40
CA ARG C 231 28.74 9.19 -5.54
C ARG C 231 29.23 9.90 -4.28
N ASP C 232 28.42 10.78 -3.71
CA ASP C 232 28.86 11.50 -2.52
C ASP C 232 28.89 10.58 -1.30
N PHE C 233 27.94 9.66 -1.21
CA PHE C 233 28.00 8.65 -0.16
C PHE C 233 29.29 7.87 -0.22
N LEU C 234 29.61 7.32 -1.41
CA LEU C 234 30.83 6.56 -1.57
C LEU C 234 32.06 7.42 -1.29
N LYS C 235 32.02 8.69 -1.70
CA LYS C 235 33.17 9.56 -1.48
C LYS C 235 33.43 9.74 0.01
N LYS C 236 32.38 10.05 0.77
CA LYS C 236 32.55 10.25 2.20
C LYS C 236 33.01 8.97 2.89
N VAL C 237 32.38 7.85 2.56
CA VAL C 237 32.75 6.58 3.19
C VAL C 237 34.18 6.22 2.88
N HIS C 238 34.55 6.28 1.59
CA HIS C 238 35.90 5.91 1.18
C HIS C 238 36.95 6.84 1.75
N GLU C 239 36.66 8.15 1.80
CA GLU C 239 37.62 9.10 2.34
C GLU C 239 37.80 8.91 3.83
N THR C 240 36.75 8.51 4.55
CA THR C 240 36.90 8.24 5.97
C THR C 240 37.52 6.88 6.24
N VAL C 241 37.41 5.94 5.30
CA VAL C 241 38.05 4.64 5.48
C VAL C 241 39.54 4.71 5.21
N GLU C 242 39.92 5.23 4.03
CA GLU C 242 41.34 5.29 3.67
C GLU C 242 42.15 6.06 4.70
N ARG C 243 41.55 7.05 5.35
CA ARG C 243 42.28 7.86 6.30
C ARG C 243 42.58 7.11 7.58
N GLY C 244 41.75 6.12 7.93
CA GLY C 244 41.81 5.51 9.24
C GLY C 244 40.79 6.15 10.15
N GLY C 245 39.85 5.35 10.65
CA GLY C 245 38.72 5.88 11.37
C GLY C 245 37.43 5.29 10.83
N LYS C 246 36.52 4.93 11.71
CA LYS C 246 35.38 4.11 11.34
C LYS C 246 34.14 4.96 11.05
N VAL C 247 33.27 4.41 10.23
CA VAL C 247 31.98 5.00 9.90
C VAL C 247 30.91 4.26 10.66
N LEU C 248 29.83 4.96 11.01
CA LEU C 248 28.69 4.35 11.68
C LEU C 248 27.42 4.80 11.01
N ILE C 249 26.61 3.83 10.56
CA ILE C 249 25.35 4.13 9.89
C ILE C 249 24.20 3.57 10.71
N PRO C 250 23.46 4.40 11.43
CA PRO C 250 22.27 3.92 12.15
C PRO C 250 21.12 3.67 11.18
N VAL C 251 20.60 2.45 11.19
CA VAL C 251 19.51 2.05 10.30
C VAL C 251 18.55 1.16 11.05
N PHE C 252 17.28 1.23 10.66
CA PHE C 252 16.28 0.31 11.19
C PHE C 252 16.52 -1.09 10.64
N ALA C 253 15.64 -2.02 11.01
CA ALA C 253 15.79 -3.41 10.59
C ALA C 253 15.83 -3.52 9.07
N LEU C 254 14.78 -3.09 8.39
CA LEU C 254 14.73 -3.08 6.94
C LEU C 254 14.67 -1.63 6.45
N GLY C 255 14.56 -1.48 5.13
CA GLY C 255 14.55 -0.15 4.55
C GLY C 255 15.85 0.20 3.83
N ARG C 256 16.69 1.02 4.45
CA ARG C 256 17.90 1.49 3.81
C ARG C 256 19.02 0.46 3.86
N ALA C 257 19.10 -0.31 4.94
CA ALA C 257 20.27 -1.15 5.20
C ALA C 257 20.60 -2.05 4.02
N GLN C 258 19.60 -2.71 3.43
CA GLN C 258 19.87 -3.61 2.33
C GLN C 258 20.43 -2.87 1.12
N GLU C 259 19.89 -1.69 0.83
CA GLU C 259 20.34 -0.94 -0.34
C GLU C 259 21.75 -0.41 -0.16
N LEU C 260 22.05 0.14 1.02
CA LEU C 260 23.41 0.57 1.30
C LEU C 260 24.38 -0.61 1.27
N CYS C 261 23.94 -1.78 1.73
CA CYS C 261 24.79 -2.97 1.65
C CYS C 261 25.10 -3.32 0.19
N ILE C 262 24.07 -3.38 -0.65
CA ILE C 262 24.28 -3.70 -2.07
C ILE C 262 25.23 -2.69 -2.70
N LEU C 263 25.03 -1.40 -2.41
CA LEU C 263 25.86 -0.37 -3.00
C LEU C 263 27.32 -0.50 -2.57
N LEU C 264 27.55 -0.67 -1.26
CA LEU C 264 28.92 -0.83 -0.78
C LEU C 264 29.58 -2.07 -1.36
N GLU C 265 28.81 -3.17 -1.50
CA GLU C 265 29.37 -4.37 -2.11
C GLU C 265 29.79 -4.10 -3.54
N THR C 266 28.90 -3.50 -4.33
CA THR C 266 29.19 -3.27 -5.74
C THR C 266 30.35 -2.29 -5.93
N PHE C 267 30.53 -1.35 -5.01
CA PHE C 267 31.64 -0.41 -5.16
C PHE C 267 32.96 -0.98 -4.65
N TRP C 268 32.94 -1.75 -3.56
CA TRP C 268 34.17 -2.33 -3.05
C TRP C 268 34.64 -3.49 -3.89
N GLU C 269 33.74 -4.11 -4.67
CA GLU C 269 34.16 -5.06 -5.68
C GLU C 269 34.86 -4.34 -6.83
N ARG C 270 34.27 -3.24 -7.31
CA ARG C 270 34.83 -2.50 -8.43
C ARG C 270 36.21 -1.94 -8.11
N MET C 271 36.49 -1.68 -6.83
CA MET C 271 37.75 -1.08 -6.42
C MET C 271 38.61 -2.00 -5.56
N ASN C 272 38.14 -3.21 -5.26
CA ASN C 272 38.94 -4.26 -4.63
C ASN C 272 39.51 -3.79 -3.28
N LEU C 273 38.59 -3.55 -2.36
CA LEU C 273 38.93 -3.23 -0.98
C LEU C 273 38.82 -4.47 -0.10
N LYS C 274 39.21 -4.33 1.16
CA LYS C 274 39.24 -5.45 2.09
C LYS C 274 38.58 -5.18 3.43
N VAL C 275 38.42 -3.92 3.83
CA VAL C 275 37.86 -3.51 5.12
C VAL C 275 36.55 -4.24 5.39
N PRO C 276 36.24 -4.60 6.63
CA PRO C 276 35.01 -5.37 6.89
C PRO C 276 33.78 -4.48 6.98
N ILE C 277 32.68 -4.96 6.38
CA ILE C 277 31.39 -4.31 6.44
C ILE C 277 30.46 -5.22 7.23
N TYR C 278 29.86 -4.69 8.29
CA TYR C 278 29.05 -5.50 9.20
C TYR C 278 27.59 -5.10 9.14
N PHE C 279 26.72 -6.10 9.27
CA PHE C 279 25.29 -5.90 9.47
C PHE C 279 24.84 -6.91 10.50
N SER C 280 24.27 -6.41 11.60
CA SER C 280 24.05 -7.24 12.79
C SER C 280 23.16 -8.46 12.55
N THR C 281 21.89 -8.23 12.21
CA THR C 281 20.92 -9.31 12.06
C THR C 281 20.89 -9.72 10.60
N GLY C 282 21.53 -10.85 10.29
CA GLY C 282 21.64 -11.31 8.92
C GLY C 282 20.48 -12.14 8.42
N LEU C 283 19.34 -11.49 8.15
CA LEU C 283 18.20 -12.15 7.54
C LEU C 283 18.02 -11.74 6.08
N THR C 284 19.02 -11.09 5.49
CA THR C 284 18.98 -10.73 4.08
C THR C 284 18.95 -11.94 3.17
N GLU C 285 19.41 -13.11 3.64
CA GLU C 285 19.33 -14.31 2.83
C GLU C 285 17.89 -14.77 2.66
N LYS C 286 17.08 -14.63 3.72
CA LYS C 286 15.63 -14.76 3.55
C LYS C 286 15.12 -13.80 2.49
N ALA C 287 15.74 -12.63 2.38
CA ALA C 287 15.41 -11.66 1.34
C ALA C 287 15.35 -12.32 -0.03
N ASN C 288 16.08 -13.42 -0.21
CA ASN C 288 16.01 -14.23 -1.42
C ASN C 288 14.58 -14.33 -1.91
N HIS C 289 13.69 -14.84 -1.07
CA HIS C 289 12.29 -14.98 -1.44
C HIS C 289 11.76 -13.70 -2.07
N TYR C 290 11.77 -12.59 -1.32
CA TYR C 290 11.18 -11.40 -1.92
C TYR C 290 12.12 -10.71 -2.90
N TYR C 291 13.42 -11.03 -2.86
CA TYR C 291 14.27 -10.63 -3.98
C TYR C 291 13.95 -11.50 -5.19
N LYS C 292 13.59 -12.77 -4.95
CA LYS C 292 12.87 -13.52 -5.96
C LYS C 292 11.70 -12.70 -6.49
N LEU C 293 10.94 -12.10 -5.58
CA LEU C 293 9.78 -11.32 -5.99
C LEU C 293 10.16 -10.14 -6.86
N PHE C 294 11.44 -9.76 -6.91
CA PHE C 294 11.80 -8.67 -7.80
C PHE C 294 11.65 -9.05 -9.27
N ILE C 295 11.67 -10.33 -9.60
CA ILE C 295 11.41 -10.72 -10.98
C ILE C 295 9.92 -10.49 -11.26
N PRO C 296 9.00 -10.86 -10.34
CA PRO C 296 7.66 -10.27 -10.42
C PRO C 296 7.64 -8.76 -10.24
N TRP C 297 8.48 -8.23 -9.36
CA TRP C 297 8.50 -6.80 -9.08
C TRP C 297 9.48 -6.06 -9.99
N ASN C 310 23.64 -17.01 -4.07
CA ASN C 310 22.96 -17.50 -5.27
C ASN C 310 22.98 -16.44 -6.37
N MET C 311 22.03 -15.51 -6.32
CA MET C 311 22.00 -14.43 -7.29
C MET C 311 22.89 -13.28 -6.85
N PHE C 312 22.90 -12.97 -5.55
CA PHE C 312 23.93 -12.14 -4.97
C PHE C 312 23.98 -12.43 -3.48
N GLU C 313 25.08 -13.05 -3.03
CA GLU C 313 25.35 -13.26 -1.62
C GLU C 313 26.76 -12.77 -1.32
N PHE C 314 26.92 -12.18 -0.14
CA PHE C 314 27.99 -11.23 0.09
C PHE C 314 29.31 -11.91 0.42
N LYS C 315 30.39 -11.25 0.03
CA LYS C 315 31.75 -11.67 0.34
C LYS C 315 32.34 -10.96 1.54
N HIS C 316 32.05 -9.67 1.70
CA HIS C 316 32.60 -8.88 2.79
C HIS C 316 31.62 -8.67 3.95
N ILE C 317 30.32 -8.77 3.71
CA ILE C 317 29.33 -8.45 4.74
C ILE C 317 29.24 -9.62 5.71
N LYS C 318 29.90 -9.48 6.85
CA LYS C 318 29.91 -10.47 7.91
C LYS C 318 28.75 -10.19 8.87
N ALA C 319 28.77 -10.84 10.04
CA ALA C 319 27.82 -10.55 11.10
C ALA C 319 28.48 -9.68 12.16
N PHE C 320 27.74 -9.36 13.20
CA PHE C 320 28.19 -8.41 14.22
C PHE C 320 28.24 -9.08 15.60
N ASP C 321 28.87 -8.36 16.52
CA ASP C 321 28.95 -8.71 17.93
C ASP C 321 29.57 -7.54 18.68
N ARG C 322 29.32 -7.46 19.97
CA ARG C 322 29.86 -6.39 20.79
C ARG C 322 31.35 -6.56 21.07
N ALA C 323 31.93 -7.70 20.71
CA ALA C 323 33.31 -7.98 21.10
C ALA C 323 34.31 -7.11 20.34
N PHE C 324 34.39 -7.27 19.02
CA PHE C 324 35.38 -6.55 18.23
C PHE C 324 34.82 -5.28 17.59
N ALA C 325 33.77 -4.70 18.15
CA ALA C 325 33.33 -3.38 17.73
C ALA C 325 34.15 -2.26 18.35
N ASP C 326 35.29 -2.60 18.96
CA ASP C 326 36.12 -1.62 19.67
C ASP C 326 37.60 -1.68 19.30
N ASN C 327 38.09 -2.77 18.72
CA ASN C 327 39.49 -2.84 18.32
C ASN C 327 39.74 -1.88 17.16
N PRO C 328 40.98 -1.42 16.99
CA PRO C 328 41.25 -0.38 16.00
C PRO C 328 41.17 -0.90 14.57
N GLY C 329 41.44 0.01 13.64
CA GLY C 329 41.43 -0.30 12.22
C GLY C 329 40.18 0.21 11.54
N PRO C 330 40.30 0.60 10.28
CA PRO C 330 39.14 1.07 9.53
C PRO C 330 38.03 0.03 9.53
N MET C 331 36.79 0.51 9.54
CA MET C 331 35.65 -0.38 9.70
C MET C 331 34.37 0.38 9.37
N VAL C 332 33.39 -0.35 8.85
CA VAL C 332 32.03 0.13 8.69
C VAL C 332 31.13 -0.74 9.55
N VAL C 333 30.06 -0.15 10.07
CA VAL C 333 29.19 -0.83 11.04
C VAL C 333 27.75 -0.41 10.79
N PHE C 334 26.86 -1.38 10.62
CA PHE C 334 25.42 -1.13 10.54
C PHE C 334 24.78 -1.69 11.81
N ALA C 335 24.28 -0.81 12.67
CA ALA C 335 23.55 -1.23 13.86
C ALA C 335 22.07 -0.90 13.72
N THR C 336 21.25 -1.52 14.56
CA THR C 336 19.82 -1.43 14.31
C THR C 336 18.94 -1.16 15.53
N PRO C 337 19.12 -0.06 16.26
CA PRO C 337 18.05 0.46 17.12
C PRO C 337 17.22 1.57 16.50
N GLY C 338 17.56 2.04 15.30
CA GLY C 338 16.79 3.09 14.66
C GLY C 338 17.57 4.37 14.43
N MET C 339 16.91 5.52 14.59
CA MET C 339 17.52 6.82 14.34
C MET C 339 18.29 7.30 15.58
N LEU C 340 19.26 6.47 15.99
CA LEU C 340 20.01 6.67 17.22
C LEU C 340 19.09 6.72 18.43
N HIS C 341 18.07 5.87 18.42
CA HIS C 341 17.23 5.67 19.60
C HIS C 341 18.03 4.86 20.63
N ALA C 342 17.38 4.50 21.72
CA ALA C 342 18.02 3.63 22.70
C ALA C 342 18.38 2.30 22.07
N GLY C 343 19.47 1.70 22.53
CA GLY C 343 19.89 0.43 22.01
C GLY C 343 21.34 0.33 21.58
N GLN C 344 21.58 -0.28 20.42
CA GLN C 344 22.94 -0.61 20.02
C GLN C 344 23.70 0.64 19.57
N SER C 345 23.19 1.33 18.54
CA SER C 345 23.91 2.47 17.97
C SER C 345 24.21 3.53 19.02
N LEU C 346 23.33 3.70 20.00
CA LEU C 346 23.61 4.66 21.06
C LEU C 346 24.89 4.27 21.80
N GLN C 347 25.02 2.99 22.16
CA GLN C 347 26.21 2.55 22.88
C GLN C 347 27.46 2.63 21.99
N ILE C 348 27.34 2.19 20.74
CA ILE C 348 28.48 2.24 19.82
C ILE C 348 28.97 3.69 19.67
N PHE C 349 28.08 4.57 19.22
CA PHE C 349 28.41 5.98 19.05
C PHE C 349 28.87 6.61 20.37
N ARG C 350 28.43 6.06 21.50
CA ARG C 350 28.96 6.50 22.78
C ARG C 350 30.44 6.17 22.92
N LYS C 351 30.82 4.94 22.54
CA LYS C 351 32.22 4.55 22.66
C LYS C 351 33.08 5.25 21.61
N TRP C 352 32.54 5.48 20.42
CA TRP C 352 33.31 6.04 19.31
C TRP C 352 33.34 7.57 19.31
N ALA C 353 32.77 8.21 20.32
CA ALA C 353 32.53 9.65 20.24
C ALA C 353 33.85 10.44 20.22
N GLY C 354 34.67 10.26 21.24
CA GLY C 354 35.88 11.07 21.36
C GLY C 354 36.98 10.67 20.40
N ASN C 355 36.76 10.90 19.11
CA ASN C 355 37.77 10.64 18.09
C ASN C 355 37.38 11.40 16.84
N GLU C 356 38.28 12.26 16.36
CA GLU C 356 37.97 13.12 15.22
C GLU C 356 37.93 12.36 13.90
N LYS C 357 38.39 11.12 13.87
CA LYS C 357 38.47 10.36 12.62
C LYS C 357 37.16 9.69 12.26
N ASN C 358 36.46 9.13 13.24
CA ASN C 358 35.21 8.42 12.97
C ASN C 358 34.16 9.39 12.43
N MET C 359 33.06 8.83 11.93
CA MET C 359 31.96 9.65 11.46
C MET C 359 30.67 8.87 11.59
N VAL C 360 29.55 9.61 11.60
CA VAL C 360 28.23 9.01 11.59
C VAL C 360 27.44 9.55 10.41
N ILE C 361 26.62 8.70 9.81
CA ILE C 361 25.86 9.03 8.62
C ILE C 361 24.42 8.58 8.85
N MET C 362 23.49 9.55 8.88
CA MET C 362 22.09 9.22 9.13
C MET C 362 21.35 9.11 7.80
N PRO C 363 20.96 7.91 7.37
CA PRO C 363 20.19 7.76 6.14
C PRO C 363 18.68 7.84 6.36
N GLY C 364 18.24 8.88 7.05
CA GLY C 364 16.82 9.03 7.32
C GLY C 364 16.53 10.35 7.99
N TYR C 365 15.24 10.57 8.25
CA TYR C 365 14.76 11.81 8.85
C TYR C 365 14.55 11.60 10.33
N CYS C 366 15.55 11.99 11.13
CA CYS C 366 15.47 11.82 12.57
C CYS C 366 14.41 12.74 13.17
N VAL C 367 13.41 12.16 13.82
CA VAL C 367 12.31 12.94 14.36
C VAL C 367 12.68 13.47 15.74
N GLN C 368 11.96 14.51 16.17
CA GLN C 368 12.22 15.13 17.46
C GLN C 368 12.17 14.10 18.58
N GLY C 369 13.02 14.31 19.58
CA GLY C 369 13.01 13.49 20.77
C GLY C 369 14.05 12.39 20.82
N THR C 370 15.08 12.45 19.99
CA THR C 370 16.13 11.45 20.00
C THR C 370 17.48 12.13 19.87
N VAL C 371 18.54 11.35 20.12
CA VAL C 371 19.90 11.88 19.99
C VAL C 371 20.17 12.35 18.58
N GLY C 372 19.58 11.66 17.59
CA GLY C 372 19.81 12.05 16.21
C GLY C 372 19.32 13.46 15.90
N HIS C 373 18.16 13.83 16.45
CA HIS C 373 17.65 15.18 16.22
C HIS C 373 18.26 16.21 17.15
N LYS C 374 19.07 15.79 18.12
CA LYS C 374 19.86 16.74 18.89
C LYS C 374 21.21 17.01 18.24
N ILE C 375 21.79 16.01 17.57
CA ILE C 375 23.05 16.21 16.88
C ILE C 375 22.83 16.85 15.52
N LEU C 376 21.81 16.40 14.79
CA LEU C 376 21.62 16.83 13.40
C LEU C 376 21.22 18.28 13.27
N SER C 377 21.14 19.04 14.36
CA SER C 377 20.96 20.48 14.27
C SER C 377 21.66 21.11 15.47
N GLY C 378 22.91 21.52 15.27
CA GLY C 378 23.62 22.26 16.28
C GLY C 378 24.37 21.43 17.31
N GLN C 379 23.71 21.18 18.44
CA GLN C 379 24.33 20.70 19.67
C GLN C 379 25.38 19.62 19.43
N ARG C 380 26.50 19.73 20.15
CA ARG C 380 27.56 18.74 20.11
C ARG C 380 28.05 18.35 21.50
N LYS C 381 27.28 18.63 22.55
CA LYS C 381 27.64 18.29 23.93
C LYS C 381 26.45 17.56 24.53
N LEU C 382 26.41 16.25 24.37
CA LEU C 382 25.25 15.46 24.81
C LEU C 382 25.22 15.36 26.33
N GLU C 383 24.19 14.66 26.83
CA GLU C 383 24.00 14.45 28.25
C GLU C 383 23.62 12.98 28.45
N MET C 384 24.51 12.20 29.06
CA MET C 384 24.27 10.79 29.26
C MET C 384 23.37 10.57 30.47
N GLU C 385 23.28 9.32 30.92
CA GLU C 385 22.44 8.98 32.06
C GLU C 385 22.88 9.74 33.30
N GLY C 386 21.89 10.21 34.07
CA GLY C 386 22.21 11.03 35.22
C GLY C 386 22.74 12.39 34.80
N ARG C 387 23.62 12.95 35.64
CA ARG C 387 24.24 14.23 35.36
C ARG C 387 25.37 14.13 34.34
N GLN C 388 25.60 12.95 33.77
CA GLN C 388 26.73 12.73 32.89
C GLN C 388 26.62 13.60 31.63
N VAL C 389 27.73 13.70 30.91
CA VAL C 389 27.84 14.57 29.74
C VAL C 389 28.76 13.89 28.73
N LEU C 390 28.36 13.93 27.46
CA LEU C 390 29.14 13.33 26.38
C LEU C 390 29.54 14.41 25.39
N GLU C 391 30.79 14.35 24.95
CA GLU C 391 31.30 15.25 23.92
C GLU C 391 31.23 14.56 22.56
N VAL C 392 31.18 15.36 21.51
CA VAL C 392 31.10 14.86 20.13
C VAL C 392 32.15 15.58 19.31
N LYS C 393 33.02 14.82 18.65
CA LYS C 393 34.04 15.38 17.77
C LYS C 393 33.96 14.77 16.39
N MET C 394 33.46 13.53 16.32
CA MET C 394 33.30 12.83 15.06
C MET C 394 32.47 13.66 14.08
N GLN C 395 32.70 13.43 12.80
CA GLN C 395 31.92 14.11 11.77
C GLN C 395 30.49 13.58 11.76
N VAL C 396 29.57 14.44 11.35
CA VAL C 396 28.15 14.12 11.25
C VAL C 396 27.72 14.38 9.81
N GLU C 397 26.93 13.46 9.25
CA GLU C 397 26.49 13.61 7.88
C GLU C 397 25.04 13.17 7.74
N TYR C 398 24.32 13.86 6.87
CA TYR C 398 22.92 13.58 6.58
C TYR C 398 22.82 13.28 5.08
N MET C 399 22.32 12.10 4.74
CA MET C 399 22.27 11.64 3.36
C MET C 399 20.89 11.04 3.10
N SER C 400 20.06 11.76 2.36
CA SER C 400 18.70 11.32 2.07
C SER C 400 18.72 10.43 0.84
N PHE C 401 18.49 9.14 1.02
CA PHE C 401 18.36 8.21 -0.08
C PHE C 401 16.91 7.95 -0.46
N SER C 402 15.97 8.58 0.22
CA SER C 402 14.56 8.42 -0.12
C SER C 402 14.33 8.83 -1.56
N ALA C 403 13.40 8.15 -2.22
CA ALA C 403 13.12 8.37 -3.64
C ALA C 403 11.63 8.61 -3.83
N HIS C 404 11.21 9.85 -3.63
CA HIS C 404 9.87 10.26 -4.00
C HIS C 404 9.90 10.92 -5.37
N ALA C 405 8.75 10.91 -6.04
CA ALA C 405 8.65 11.70 -7.25
C ALA C 405 8.52 13.18 -6.88
N ASP C 406 8.70 14.03 -7.87
CA ASP C 406 8.67 15.48 -7.66
C ASP C 406 7.89 16.12 -8.80
N ALA C 407 8.04 17.45 -8.92
CA ALA C 407 7.29 18.24 -9.89
C ALA C 407 7.23 17.57 -11.25
N LYS C 408 8.40 17.28 -11.83
CA LYS C 408 8.45 16.57 -13.10
C LYS C 408 7.70 15.25 -13.00
N GLY C 409 7.94 14.49 -11.93
CA GLY C 409 7.29 13.21 -11.77
C GLY C 409 5.78 13.35 -11.62
N ILE C 410 5.34 14.28 -10.77
CA ILE C 410 3.91 14.49 -10.57
C ILE C 410 3.23 14.81 -11.89
N MET C 411 3.82 15.73 -12.65
CA MET C 411 3.18 16.15 -13.89
C MET C 411 3.21 15.05 -14.94
N GLN C 412 4.33 14.34 -15.04
CA GLN C 412 4.41 13.23 -15.98
C GLN C 412 3.38 12.15 -15.67
N LEU C 413 3.21 11.84 -14.38
CA LEU C 413 2.24 10.80 -14.01
C LEU C 413 0.82 11.26 -14.29
N VAL C 414 0.48 12.49 -13.92
CA VAL C 414 -0.86 13.00 -14.20
C VAL C 414 -1.14 12.97 -15.69
N GLY C 415 -0.16 13.35 -16.51
CA GLY C 415 -0.33 13.21 -17.94
C GLY C 415 -0.50 11.77 -18.37
N GLN C 416 0.27 10.86 -17.78
CA GLN C 416 0.27 9.45 -18.12
C GLN C 416 -1.01 8.74 -17.69
N ALA C 417 -1.82 9.37 -16.84
CA ALA C 417 -3.07 8.75 -16.40
C ALA C 417 -4.32 9.38 -17.02
N GLU C 418 -4.25 10.64 -17.44
CA GLU C 418 -5.39 11.39 -17.98
C GLU C 418 -6.54 11.41 -16.97
N PRO C 419 -6.34 11.97 -15.78
CA PRO C 419 -7.37 11.92 -14.76
C PRO C 419 -8.35 13.08 -14.85
N GLU C 420 -9.60 12.78 -14.53
CA GLU C 420 -10.65 13.79 -14.59
C GLU C 420 -10.61 14.77 -13.41
N SER C 421 -9.69 14.58 -12.46
CA SER C 421 -9.44 15.53 -11.39
C SER C 421 -8.18 15.08 -10.66
N VAL C 422 -7.70 15.93 -9.76
CA VAL C 422 -6.50 15.66 -8.98
C VAL C 422 -6.71 16.19 -7.57
N LEU C 423 -6.23 15.44 -6.59
CA LEU C 423 -6.29 15.83 -5.18
C LEU C 423 -4.91 15.66 -4.58
N LEU C 424 -4.59 16.49 -3.59
CA LEU C 424 -3.23 16.59 -3.05
C LEU C 424 -3.24 16.48 -1.52
N VAL C 425 -3.07 15.27 -1.02
CA VAL C 425 -2.87 15.03 0.41
C VAL C 425 -1.46 14.51 0.61
N HIS C 426 -1.07 14.27 1.86
CA HIS C 426 0.28 13.85 2.20
C HIS C 426 1.28 14.89 1.69
N GLY C 427 1.00 16.15 2.01
CA GLY C 427 1.82 17.25 1.56
C GLY C 427 1.38 18.53 2.24
N GLU C 428 2.17 19.57 2.03
CA GLU C 428 1.97 20.84 2.72
C GLU C 428 0.81 21.60 2.07
N ALA C 429 0.64 22.87 2.45
CA ALA C 429 -0.51 23.65 2.03
C ALA C 429 -0.16 24.98 1.38
N LYS C 430 1.12 25.36 1.31
CA LYS C 430 1.49 26.57 0.61
C LYS C 430 2.09 26.31 -0.77
N LYS C 431 2.83 25.20 -0.92
CA LYS C 431 3.37 24.83 -2.22
C LYS C 431 2.27 24.61 -3.26
N MET C 432 1.06 24.29 -2.79
CA MET C 432 -0.06 24.12 -3.71
C MET C 432 -0.39 25.42 -4.42
N GLU C 433 -0.06 26.57 -3.81
CA GLU C 433 -0.35 27.85 -4.42
C GLU C 433 0.27 27.99 -5.81
N PHE C 434 1.31 27.23 -6.12
CA PHE C 434 1.79 27.13 -7.49
C PHE C 434 1.52 25.78 -8.13
N LEU C 435 1.57 24.69 -7.37
CA LEU C 435 1.35 23.37 -7.97
C LEU C 435 -0.06 23.30 -8.59
N LYS C 436 -1.07 23.72 -7.84
CA LYS C 436 -2.45 23.66 -8.33
C LYS C 436 -2.64 24.57 -9.54
N GLN C 437 -2.07 25.78 -9.49
CA GLN C 437 -2.18 26.69 -10.62
C GLN C 437 -1.52 26.10 -11.86
N LYS C 438 -0.37 25.44 -11.70
CA LYS C 438 0.29 24.81 -12.82
C LYS C 438 -0.58 23.71 -13.42
N ILE C 439 -1.09 22.82 -12.56
CA ILE C 439 -1.90 21.72 -13.05
C ILE C 439 -3.13 22.24 -13.79
N GLU C 440 -3.79 23.24 -13.23
CA GLU C 440 -4.99 23.79 -13.88
C GLU C 440 -4.64 24.45 -15.20
N GLN C 441 -3.69 25.39 -15.20
CA GLN C 441 -3.33 26.10 -16.42
C GLN C 441 -2.65 25.22 -17.45
N GLU C 442 -2.28 23.98 -17.08
CA GLU C 442 -1.68 23.06 -18.04
C GLU C 442 -2.68 22.07 -18.62
N LEU C 443 -3.61 21.57 -17.81
CA LEU C 443 -4.55 20.55 -18.26
C LEU C 443 -5.99 21.04 -18.35
N ARG C 444 -6.26 22.28 -17.91
CA ARG C 444 -7.62 22.81 -17.76
C ARG C 444 -8.56 21.82 -17.08
N VAL C 445 -8.00 21.00 -16.20
CA VAL C 445 -8.74 20.12 -15.30
C VAL C 445 -8.60 20.66 -13.88
N ASN C 446 -9.69 20.64 -13.12
CA ASN C 446 -9.67 21.19 -11.79
C ASN C 446 -8.74 20.40 -10.87
N CYS C 447 -8.31 21.06 -9.80
CA CYS C 447 -7.47 20.44 -8.78
C CYS C 447 -7.92 20.93 -7.41
N TYR C 448 -7.72 20.10 -6.40
CA TYR C 448 -8.18 20.38 -5.06
C TYR C 448 -7.02 20.32 -4.08
N MET C 449 -7.29 20.73 -2.84
CA MET C 449 -6.30 20.74 -1.78
C MET C 449 -7.01 20.78 -0.44
N PRO C 450 -7.54 19.66 0.05
CA PRO C 450 -8.16 19.67 1.37
C PRO C 450 -7.11 19.83 2.46
N ALA C 451 -7.57 20.30 3.60
CA ALA C 451 -6.76 20.36 4.80
C ALA C 451 -7.04 19.14 5.65
N ASN C 452 -6.56 19.14 6.89
CA ASN C 452 -6.64 17.96 7.74
C ASN C 452 -8.07 17.75 8.25
N GLY C 453 -8.99 17.42 7.35
CA GLY C 453 -10.34 17.14 7.76
C GLY C 453 -11.40 17.62 6.79
N GLU C 454 -11.03 18.55 5.92
CA GLU C 454 -11.98 19.13 4.97
C GLU C 454 -12.44 18.07 3.99
N THR C 455 -13.72 17.70 4.06
CA THR C 455 -14.29 16.78 3.08
C THR C 455 -14.32 17.44 1.71
N VAL C 456 -13.77 16.74 0.72
CA VAL C 456 -13.83 17.18 -0.67
C VAL C 456 -14.84 16.31 -1.39
N THR C 457 -15.92 16.92 -1.84
CA THR C 457 -17.01 16.23 -2.51
C THR C 457 -17.01 16.58 -4.00
N LEU C 458 -17.34 15.60 -4.83
CA LEU C 458 -17.52 15.92 -6.23
C LEU C 458 -18.57 15.00 -6.84
N PRO C 459 -19.46 15.54 -7.66
CA PRO C 459 -20.46 14.70 -8.32
C PRO C 459 -19.89 13.98 -9.53
N THR C 460 -20.41 12.79 -9.77
CA THR C 460 -19.96 11.97 -10.89
C THR C 460 -20.18 12.68 -12.22
N ASP D 9 28.73 -1.07 -18.20
CA ASP D 9 28.20 0.29 -18.30
C ASP D 9 29.26 1.30 -17.87
N PRO D 10 29.59 2.23 -18.76
CA PRO D 10 30.65 3.21 -18.44
C PRO D 10 30.33 4.11 -17.26
N GLY D 11 29.07 4.16 -16.82
CA GLY D 11 28.67 5.13 -15.81
C GLY D 11 29.47 5.01 -14.53
N ASP D 12 29.56 3.79 -13.98
CA ASP D 12 30.29 3.60 -12.73
C ASP D 12 31.77 3.92 -12.89
N ASP D 13 32.34 3.60 -14.06
CA ASP D 13 33.73 3.95 -14.32
C ASP D 13 33.93 5.46 -14.30
N TRP D 14 33.07 6.19 -15.01
CA TRP D 14 33.18 7.64 -14.96
C TRP D 14 32.96 8.17 -13.56
N LEU D 15 32.11 7.50 -12.77
CA LEU D 15 31.89 7.93 -11.40
C LEU D 15 33.15 7.74 -10.56
N VAL D 16 33.87 6.63 -10.76
CA VAL D 16 35.08 6.44 -9.97
C VAL D 16 36.19 7.38 -10.43
N GLU D 17 36.15 7.81 -11.70
CA GLU D 17 37.04 8.90 -12.10
C GLU D 17 36.65 10.21 -11.41
N SER D 18 35.36 10.50 -11.36
CA SER D 18 34.89 11.72 -10.72
C SER D 18 35.25 11.75 -9.24
N LEU D 19 35.25 10.58 -8.60
CA LEU D 19 35.61 10.48 -7.19
C LEU D 19 36.94 11.15 -6.91
N ARG D 20 37.86 11.11 -7.88
CA ARG D 20 39.13 11.82 -7.79
C ARG D 20 39.07 13.20 -8.42
N LEU D 21 38.24 13.40 -9.44
CA LEU D 21 38.25 14.65 -10.19
C LEU D 21 37.54 15.78 -9.44
N TYR D 22 36.25 15.63 -9.18
CA TYR D 22 35.48 16.73 -8.64
C TYR D 22 35.55 16.77 -7.12
N GLN D 23 34.92 17.80 -6.55
CA GLN D 23 34.75 17.94 -5.11
C GLN D 23 33.28 17.85 -4.72
N ASP D 24 32.44 18.71 -5.29
CA ASP D 24 31.00 18.61 -5.23
C ASP D 24 30.46 18.32 -6.62
N PHE D 25 29.27 17.72 -6.67
CA PHE D 25 28.66 17.41 -7.95
C PHE D 25 27.18 17.16 -7.74
N TYR D 26 26.33 17.99 -8.36
CA TYR D 26 24.90 17.78 -8.34
C TYR D 26 24.40 17.78 -9.77
N ALA D 27 23.57 16.82 -10.13
CA ALA D 27 23.10 16.62 -11.50
C ALA D 27 21.56 16.62 -11.51
N PHE D 28 20.98 17.80 -11.64
CA PHE D 28 19.53 17.92 -11.67
C PHE D 28 19.01 17.75 -13.09
N ASP D 29 17.77 17.29 -13.19
CA ASP D 29 17.10 17.05 -14.47
C ASP D 29 15.90 18.00 -14.51
N LEU D 30 16.06 19.12 -15.20
CA LEU D 30 15.01 20.14 -15.24
C LEU D 30 13.80 19.64 -16.02
N SER D 31 12.75 20.46 -16.00
CA SER D 31 11.53 20.11 -16.72
C SER D 31 11.71 20.33 -18.22
N GLY D 32 12.24 21.49 -18.61
CA GLY D 32 12.44 21.80 -20.01
C GLY D 32 13.80 22.41 -20.23
N ALA D 33 14.26 22.34 -21.48
CA ALA D 33 15.58 22.83 -21.84
C ALA D 33 15.65 24.34 -21.63
N THR D 34 16.59 24.78 -20.80
CA THR D 34 16.83 26.19 -20.56
C THR D 34 18.07 26.65 -21.32
N ARG D 35 18.09 27.94 -21.67
CA ARG D 35 19.29 28.54 -22.25
C ARG D 35 19.53 29.94 -21.71
N VAL D 36 19.16 30.18 -20.46
CA VAL D 36 19.34 31.50 -19.85
C VAL D 36 19.54 31.30 -18.35
N LEU D 37 20.56 31.95 -17.80
CA LEU D 37 20.86 31.88 -16.37
C LEU D 37 21.27 33.26 -15.87
N GLU D 38 20.73 33.66 -14.72
CA GLU D 38 21.19 34.87 -14.05
C GLU D 38 20.71 34.85 -12.62
N TRP D 39 21.64 35.01 -11.68
CA TRP D 39 21.31 34.99 -10.26
C TRP D 39 20.55 36.24 -9.87
N ILE D 40 19.43 36.07 -9.16
CA ILE D 40 18.85 37.21 -8.45
C ILE D 40 19.78 37.62 -7.32
N ASP D 41 20.42 36.65 -6.68
CA ASP D 41 21.45 36.82 -5.67
C ASP D 41 22.08 35.44 -5.46
N ASP D 42 22.88 35.30 -4.41
CA ASP D 42 23.54 34.03 -4.12
C ASP D 42 22.66 33.09 -3.29
N LYS D 43 21.33 33.25 -3.37
CA LYS D 43 20.40 32.32 -2.75
C LYS D 43 19.51 31.59 -3.74
N GLY D 44 19.51 31.98 -5.01
CA GLY D 44 18.66 31.34 -6.00
C GLY D 44 19.06 31.76 -7.39
N VAL D 45 18.52 31.04 -8.38
CA VAL D 45 18.84 31.26 -9.77
C VAL D 45 17.54 31.26 -10.58
N PHE D 46 17.57 31.97 -11.71
CA PHE D 46 16.45 32.00 -12.65
C PHE D 46 16.74 31.11 -13.85
N VAL D 47 15.70 30.42 -14.33
CA VAL D 47 15.76 29.65 -15.56
C VAL D 47 14.45 29.84 -16.31
N ALA D 48 14.45 29.46 -17.58
CA ALA D 48 13.26 29.62 -18.41
C ALA D 48 13.41 28.75 -19.65
N GLY D 49 12.42 27.88 -19.89
CA GLY D 49 12.43 27.10 -21.10
C GLY D 49 12.46 27.95 -22.35
N TYR D 50 12.88 27.34 -23.45
CA TYR D 50 12.98 28.04 -24.73
C TYR D 50 12.26 27.31 -25.86
N GLU D 51 11.48 26.28 -25.55
CA GLU D 51 10.72 25.58 -26.58
C GLU D 51 9.75 26.53 -27.26
N SER D 52 9.46 26.27 -28.54
CA SER D 52 8.68 27.19 -29.35
C SER D 52 7.19 26.90 -29.33
N LEU D 53 6.79 25.64 -29.47
CA LEU D 53 5.39 25.30 -29.67
C LEU D 53 4.58 25.28 -28.38
N LYS D 54 5.24 25.30 -27.23
CA LYS D 54 4.54 25.24 -25.95
C LYS D 54 4.87 26.46 -25.11
N LYS D 55 4.15 26.62 -24.01
CA LYS D 55 4.43 27.70 -23.07
C LYS D 55 5.80 27.51 -22.44
N ASN D 56 6.29 28.57 -21.81
CA ASN D 56 7.58 28.56 -21.15
C ASN D 56 7.41 29.01 -19.71
N GLU D 57 7.90 28.20 -18.77
CA GLU D 57 7.71 28.42 -17.35
C GLU D 57 9.00 29.01 -16.77
N ILE D 58 9.04 30.33 -16.69
CA ILE D 58 10.11 30.99 -15.96
C ILE D 58 10.05 30.52 -14.51
N LEU D 59 11.16 30.00 -14.02
CA LEU D 59 11.24 29.50 -12.66
C LEU D 59 12.38 30.18 -11.91
N HIS D 60 12.11 30.49 -10.65
CA HIS D 60 13.12 30.94 -9.70
C HIS D 60 13.30 29.82 -8.69
N LEU D 61 14.54 29.31 -8.58
CA LEU D 61 14.85 28.09 -7.86
C LEU D 61 15.87 28.39 -6.76
N LYS D 62 15.59 27.90 -5.56
CA LYS D 62 16.47 28.12 -4.43
C LYS D 62 17.70 27.23 -4.52
N LEU D 63 18.88 27.82 -4.34
CA LEU D 63 20.13 27.08 -4.39
C LEU D 63 20.14 26.02 -3.29
N PRO D 64 20.84 24.90 -3.49
CA PRO D 64 20.94 23.89 -2.42
C PRO D 64 21.62 24.47 -1.19
N LEU D 65 21.07 24.12 -0.02
CA LEU D 65 21.58 24.66 1.22
C LEU D 65 23.04 24.30 1.44
N ARG D 66 23.52 23.22 0.84
CA ARG D 66 24.88 22.76 1.08
C ARG D 66 25.90 23.73 0.48
N LEU D 67 25.65 24.21 -0.74
CA LEU D 67 26.65 24.98 -1.46
C LEU D 67 27.05 26.25 -0.72
N SER D 68 26.09 26.93 -0.07
CA SER D 68 26.36 28.22 0.54
C SER D 68 26.62 28.13 2.04
N VAL D 69 27.18 27.02 2.53
CA VAL D 69 27.53 26.92 3.93
C VAL D 69 28.72 27.82 4.23
N LYS D 70 28.78 28.30 5.47
CA LYS D 70 29.87 29.16 5.90
C LYS D 70 30.55 28.63 7.15
N GLY D 74 25.55 24.66 8.36
CA GLY D 74 26.00 23.42 8.97
C GLY D 74 25.94 22.24 8.01
N LEU D 75 25.42 21.12 8.49
CA LEU D 75 25.23 19.92 7.69
C LEU D 75 23.74 19.81 7.41
N PHE D 76 23.33 20.32 6.26
CA PHE D 76 21.93 20.60 5.98
C PHE D 76 21.23 19.35 5.45
N PRO D 77 19.94 19.18 5.79
CA PRO D 77 19.24 17.96 5.36
C PRO D 77 19.13 17.81 3.85
N GLU D 78 18.85 18.88 3.12
CA GLU D 78 18.55 18.79 1.71
C GLU D 78 19.72 19.26 0.85
N ARG D 79 19.79 18.73 -0.37
CA ARG D 79 20.85 19.05 -1.32
C ARG D 79 20.28 19.20 -2.72
N ASP D 80 19.16 19.92 -2.85
CA ASP D 80 18.49 20.02 -4.14
C ASP D 80 17.76 21.34 -4.29
N PHE D 81 17.58 21.74 -5.55
CA PHE D 81 16.81 22.94 -5.87
C PHE D 81 15.39 22.86 -5.35
N LYS D 82 14.90 23.98 -4.81
CA LYS D 82 13.51 24.16 -4.45
C LYS D 82 12.92 25.28 -5.30
N VAL D 83 11.69 25.09 -5.75
CA VAL D 83 11.05 26.05 -6.64
C VAL D 83 10.56 27.23 -5.83
N ARG D 84 11.15 28.40 -6.06
CA ARG D 84 10.80 29.60 -5.31
C ARG D 84 9.65 30.36 -5.93
N HIS D 85 9.66 30.54 -7.25
CA HIS D 85 8.62 31.34 -7.89
C HIS D 85 8.39 30.86 -9.32
N GLY D 86 7.13 30.72 -9.70
CA GLY D 86 6.80 30.30 -11.05
C GLY D 86 6.10 31.36 -11.88
N GLY D 87 6.23 31.27 -13.20
CA GLY D 87 5.50 32.15 -14.09
C GLY D 87 5.46 31.57 -15.48
N PHE D 88 4.39 31.90 -16.21
CA PHE D 88 4.18 31.35 -17.54
C PHE D 88 4.33 32.43 -18.60
N SER D 89 4.68 32.00 -19.81
CA SER D 89 4.72 32.89 -20.96
C SER D 89 4.48 32.08 -22.23
N ASP D 90 4.23 32.80 -23.33
CA ASP D 90 4.01 32.19 -24.63
C ASP D 90 5.16 32.41 -25.61
N ARG D 91 6.09 33.31 -25.29
CA ARG D 91 7.24 33.58 -26.14
C ARG D 91 8.46 32.86 -25.59
N SER D 92 9.32 32.39 -26.51
CA SER D 92 10.52 31.65 -26.11
C SER D 92 11.56 32.63 -25.62
N ILE D 93 11.81 32.64 -24.31
CA ILE D 93 12.73 33.60 -23.72
C ILE D 93 14.16 33.28 -24.16
N PHE D 94 14.92 34.31 -24.51
CA PHE D 94 16.30 34.15 -24.92
C PHE D 94 17.26 35.02 -24.11
N ASP D 95 16.76 35.84 -23.20
CA ASP D 95 17.62 36.63 -22.33
C ASP D 95 16.81 37.09 -21.12
N LEU D 96 17.53 37.54 -20.11
CA LEU D 96 16.93 37.88 -18.83
C LEU D 96 17.99 38.52 -17.96
N LYS D 97 17.56 39.32 -16.99
CA LYS D 97 18.46 40.05 -16.11
C LYS D 97 17.80 40.21 -14.75
N HIS D 98 18.36 41.09 -13.94
CA HIS D 98 17.79 41.44 -12.64
C HIS D 98 18.25 42.85 -12.28
N VAL D 99 17.31 43.68 -11.84
CA VAL D 99 17.60 45.04 -11.44
C VAL D 99 18.04 45.05 -9.98
N PRO D 100 19.16 45.70 -9.64
CA PRO D 100 19.63 45.68 -8.25
C PRO D 100 18.59 46.26 -7.29
N HIS D 101 18.41 45.56 -6.16
CA HIS D 101 17.58 45.99 -5.04
C HIS D 101 16.08 45.88 -5.34
N THR D 102 15.71 45.51 -6.56
CA THR D 102 14.31 45.44 -6.95
C THR D 102 13.87 43.99 -7.10
N ARG D 103 12.58 43.83 -7.42
CA ARG D 103 11.95 42.56 -7.71
C ARG D 103 11.44 42.54 -9.14
N LEU D 104 12.23 43.04 -10.07
CA LEU D 104 11.77 43.35 -11.42
C LEU D 104 12.74 42.77 -12.43
N LEU D 105 12.23 41.92 -13.32
CA LEU D 105 13.04 41.25 -14.33
C LEU D 105 12.65 41.76 -15.71
N VAL D 106 13.62 42.33 -16.42
CA VAL D 106 13.43 42.67 -17.83
C VAL D 106 13.87 41.48 -18.66
N THR D 107 13.04 41.07 -19.61
CA THR D 107 13.26 39.87 -20.39
C THR D 107 13.07 40.18 -21.87
N SER D 108 13.37 39.18 -22.71
CA SER D 108 13.17 39.28 -24.15
C SER D 108 13.21 37.89 -24.73
N GLY D 109 12.67 37.75 -25.93
CA GLY D 109 12.65 36.45 -26.57
C GLY D 109 11.95 36.52 -27.91
N LEU D 110 11.90 35.36 -28.55
CA LEU D 110 11.30 35.20 -29.86
C LEU D 110 10.00 34.44 -29.76
N PRO D 111 8.89 34.98 -30.29
CA PRO D 111 8.82 36.31 -30.91
C PRO D 111 8.50 37.40 -29.91
N GLY D 112 8.05 38.55 -30.39
CA GLY D 112 7.63 39.63 -29.52
C GLY D 112 8.47 40.89 -29.64
N CYS D 113 7.91 41.94 -30.22
CA CYS D 113 8.63 43.20 -30.40
C CYS D 113 8.45 44.10 -29.18
N TYR D 114 8.73 43.53 -28.01
CA TYR D 114 8.57 44.24 -26.74
C TYR D 114 9.23 43.47 -25.61
N LEU D 115 10.04 44.17 -24.82
CA LEU D 115 10.73 43.56 -23.69
C LEU D 115 9.77 43.49 -22.51
N GLN D 116 9.38 42.27 -22.13
CA GLN D 116 8.51 42.08 -21.00
C GLN D 116 9.23 42.48 -19.71
N VAL D 117 8.46 42.90 -18.70
CA VAL D 117 8.99 43.27 -17.41
C VAL D 117 8.09 42.63 -16.36
N TRP D 118 8.65 41.67 -15.61
CA TRP D 118 7.92 40.85 -14.64
C TRP D 118 8.21 41.32 -13.23
N GLN D 119 7.16 41.35 -12.40
CA GLN D 119 7.28 41.66 -10.98
C GLN D 119 7.22 40.37 -10.18
N VAL D 120 8.15 40.20 -9.26
CA VAL D 120 8.19 39.01 -8.41
C VAL D 120 7.16 39.17 -7.30
N ALA D 121 6.31 38.16 -7.13
CA ALA D 121 5.33 38.19 -6.06
C ALA D 121 6.02 38.12 -4.69
N GLU D 122 5.23 38.36 -3.65
CA GLU D 122 5.75 38.38 -2.28
C GLU D 122 5.12 37.32 -1.38
N ASP D 123 3.79 37.21 -1.39
CA ASP D 123 3.08 36.29 -0.50
C ASP D 123 2.58 35.05 -1.24
N SER D 124 3.13 34.77 -2.41
CA SER D 124 2.78 33.58 -3.16
C SER D 124 3.97 33.19 -4.03
N ASP D 125 3.87 32.02 -4.67
CA ASP D 125 4.94 31.49 -5.51
C ASP D 125 4.63 31.65 -7.00
N VAL D 126 4.01 32.75 -7.39
CA VAL D 126 3.73 33.07 -8.79
C VAL D 126 4.57 34.27 -9.18
N ILE D 127 4.57 34.58 -10.48
CA ILE D 127 5.30 35.72 -11.04
C ILE D 127 4.39 36.38 -12.06
N LYS D 128 4.16 37.67 -11.89
CA LYS D 128 3.27 38.43 -12.76
C LYS D 128 4.07 39.25 -13.77
N ALA D 129 3.57 39.29 -15.00
CA ALA D 129 4.05 40.25 -15.98
C ALA D 129 3.37 41.59 -15.74
N VAL D 130 4.17 42.63 -15.53
CA VAL D 130 3.62 43.92 -15.10
C VAL D 130 3.82 45.02 -16.13
N SER D 131 4.81 44.95 -17.02
CA SER D 131 5.00 46.03 -17.99
C SER D 131 5.59 45.48 -19.27
N THR D 132 5.49 46.30 -20.33
CA THR D 132 6.15 46.02 -21.59
C THR D 132 6.96 47.24 -22.01
N ILE D 133 8.08 46.98 -22.69
CA ILE D 133 8.93 48.04 -23.23
C ILE D 133 8.84 47.95 -24.75
N ALA D 134 8.32 49.00 -25.38
CA ALA D 134 8.03 49.00 -26.81
C ALA D 134 9.24 49.47 -27.59
N VAL D 135 9.51 48.80 -28.71
CA VAL D 135 10.70 49.03 -29.52
C VAL D 135 10.28 49.15 -30.97
N HIS D 136 11.04 49.93 -31.75
CA HIS D 136 10.79 50.15 -33.17
C HIS D 136 11.29 48.95 -33.98
N GLU D 137 11.49 47.81 -33.32
CA GLU D 137 12.08 46.64 -33.95
C GLU D 137 11.23 46.12 -35.09
N LYS D 138 11.68 46.35 -36.32
CA LYS D 138 10.99 45.82 -37.49
C LYS D 138 11.52 44.44 -37.87
N GLU D 139 12.83 44.25 -37.79
CA GLU D 139 13.44 42.96 -38.07
C GLU D 139 13.42 42.15 -36.77
N GLU D 140 12.47 41.21 -36.68
CA GLU D 140 12.27 40.42 -35.48
C GLU D 140 12.91 39.04 -35.59
N SER D 141 13.49 38.71 -36.74
CA SER D 141 14.23 37.46 -36.89
C SER D 141 15.59 37.50 -36.21
N LEU D 142 15.99 38.65 -35.66
CA LEU D 142 17.22 38.79 -34.91
C LEU D 142 16.86 39.33 -33.53
N TRP D 143 17.13 38.54 -32.48
CA TRP D 143 16.56 39.15 -31.28
C TRP D 143 17.58 40.04 -30.59
N PRO D 144 17.12 41.14 -29.99
CA PRO D 144 18.04 42.11 -29.41
C PRO D 144 18.66 41.63 -28.11
N ARG D 145 19.78 42.27 -27.76
CA ARG D 145 20.36 42.09 -26.44
C ARG D 145 19.70 43.05 -25.45
N VAL D 146 19.68 42.65 -24.19
CA VAL D 146 19.06 43.41 -23.11
C VAL D 146 20.06 43.49 -21.96
N ALA D 147 19.98 44.58 -21.19
CA ALA D 147 20.79 44.66 -19.98
C ALA D 147 20.22 45.74 -19.07
N VAL D 148 20.45 45.56 -17.78
CA VAL D 148 20.06 46.55 -16.77
C VAL D 148 21.31 47.32 -16.35
N PHE D 149 21.09 48.43 -15.65
CA PHE D 149 22.16 49.20 -15.05
C PHE D 149 22.11 49.09 -13.52
N SER D 150 23.28 49.16 -12.91
CA SER D 150 23.42 49.24 -11.46
C SER D 150 23.56 50.70 -11.02
N THR D 151 22.57 51.50 -11.39
CA THR D 151 22.61 52.94 -11.23
C THR D 151 21.62 53.39 -10.17
N LEU D 152 21.69 54.68 -9.82
CA LEU D 152 20.71 55.26 -8.91
C LEU D 152 19.30 55.17 -9.50
N ALA D 153 19.17 55.34 -10.81
CA ALA D 153 17.91 55.16 -11.50
C ALA D 153 18.04 53.95 -12.42
N PRO D 154 17.21 52.91 -12.27
CA PRO D 154 17.39 51.71 -13.08
C PRO D 154 17.32 51.99 -14.57
N GLY D 155 18.43 51.80 -15.26
CA GLY D 155 18.51 52.12 -16.67
C GLY D 155 18.64 50.92 -17.58
N VAL D 156 17.55 50.58 -18.28
CA VAL D 156 17.61 49.57 -19.32
C VAL D 156 18.49 50.09 -20.45
N LEU D 157 19.43 49.25 -20.89
CA LEU D 157 20.25 49.52 -22.06
C LEU D 157 20.18 48.28 -22.94
N HIS D 158 19.81 48.45 -24.20
CA HIS D 158 19.48 47.27 -24.99
C HIS D 158 19.54 47.63 -26.48
N GLY D 159 19.25 46.65 -27.30
CA GLY D 159 19.12 46.84 -28.74
C GLY D 159 19.63 45.64 -29.51
N ALA D 160 19.19 45.57 -30.77
CA ALA D 160 19.64 44.53 -31.68
C ALA D 160 20.73 45.00 -32.63
N ARG D 161 20.65 46.25 -33.09
CA ARG D 161 21.67 46.85 -33.94
C ARG D 161 22.28 48.03 -33.20
N LEU D 162 23.42 48.51 -33.72
CA LEU D 162 24.10 49.62 -33.06
C LEU D 162 23.20 50.84 -32.95
N ARG D 163 22.43 51.13 -34.01
CA ARG D 163 21.44 52.20 -33.95
C ARG D 163 20.32 51.90 -32.96
N SER D 164 20.12 50.64 -32.60
CA SER D 164 19.09 50.26 -31.63
C SER D 164 19.61 50.20 -30.20
N LEU D 165 20.92 50.27 -30.00
CA LEU D 165 21.48 50.33 -28.65
C LEU D 165 21.08 51.66 -28.01
N GLN D 166 20.21 51.58 -27.02
CA GLN D 166 19.63 52.77 -26.41
C GLN D 166 19.55 52.56 -24.90
N VAL D 167 19.55 53.69 -24.19
CA VAL D 167 19.41 53.75 -22.74
C VAL D 167 18.08 54.43 -22.45
N VAL D 168 17.16 53.71 -21.82
CA VAL D 168 15.89 54.25 -21.36
C VAL D 168 15.73 53.87 -19.91
N ASP D 169 15.02 54.72 -19.15
CA ASP D 169 14.79 54.43 -17.76
C ASP D 169 13.66 53.41 -17.62
N LEU D 170 13.27 53.14 -16.37
CA LEU D 170 12.28 52.10 -16.11
C LEU D 170 10.85 52.60 -16.29
N GLU D 171 10.45 53.60 -15.50
CA GLU D 171 9.04 53.88 -15.32
C GLU D 171 8.47 54.75 -16.44
N SER D 172 9.00 55.96 -16.60
CA SER D 172 8.36 56.96 -17.44
C SER D 172 8.66 56.79 -18.94
N ARG D 173 9.20 55.64 -19.35
CA ARG D 173 9.43 55.30 -20.75
C ARG D 173 10.27 56.35 -21.48
N LYS D 174 10.97 57.20 -20.75
CA LYS D 174 11.71 58.32 -21.32
C LYS D 174 13.02 57.82 -21.91
N THR D 175 13.07 57.74 -23.25
CA THR D 175 14.31 57.35 -23.92
C THR D 175 15.39 58.40 -23.66
N THR D 176 16.41 58.04 -22.89
CA THR D 176 17.41 59.01 -22.46
C THR D 176 18.61 59.09 -23.40
N TYR D 177 18.94 58.02 -24.10
CA TYR D 177 20.17 58.04 -24.89
C TYR D 177 20.07 57.00 -26.00
N THR D 178 20.78 57.26 -27.10
CA THR D 178 20.82 56.32 -28.21
C THR D 178 22.04 56.63 -29.06
N SER D 179 22.61 55.59 -29.68
CA SER D 179 23.74 55.77 -30.59
C SER D 179 23.36 56.61 -31.80
N ASP D 180 22.23 56.28 -32.42
CA ASP D 180 21.76 56.95 -33.65
C ASP D 180 22.76 56.80 -34.79
N VAL D 181 23.55 55.74 -34.77
CA VAL D 181 24.50 55.45 -35.84
C VAL D 181 23.73 54.91 -37.03
N SER D 182 24.38 54.84 -38.19
CA SER D 182 23.73 54.46 -39.43
C SER D 182 23.80 52.97 -39.76
N ASP D 183 24.65 52.22 -39.07
CA ASP D 183 24.96 50.85 -39.49
C ASP D 183 23.73 49.95 -39.40
N SER D 184 23.76 48.87 -40.18
CA SER D 184 22.74 47.83 -40.16
C SER D 184 23.28 46.51 -39.62
N GLU D 185 24.20 46.58 -38.66
CA GLU D 185 24.88 45.38 -38.17
C GLU D 185 24.15 44.81 -36.96
N GLU D 186 24.01 43.48 -36.94
CA GLU D 186 23.44 42.77 -35.81
C GLU D 186 24.57 42.18 -34.97
N LEU D 187 24.84 42.82 -33.84
CA LEU D 187 25.93 42.41 -32.96
C LEU D 187 25.68 41.02 -32.41
N SER D 188 26.70 40.44 -31.77
CA SER D 188 26.58 39.14 -31.16
C SER D 188 26.91 39.10 -29.67
N SER D 189 27.22 40.25 -29.05
CA SER D 189 27.45 40.26 -27.61
C SER D 189 27.33 41.69 -27.10
N LEU D 190 26.80 41.84 -25.89
CA LEU D 190 26.70 43.13 -25.22
C LEU D 190 26.97 42.93 -23.73
N GLN D 191 27.51 43.97 -23.09
CA GLN D 191 27.84 43.85 -21.68
C GLN D 191 27.79 45.21 -21.01
N VAL D 192 27.04 45.30 -19.92
CA VAL D 192 27.13 46.42 -18.99
C VAL D 192 28.39 46.25 -18.14
N LEU D 193 29.24 47.26 -18.16
CA LEU D 193 30.47 47.24 -17.37
C LEU D 193 30.39 48.11 -16.14
N ASP D 194 29.98 49.36 -16.30
CA ASP D 194 29.82 50.27 -15.17
C ASP D 194 28.82 51.35 -15.55
N ALA D 195 28.48 52.18 -14.55
CA ALA D 195 27.48 53.22 -14.73
C ALA D 195 27.96 54.36 -15.62
N ASP D 196 29.16 54.28 -16.19
CA ASP D 196 29.68 55.33 -17.06
C ASP D 196 30.06 54.86 -18.45
N THR D 197 30.16 53.54 -18.67
CA THR D 197 30.54 53.01 -19.98
C THR D 197 30.22 51.52 -20.00
N PHE D 198 30.09 50.99 -21.22
CA PHE D 198 29.79 49.57 -21.41
C PHE D 198 30.53 49.10 -22.65
N ALA D 199 30.30 47.84 -23.05
CA ALA D 199 31.00 47.32 -24.21
C ALA D 199 30.11 46.35 -24.97
N PHE D 200 30.61 45.91 -26.11
CA PHE D 200 29.87 45.02 -26.99
C PHE D 200 30.83 44.40 -27.98
N CYS D 201 30.32 43.44 -28.74
CA CYS D 201 31.07 42.82 -29.82
C CYS D 201 30.10 42.45 -30.92
N CYS D 202 30.49 42.72 -32.16
CA CYS D 202 29.64 42.48 -33.31
C CYS D 202 29.56 40.98 -33.60
N ALA D 203 28.87 40.63 -34.68
CA ALA D 203 28.83 39.25 -35.13
C ALA D 203 30.00 38.89 -36.04
N SER D 204 30.89 39.84 -36.29
CA SER D 204 32.06 39.60 -37.12
C SER D 204 33.39 39.71 -36.37
N GLY D 205 33.35 40.00 -35.07
CA GLY D 205 34.54 40.21 -34.29
C GLY D 205 34.84 41.66 -33.97
N ARG D 206 33.99 42.58 -34.41
CA ARG D 206 34.19 44.01 -34.19
C ARG D 206 33.86 44.34 -32.74
N LEU D 207 34.87 44.26 -31.88
CA LEU D 207 34.68 44.63 -30.49
C LEU D 207 34.40 46.12 -30.36
N GLY D 208 34.05 46.55 -29.15
CA GLY D 208 33.90 47.97 -28.92
C GLY D 208 33.61 48.35 -27.49
N LEU D 209 34.35 49.34 -26.98
CA LEU D 209 34.12 49.93 -25.67
C LEU D 209 33.50 51.31 -25.88
N VAL D 210 32.26 51.49 -25.43
CA VAL D 210 31.49 52.69 -25.73
C VAL D 210 31.14 53.41 -24.43
N ASP D 211 31.00 54.73 -24.52
CA ASP D 211 30.74 55.62 -23.41
C ASP D 211 29.33 56.21 -23.53
N THR D 212 28.87 56.80 -22.42
CA THR D 212 27.53 57.36 -22.37
C THR D 212 27.47 58.84 -21.97
N ARG D 213 28.36 59.31 -21.09
CA ARG D 213 28.29 60.70 -20.66
C ARG D 213 28.60 61.67 -21.79
N GLN D 214 29.25 61.21 -22.84
CA GLN D 214 29.42 61.96 -24.08
C GLN D 214 28.57 61.29 -25.17
N LYS D 215 28.64 61.85 -26.38
CA LYS D 215 28.03 61.20 -27.52
C LYS D 215 28.71 59.85 -27.76
N TRP D 216 28.09 59.03 -28.59
CA TRP D 216 28.61 57.71 -28.93
C TRP D 216 30.08 57.82 -29.32
N ALA D 217 30.97 57.25 -28.51
CA ALA D 217 32.41 57.39 -28.69
C ALA D 217 33.01 55.99 -28.84
N PRO D 218 32.93 55.42 -30.04
CA PRO D 218 33.35 54.03 -30.24
C PRO D 218 34.86 53.88 -30.21
N LEU D 219 35.38 53.34 -29.11
CA LEU D 219 36.78 52.93 -29.02
C LEU D 219 36.79 51.44 -29.30
N GLU D 220 37.09 51.08 -30.55
CA GLU D 220 36.92 49.72 -31.04
C GLU D 220 38.22 49.19 -31.64
N ASN D 221 38.52 47.93 -31.37
CA ASN D 221 39.48 47.18 -32.14
C ASN D 221 38.78 46.61 -33.37
N ARG D 222 39.38 46.82 -34.54
CA ARG D 222 38.78 46.39 -35.80
C ARG D 222 39.17 44.95 -36.10
N SER D 223 38.24 44.20 -36.71
CA SER D 223 38.42 42.80 -37.01
C SER D 223 38.83 42.64 -38.46
N PRO D 224 40.14 42.52 -38.76
CA PRO D 224 40.60 42.41 -40.15
C PRO D 224 40.34 41.03 -40.75
N GLY D 230 32.55 34.08 -41.65
CA GLY D 230 31.56 34.76 -40.82
C GLY D 230 31.39 34.13 -39.45
N GLU D 231 32.39 33.34 -39.04
CA GLU D 231 32.37 32.69 -37.74
C GLU D 231 32.21 33.72 -36.62
N ARG D 232 31.17 33.56 -35.81
CA ARG D 232 30.84 34.58 -34.82
C ARG D 232 31.84 34.60 -33.68
N TRP D 233 32.13 35.80 -33.19
CA TRP D 233 33.07 36.02 -32.10
C TRP D 233 32.27 36.48 -30.88
N CYS D 234 32.11 35.58 -29.91
CA CYS D 234 31.49 35.95 -28.65
C CYS D 234 32.55 36.47 -27.69
N ALA D 235 32.25 37.55 -27.00
CA ALA D 235 33.24 38.27 -26.22
C ALA D 235 32.72 38.58 -24.83
N GLU D 236 33.67 38.89 -23.94
CA GLU D 236 33.38 39.30 -22.57
C GLU D 236 34.60 40.02 -22.02
N VAL D 237 34.35 41.08 -21.25
CA VAL D 237 35.42 41.84 -20.62
C VAL D 237 35.67 41.27 -19.24
N GLY D 238 36.93 41.29 -18.81
CA GLY D 238 37.33 40.70 -17.54
C GLY D 238 37.02 41.57 -16.34
N SER D 239 37.94 41.58 -15.38
CA SER D 239 37.71 42.31 -14.14
C SER D 239 37.92 43.80 -14.35
N TRP D 240 37.02 44.61 -13.79
CA TRP D 240 37.09 46.05 -13.86
C TRP D 240 37.50 46.62 -12.50
N GLY D 241 38.48 47.52 -12.51
CA GLY D 241 38.99 48.07 -11.27
C GLY D 241 40.19 47.34 -10.70
N GLN D 242 40.96 46.63 -11.53
CA GLN D 242 42.09 45.84 -11.06
C GLN D 242 43.43 46.48 -11.38
N GLY D 243 43.50 47.27 -12.45
CA GLY D 243 44.75 47.81 -12.91
C GLY D 243 45.18 47.19 -14.22
N PRO D 244 46.40 46.65 -14.25
CA PRO D 244 46.87 45.99 -15.48
C PRO D 244 46.22 44.63 -15.68
N GLY D 245 46.63 43.92 -16.72
CA GLY D 245 46.09 42.61 -17.01
C GLY D 245 45.09 42.61 -18.14
N PRO D 246 45.51 42.12 -19.31
CA PRO D 246 44.58 41.99 -20.44
C PRO D 246 43.32 41.24 -20.05
N SER D 247 42.16 41.86 -20.30
CA SER D 247 40.92 41.36 -19.73
C SER D 247 39.76 41.40 -20.73
N ILE D 248 40.03 41.15 -22.01
CA ILE D 248 38.98 41.03 -23.01
C ILE D 248 39.16 39.70 -23.74
N ALA D 249 38.19 38.80 -23.60
CA ALA D 249 38.23 37.50 -24.24
C ALA D 249 37.18 37.45 -25.34
N SER D 250 37.51 36.76 -26.44
CA SER D 250 36.60 36.63 -27.56
C SER D 250 36.97 35.39 -28.35
N LEU D 251 35.98 34.55 -28.62
CA LEU D 251 36.19 33.26 -29.25
C LEU D 251 35.32 33.13 -30.50
N GLY D 252 35.86 32.45 -31.51
CA GLY D 252 35.15 32.21 -32.75
C GLY D 252 34.75 30.75 -32.91
N SER D 253 34.03 30.49 -34.00
CA SER D 253 33.53 29.15 -34.30
C SER D 253 34.61 28.20 -34.79
N ASP D 254 35.84 28.66 -34.93
CA ASP D 254 36.94 27.82 -35.40
C ASP D 254 37.78 27.28 -34.25
N GLY D 255 37.45 27.63 -33.01
CA GLY D 255 38.33 27.38 -31.90
C GLY D 255 39.39 28.44 -31.71
N ARG D 256 39.32 29.54 -32.45
CA ARG D 256 40.27 30.64 -32.29
C ARG D 256 39.78 31.54 -31.16
N LEU D 257 40.51 31.55 -30.06
CA LEU D 257 40.25 32.48 -28.98
C LEU D 257 41.28 33.59 -29.01
N CYS D 258 40.91 34.74 -28.45
CA CYS D 258 41.75 35.92 -28.47
C CYS D 258 41.54 36.69 -27.18
N LEU D 259 42.64 37.15 -26.60
CA LEU D 259 42.63 38.01 -25.43
C LEU D 259 43.31 39.33 -25.78
N LEU D 260 42.65 40.42 -25.47
CA LEU D 260 43.16 41.76 -25.71
C LEU D 260 43.05 42.57 -24.43
N ASP D 261 43.76 43.68 -24.41
CA ASP D 261 43.90 44.55 -23.24
C ASP D 261 42.90 45.70 -23.31
N PRO D 262 42.43 46.17 -22.15
CA PRO D 262 41.54 47.34 -22.14
C PRO D 262 42.20 48.64 -22.55
N ARG D 263 43.37 48.97 -21.99
CA ARG D 263 43.94 50.30 -22.18
C ARG D 263 44.53 50.51 -23.57
N ASP D 264 45.11 49.48 -24.18
CA ASP D 264 45.53 49.53 -25.58
C ASP D 264 44.83 48.38 -26.31
N LEU D 265 43.71 48.68 -26.94
CA LEU D 265 42.86 47.65 -27.53
C LEU D 265 43.23 47.32 -28.96
N CYS D 266 43.96 48.19 -29.65
CA CYS D 266 44.31 47.93 -31.04
C CYS D 266 45.24 46.73 -31.18
N HIS D 267 46.25 46.64 -30.32
CA HIS D 267 47.25 45.59 -30.43
C HIS D 267 46.76 44.33 -29.73
N PRO D 268 46.65 43.20 -30.42
CA PRO D 268 46.28 41.95 -29.74
C PRO D 268 47.30 41.58 -28.68
N VAL D 269 46.87 40.73 -27.75
CA VAL D 269 47.70 40.30 -26.62
C VAL D 269 48.01 38.80 -26.71
N SER D 270 46.97 37.95 -26.69
CA SER D 270 47.15 36.50 -26.70
C SER D 270 46.09 35.88 -27.60
N SER D 271 46.44 35.65 -28.86
CA SER D 271 45.54 35.04 -29.83
C SER D 271 46.03 33.63 -30.13
N VAL D 272 45.22 32.64 -29.80
CA VAL D 272 45.62 31.23 -29.88
C VAL D 272 44.41 30.40 -30.29
N GLN D 273 44.63 29.10 -30.46
CA GLN D 273 43.59 28.14 -30.82
C GLN D 273 43.43 27.15 -29.67
N CYS D 274 42.24 27.11 -29.09
CA CYS D 274 41.96 26.12 -28.05
C CYS D 274 41.73 24.76 -28.71
N PRO D 275 42.39 23.71 -28.23
CA PRO D 275 42.35 22.42 -28.94
C PRO D 275 40.99 21.76 -28.87
N VAL D 276 39.99 22.37 -29.52
CA VAL D 276 38.64 21.84 -29.49
C VAL D 276 38.55 20.63 -30.41
N SER D 277 37.69 19.68 -30.04
CA SER D 277 37.50 18.47 -30.82
C SER D 277 36.84 18.72 -32.17
N VAL D 278 36.14 19.84 -32.33
CA VAL D 278 35.44 20.13 -33.58
C VAL D 278 35.03 21.59 -33.63
N PRO D 279 35.21 22.28 -34.76
CA PRO D 279 34.62 23.61 -34.91
C PRO D 279 33.13 23.57 -34.64
N SER D 280 32.68 24.45 -33.75
CA SER D 280 31.31 24.41 -33.26
C SER D 280 30.32 24.41 -34.42
N PRO D 281 29.26 23.61 -34.35
CA PRO D 281 28.29 23.60 -35.45
C PRO D 281 27.51 24.90 -35.56
N ASP D 282 27.06 25.45 -34.45
CA ASP D 282 26.32 26.71 -34.43
C ASP D 282 27.06 27.69 -33.52
N PRO D 283 27.61 28.77 -34.06
CA PRO D 283 28.26 29.78 -33.20
C PRO D 283 27.29 30.53 -32.30
N GLU D 284 25.99 30.25 -32.39
CA GLU D 284 25.01 30.84 -31.49
C GLU D 284 25.02 30.17 -30.13
N LEU D 285 25.63 28.99 -30.00
CA LEU D 285 25.76 28.29 -28.73
C LEU D 285 27.19 28.36 -28.18
N LEU D 286 27.92 29.43 -28.48
CA LEU D 286 29.28 29.62 -28.01
C LEU D 286 29.28 30.63 -26.87
N ARG D 287 30.13 30.41 -25.88
CA ARG D 287 30.20 31.34 -24.76
C ARG D 287 31.56 31.25 -24.08
N VAL D 288 31.99 32.38 -23.51
CA VAL D 288 33.21 32.49 -22.74
C VAL D 288 32.95 33.39 -21.54
N THR D 289 33.60 33.09 -20.41
CA THR D 289 33.41 33.85 -19.19
C THR D 289 34.74 33.95 -18.44
N TRP D 290 34.78 34.84 -17.46
CA TRP D 290 35.95 35.02 -16.60
C TRP D 290 35.64 34.51 -15.20
N ALA D 291 36.71 34.24 -14.44
CA ALA D 291 36.57 33.76 -13.07
C ALA D 291 36.49 34.96 -12.13
N PRO D 292 35.31 35.29 -11.59
CA PRO D 292 35.18 36.48 -10.76
C PRO D 292 35.75 36.33 -9.34
N GLY D 293 36.35 35.18 -9.03
CA GLY D 293 36.92 34.98 -7.71
C GLY D 293 38.42 34.79 -7.76
N LEU D 294 38.93 34.31 -8.89
CA LEU D 294 40.34 34.10 -9.11
C LEU D 294 40.86 35.11 -10.13
N LYS D 295 42.14 34.96 -10.48
CA LYS D 295 42.83 35.92 -11.33
C LYS D 295 43.20 35.26 -12.66
N ASN D 296 42.83 35.91 -13.76
CA ASN D 296 43.21 35.50 -15.11
C ASN D 296 42.78 34.08 -15.47
N CYS D 297 41.79 33.54 -14.74
CA CYS D 297 41.22 32.24 -15.08
C CYS D 297 39.97 32.46 -15.92
N LEU D 298 39.91 31.81 -17.08
CA LEU D 298 38.82 32.02 -18.02
C LEU D 298 38.28 30.69 -18.53
N ALA D 299 36.97 30.64 -18.72
CA ALA D 299 36.27 29.43 -19.12
C ALA D 299 35.65 29.59 -20.50
N ILE D 300 35.67 28.51 -21.27
CA ILE D 300 35.07 28.47 -22.60
C ILE D 300 34.10 27.30 -22.65
N SER D 301 33.09 27.43 -23.52
CA SER D 301 32.11 26.36 -23.63
C SER D 301 31.27 26.56 -24.88
N GLY D 302 30.76 25.45 -25.42
CA GLY D 302 29.74 25.51 -26.44
C GLY D 302 29.99 24.70 -27.69
N PHE D 303 30.98 23.82 -27.67
CA PHE D 303 31.35 23.06 -28.85
C PHE D 303 30.87 21.63 -28.84
N ASP D 304 30.80 21.00 -27.66
CA ASP D 304 30.40 19.61 -27.53
C ASP D 304 29.88 19.41 -26.11
N GLY D 305 29.76 18.16 -25.70
CA GLY D 305 29.23 17.84 -24.38
C GLY D 305 30.20 18.13 -23.24
N THR D 306 31.16 19.01 -23.48
CA THR D 306 32.17 19.33 -22.49
C THR D 306 32.20 20.84 -22.23
N VAL D 307 32.99 21.22 -21.24
CA VAL D 307 33.23 22.61 -20.87
C VAL D 307 34.68 22.70 -20.42
N GLN D 308 35.37 23.78 -20.80
CA GLN D 308 36.80 23.86 -20.53
C GLN D 308 37.13 25.12 -19.73
N VAL D 309 38.22 25.04 -18.97
CA VAL D 309 38.67 26.14 -18.13
C VAL D 309 40.19 26.21 -18.22
N TYR D 310 40.72 27.43 -18.42
CA TYR D 310 42.15 27.68 -18.54
C TYR D 310 42.56 28.81 -17.61
N ASP D 311 43.88 29.01 -17.50
CA ASP D 311 44.47 30.18 -16.88
C ASP D 311 45.33 30.89 -17.92
N ALA D 312 45.33 32.22 -17.86
CA ALA D 312 45.87 33.03 -18.95
C ALA D 312 47.37 33.30 -18.81
N THR D 313 47.80 33.85 -17.66
CA THR D 313 49.15 34.35 -17.52
C THR D 313 50.23 33.32 -17.82
N SER D 314 49.88 32.03 -17.87
CA SER D 314 50.85 30.97 -18.14
C SER D 314 50.99 30.66 -19.63
N TRP D 315 50.71 31.64 -20.50
CA TRP D 315 50.83 31.45 -21.94
C TRP D 315 51.85 32.36 -22.61
N ASP D 316 52.26 33.45 -21.96
CA ASP D 316 53.18 34.39 -22.58
C ASP D 316 54.58 33.78 -22.76
N GLN D 327 48.49 26.51 -29.22
CA GLN D 327 47.46 25.67 -28.63
C GLN D 327 47.92 25.13 -27.28
N VAL D 328 47.20 25.49 -26.22
CA VAL D 328 47.61 25.19 -24.86
C VAL D 328 46.74 24.08 -24.31
N GLU D 329 47.12 23.59 -23.12
CA GLU D 329 46.39 22.51 -22.47
C GLU D 329 45.21 23.06 -21.66
N PRO D 330 44.11 22.31 -21.60
CA PRO D 330 42.95 22.75 -20.80
C PRO D 330 43.13 22.41 -19.34
N LEU D 331 43.16 23.43 -18.49
CA LEU D 331 43.36 23.21 -17.06
C LEU D 331 42.29 22.29 -16.49
N PHE D 332 41.03 22.46 -16.90
CA PHE D 332 40.01 21.51 -16.51
C PHE D 332 39.00 21.29 -17.63
N THR D 333 38.58 20.03 -17.79
CA THR D 333 37.58 19.64 -18.77
C THR D 333 36.48 18.86 -18.06
N HIS D 334 35.23 19.27 -18.28
CA HIS D 334 34.07 18.58 -17.74
C HIS D 334 33.27 17.96 -18.86
N ARG D 335 32.90 16.68 -18.69
CA ARG D 335 32.23 15.92 -19.73
C ARG D 335 31.02 15.16 -19.20
N GLY D 336 30.39 15.68 -18.14
CA GLY D 336 29.36 14.91 -17.45
C GLY D 336 28.18 14.55 -18.33
N HIS D 337 27.80 15.45 -19.23
CA HIS D 337 26.57 15.27 -20.02
C HIS D 337 26.68 14.19 -21.08
N ILE D 338 27.80 13.47 -21.18
CA ILE D 338 27.96 12.48 -22.24
C ILE D 338 27.69 11.08 -21.72
N PHE D 339 27.87 10.87 -20.41
CA PHE D 339 27.81 9.54 -19.84
C PHE D 339 26.50 9.28 -19.10
N LEU D 340 26.10 10.18 -18.20
CA LEU D 340 24.92 9.92 -17.39
C LEU D 340 23.65 9.85 -18.23
N ASP D 341 23.48 10.80 -19.15
CA ASP D 341 22.30 10.84 -19.99
C ASP D 341 22.45 9.89 -21.18
N MET D 345 25.48 9.52 -26.22
CA MET D 345 25.49 8.67 -27.40
C MET D 345 24.58 9.23 -28.48
N ASP D 346 23.41 9.71 -28.06
CA ASP D 346 22.43 10.29 -28.97
C ASP D 346 22.99 11.57 -29.59
N PRO D 347 22.25 12.19 -30.56
CA PRO D 347 22.71 13.45 -31.15
C PRO D 347 23.31 14.43 -30.13
N ALA D 348 24.37 15.11 -30.55
CA ALA D 348 25.28 15.86 -29.69
C ALA D 348 24.55 16.74 -28.69
N PRO D 349 24.59 16.41 -27.40
CA PRO D 349 24.11 17.33 -26.38
C PRO D 349 25.19 18.36 -26.05
N LEU D 350 24.96 19.59 -26.49
CA LEU D 350 25.93 20.65 -26.28
C LEU D 350 25.53 21.50 -25.07
N VAL D 351 26.53 22.04 -24.40
CA VAL D 351 26.28 23.01 -23.33
C VAL D 351 25.68 24.26 -23.98
N THR D 352 24.40 24.49 -23.76
CA THR D 352 23.74 25.66 -24.33
C THR D 352 24.06 26.93 -23.56
N THR D 353 24.58 26.80 -22.35
CA THR D 353 25.04 27.93 -21.55
C THR D 353 25.76 27.40 -20.32
N HIS D 354 26.75 28.16 -19.89
CA HIS D 354 27.46 27.91 -18.64
C HIS D 354 27.45 29.19 -17.83
N THR D 355 27.80 29.07 -16.55
CA THR D 355 27.79 30.23 -15.67
C THR D 355 28.68 29.95 -14.47
N TRP D 356 29.43 30.97 -14.05
CA TRP D 356 30.26 30.86 -12.86
C TRP D 356 29.42 31.09 -11.61
N HIS D 357 30.08 30.99 -10.47
CA HIS D 357 29.50 31.36 -9.18
C HIS D 357 30.33 32.50 -8.62
N PRO D 358 29.72 33.58 -8.14
CA PRO D 358 30.52 34.75 -7.73
C PRO D 358 31.27 34.57 -6.42
N CYS D 359 30.95 33.56 -5.63
CA CYS D 359 31.55 33.37 -4.31
C CYS D 359 32.44 32.15 -4.22
N ARG D 360 31.92 30.96 -4.55
CA ARG D 360 32.77 29.78 -4.49
C ARG D 360 33.79 29.82 -5.62
N PRO D 361 35.07 29.59 -5.32
CA PRO D 361 36.12 29.85 -6.33
C PRO D 361 35.98 29.04 -7.61
N ARG D 362 35.58 27.76 -7.53
CA ARG D 362 35.78 26.86 -8.65
C ARG D 362 34.54 26.03 -8.94
N THR D 363 33.35 26.60 -8.77
CA THR D 363 32.12 25.91 -9.12
C THR D 363 31.51 26.51 -10.37
N LEU D 364 31.04 25.64 -11.26
CA LEU D 364 30.36 26.03 -12.49
C LEU D 364 28.96 25.44 -12.52
N LEU D 365 28.12 26.04 -13.34
CA LEU D 365 26.74 25.59 -13.56
C LEU D 365 26.51 25.54 -15.06
N SER D 366 26.26 24.35 -15.59
CA SER D 366 26.11 24.16 -17.03
C SER D 366 24.74 23.56 -17.35
N ALA D 367 24.09 24.11 -18.37
CA ALA D 367 22.76 23.67 -18.77
C ALA D 367 22.81 23.08 -20.17
N THR D 368 22.17 21.92 -20.35
CA THR D 368 22.25 21.20 -21.61
C THR D 368 20.92 21.21 -22.34
N ASN D 369 20.99 21.04 -23.66
CA ASN D 369 19.82 21.05 -24.50
C ASN D 369 18.90 19.85 -24.27
N ASP D 370 19.30 18.91 -23.42
CA ASP D 370 18.51 17.71 -23.14
C ASP D 370 17.90 17.75 -21.75
N ALA D 371 17.47 18.93 -21.31
CA ALA D 371 16.73 19.15 -20.07
C ALA D 371 17.54 18.81 -18.82
N SER D 372 18.85 19.01 -18.83
CA SER D 372 19.68 18.72 -17.68
C SER D 372 20.46 19.96 -17.23
N LEU D 373 20.85 19.96 -15.97
CA LEU D 373 21.60 21.07 -15.39
C LEU D 373 22.53 20.51 -14.32
N HIS D 374 23.82 20.79 -14.43
CA HIS D 374 24.79 20.29 -13.48
C HIS D 374 25.48 21.45 -12.77
N VAL D 375 25.72 21.28 -11.48
CA VAL D 375 26.51 22.23 -10.71
C VAL D 375 27.68 21.47 -10.08
N TRP D 376 28.91 21.86 -10.42
CA TRP D 376 30.05 21.06 -10.06
C TRP D 376 31.27 21.93 -9.75
N ASP D 377 32.04 21.51 -8.76
CA ASP D 377 33.32 22.09 -8.43
C ASP D 377 34.43 21.14 -8.89
N TRP D 378 35.66 21.65 -8.93
CA TRP D 378 36.80 20.86 -9.39
C TRP D 378 37.96 21.00 -8.41
N VAL D 379 38.77 19.95 -8.34
CA VAL D 379 39.84 19.87 -7.35
C VAL D 379 40.92 20.90 -7.67
N ASP D 380 41.47 21.51 -6.62
CA ASP D 380 42.56 22.47 -6.75
C ASP D 380 43.85 21.71 -7.10
N LEU D 381 43.90 21.22 -8.34
CA LEU D 381 44.99 20.37 -8.76
C LEU D 381 46.33 21.10 -8.74
N CYS D 382 46.32 22.41 -8.94
CA CYS D 382 47.55 23.19 -8.95
C CYS D 382 47.42 24.43 -8.07
#